data_1X3C
#
_entry.id   1X3C
#
loop_
_entity.id
_entity.type
_entity.pdbx_description
1 polymer 'Zinc finger protein 292'
2 non-polymer 'ZINC ION'
#
_entity_poly.entity_id   1
_entity_poly.type   'polypeptide(L)'
_entity_poly.pdbx_seq_one_letter_code
;GSSGSSGRKKPVSQSLEFPTRYSPYRPYRCVHQGCFAAFTIQQNLILHYQAVHKSDLPAFSAEVEEESGPSSG
;
_entity_poly.pdbx_strand_id   A
#
loop_
_chem_comp.id
_chem_comp.type
_chem_comp.name
_chem_comp.formula
ZN non-polymer 'ZINC ION' 'Zn 2'
#
# COMPACT_ATOMS: atom_id res chain seq x y z
N GLY A 1 -16.69 25.34 -53.08
CA GLY A 1 -16.20 23.98 -52.91
C GLY A 1 -16.78 23.30 -51.69
N SER A 2 -16.30 22.11 -51.39
CA SER A 2 -16.78 21.35 -50.24
C SER A 2 -15.83 20.20 -49.92
N SER A 3 -15.81 19.79 -48.65
CA SER A 3 -14.95 18.70 -48.21
C SER A 3 -15.36 18.21 -46.82
N GLY A 4 -14.83 17.06 -46.44
CA GLY A 4 -15.14 16.50 -45.13
C GLY A 4 -13.94 15.92 -44.43
N SER A 5 -14.16 15.24 -43.31
CA SER A 5 -13.08 14.64 -42.54
C SER A 5 -13.61 13.51 -41.66
N SER A 6 -12.74 12.55 -41.35
CA SER A 6 -13.11 11.42 -40.51
C SER A 6 -12.24 11.36 -39.26
N GLY A 7 -12.80 10.84 -38.18
CA GLY A 7 -12.06 10.73 -36.93
C GLY A 7 -12.74 9.81 -35.93
N ARG A 8 -11.94 9.08 -35.17
CA ARG A 8 -12.46 8.16 -34.17
C ARG A 8 -11.38 7.73 -33.19
N LYS A 9 -11.79 7.07 -32.11
CA LYS A 9 -10.85 6.61 -31.09
C LYS A 9 -11.48 5.53 -30.23
N LYS A 10 -11.02 4.29 -30.40
CA LYS A 10 -11.53 3.16 -29.64
C LYS A 10 -11.04 3.22 -28.20
N PRO A 11 -11.89 2.76 -27.27
CA PRO A 11 -11.56 2.75 -25.83
C PRO A 11 -10.48 1.72 -25.50
N VAL A 12 -10.04 1.73 -24.24
CA VAL A 12 -9.00 0.80 -23.80
C VAL A 12 -9.57 -0.18 -22.78
N SER A 13 -9.28 -1.46 -22.99
CA SER A 13 -9.75 -2.51 -22.08
C SER A 13 -8.75 -2.75 -20.95
N GLN A 14 -8.90 -1.98 -19.88
CA GLN A 14 -8.01 -2.11 -18.73
C GLN A 14 -8.48 -3.21 -17.79
N SER A 15 -7.68 -4.27 -17.68
CA SER A 15 -8.02 -5.39 -16.81
C SER A 15 -7.21 -5.36 -15.52
N LEU A 16 -7.55 -6.24 -14.59
CA LEU A 16 -6.85 -6.32 -13.32
C LEU A 16 -5.87 -7.49 -13.29
N GLU A 17 -4.90 -7.42 -12.39
CA GLU A 17 -3.91 -8.48 -12.25
C GLU A 17 -4.00 -9.15 -10.88
N PHE A 18 -4.48 -8.41 -9.90
CA PHE A 18 -4.61 -8.93 -8.55
C PHE A 18 -4.97 -10.40 -8.56
N PRO A 19 -4.23 -11.21 -7.78
CA PRO A 19 -4.46 -12.65 -7.69
C PRO A 19 -5.76 -12.99 -6.97
N THR A 20 -5.97 -12.37 -5.81
CA THR A 20 -7.17 -12.62 -5.03
C THR A 20 -7.77 -11.31 -4.52
N ARG A 21 -9.09 -11.19 -4.60
CA ARG A 21 -9.79 -9.99 -4.14
C ARG A 21 -9.25 -9.54 -2.79
N TYR A 22 -8.77 -10.49 -1.99
CA TYR A 22 -8.24 -10.19 -0.68
C TYR A 22 -7.17 -11.20 -0.27
N SER A 23 -6.12 -10.71 0.39
CA SER A 23 -5.03 -11.57 0.81
C SER A 23 -5.20 -11.97 2.28
N PRO A 24 -5.02 -13.27 2.57
CA PRO A 24 -5.16 -13.82 3.92
C PRO A 24 -4.03 -13.35 4.84
N TYR A 25 -2.81 -13.36 4.32
CA TYR A 25 -1.65 -12.95 5.10
C TYR A 25 -1.15 -11.58 4.66
N ARG A 26 -0.63 -10.81 5.61
CA ARG A 26 -0.13 -9.47 5.32
C ARG A 26 1.31 -9.32 5.80
N PRO A 27 2.22 -8.97 4.88
CA PRO A 27 3.64 -8.78 5.20
C PRO A 27 3.89 -7.54 6.04
N TYR A 28 2.96 -6.59 5.98
CA TYR A 28 3.07 -5.35 6.73
C TYR A 28 2.27 -5.43 8.04
N ARG A 29 2.97 -5.35 9.16
CA ARG A 29 2.33 -5.41 10.47
C ARG A 29 2.87 -4.31 11.39
N CYS A 30 1.96 -3.56 12.01
CA CYS A 30 2.35 -2.49 12.92
C CYS A 30 3.39 -2.98 13.93
N VAL A 31 4.46 -2.21 14.09
CA VAL A 31 5.52 -2.57 15.03
C VAL A 31 5.15 -2.19 16.45
N HIS A 32 4.42 -1.10 16.60
CA HIS A 32 3.99 -0.62 17.91
C HIS A 32 3.62 -1.80 18.82
N GLN A 33 4.38 -1.98 19.88
CA GLN A 33 4.13 -3.06 20.83
C GLN A 33 2.74 -2.95 21.44
N GLY A 34 1.77 -3.59 20.81
CA GLY A 34 0.41 -3.55 21.31
C GLY A 34 -0.56 -3.02 20.28
N CYS A 35 -0.38 -3.41 19.03
CA CYS A 35 -1.26 -2.97 17.94
C CYS A 35 -1.52 -4.10 16.97
N PHE A 36 -2.77 -4.58 16.94
CA PHE A 36 -3.15 -5.67 16.05
C PHE A 36 -3.72 -5.12 14.75
N ALA A 37 -2.85 -4.55 13.93
CA ALA A 37 -3.27 -3.98 12.64
C ALA A 37 -2.25 -4.30 11.55
N ALA A 38 -2.71 -4.26 10.30
CA ALA A 38 -1.85 -4.54 9.17
C ALA A 38 -2.54 -4.21 7.85
N PHE A 39 -1.75 -3.94 6.82
CA PHE A 39 -2.29 -3.60 5.50
C PHE A 39 -1.40 -4.16 4.39
N THR A 40 -1.99 -4.98 3.53
CA THR A 40 -1.26 -5.59 2.43
C THR A 40 -0.44 -4.55 1.67
N ILE A 41 -1.08 -3.41 1.37
CA ILE A 41 -0.41 -2.34 0.65
C ILE A 41 0.37 -1.44 1.60
N GLN A 42 1.61 -1.13 1.23
CA GLN A 42 2.46 -0.27 2.05
C GLN A 42 1.80 1.08 2.28
N GLN A 43 1.10 1.58 1.27
CA GLN A 43 0.42 2.87 1.36
C GLN A 43 -0.68 2.83 2.41
N ASN A 44 -1.64 1.94 2.22
CA ASN A 44 -2.76 1.81 3.15
C ASN A 44 -2.25 1.61 4.57
N LEU A 45 -0.97 1.27 4.71
CA LEU A 45 -0.37 1.05 6.01
C LEU A 45 0.12 2.37 6.61
N ILE A 46 0.45 3.32 5.75
CA ILE A 46 0.92 4.62 6.19
C ILE A 46 -0.15 5.35 6.99
N LEU A 47 -1.27 5.62 6.34
CA LEU A 47 -2.39 6.33 6.99
C LEU A 47 -2.70 5.69 8.34
N HIS A 48 -2.72 4.36 8.39
CA HIS A 48 -3.02 3.64 9.61
C HIS A 48 -2.30 4.28 10.80
N TYR A 49 -1.04 4.63 10.61
CA TYR A 49 -0.24 5.25 11.66
C TYR A 49 -0.71 6.68 11.93
N GLN A 50 -1.26 7.31 10.90
CA GLN A 50 -1.75 8.69 11.01
C GLN A 50 -3.21 8.70 11.45
N ALA A 51 -3.87 7.56 11.36
CA ALA A 51 -5.27 7.44 11.74
C ALA A 51 -5.41 6.85 13.14
N VAL A 52 -4.37 6.13 13.59
CA VAL A 52 -4.39 5.52 14.90
C VAL A 52 -3.49 6.28 15.88
N HIS A 53 -2.24 6.46 15.49
CA HIS A 53 -1.28 7.18 16.33
C HIS A 53 -0.96 8.54 15.74
N LYS A 54 -1.80 9.00 14.82
CA LYS A 54 -1.60 10.29 14.17
C LYS A 54 -0.11 10.59 13.99
N SER A 55 0.60 9.65 13.40
CA SER A 55 2.03 9.81 13.17
C SER A 55 2.47 9.07 11.91
N ASP A 56 3.73 9.27 11.52
CA ASP A 56 4.27 8.62 10.33
C ASP A 56 5.24 7.50 10.72
N LEU A 57 5.31 6.48 9.88
CA LEU A 57 6.19 5.34 10.13
C LEU A 57 7.59 5.81 10.53
N PRO A 58 8.31 4.97 11.29
CA PRO A 58 9.66 5.28 11.75
C PRO A 58 10.67 5.28 10.61
N ALA A 59 11.95 5.39 10.96
CA ALA A 59 13.02 5.40 9.96
C ALA A 59 14.08 4.35 10.29
N PHE A 60 14.18 3.33 9.44
CA PHE A 60 15.14 2.26 9.63
C PHE A 60 15.99 2.05 8.37
N SER A 61 16.30 3.15 7.69
CA SER A 61 17.09 3.08 6.47
C SER A 61 17.62 4.47 6.09
N ALA A 62 18.38 4.52 5.01
CA ALA A 62 18.94 5.78 4.53
C ALA A 62 18.69 5.97 3.04
N GLU A 63 19.15 7.09 2.51
CA GLU A 63 18.99 7.39 1.09
C GLU A 63 19.60 6.29 0.22
N VAL A 64 18.83 5.25 -0.03
CA VAL A 64 19.29 4.12 -0.85
C VAL A 64 18.17 3.56 -1.68
N GLU A 65 18.46 3.27 -2.96
CA GLU A 65 17.47 2.72 -3.87
C GLU A 65 18.01 1.48 -4.57
N GLU A 66 18.61 0.58 -3.79
CA GLU A 66 19.17 -0.65 -4.35
C GLU A 66 18.49 -1.88 -3.76
N GLU A 67 18.74 -3.04 -4.36
CA GLU A 67 18.15 -4.28 -3.90
C GLU A 67 19.20 -5.16 -3.21
N SER A 68 20.19 -5.60 -3.98
CA SER A 68 21.25 -6.45 -3.46
C SER A 68 20.69 -7.45 -2.46
N GLY A 69 19.52 -8.00 -2.76
CA GLY A 69 18.90 -8.97 -1.87
C GLY A 69 19.46 -10.37 -2.05
N PRO A 70 19.21 -11.23 -1.06
CA PRO A 70 19.69 -12.62 -1.09
C PRO A 70 18.98 -13.46 -2.15
N SER A 71 19.51 -13.44 -3.37
CA SER A 71 18.91 -14.19 -4.47
C SER A 71 18.67 -15.65 -4.06
N SER A 72 17.81 -16.33 -4.81
CA SER A 72 17.49 -17.72 -4.53
C SER A 72 18.76 -18.55 -4.36
N GLY A 73 18.70 -19.53 -3.45
CA GLY A 73 19.86 -20.36 -3.22
C GLY A 73 20.80 -19.79 -2.18
ZN ZN B . -0.73 0.72 14.84
N GLY A 1 23.94 39.19 -14.16
CA GLY A 1 23.74 37.85 -14.69
C GLY A 1 22.27 37.48 -14.76
N SER A 2 21.98 36.33 -15.36
CA SER A 2 20.61 35.87 -15.51
C SER A 2 20.56 34.45 -16.08
N SER A 3 19.60 33.66 -15.63
CA SER A 3 19.45 32.29 -16.08
C SER A 3 18.09 31.72 -15.68
N GLY A 4 17.79 30.53 -16.18
CA GLY A 4 16.52 29.90 -15.86
C GLY A 4 16.26 28.66 -16.70
N SER A 5 15.58 27.68 -16.11
CA SER A 5 15.28 26.44 -16.80
C SER A 5 14.20 25.65 -16.06
N SER A 6 13.46 24.82 -16.80
CA SER A 6 12.40 24.01 -16.22
C SER A 6 12.09 22.81 -17.09
N GLY A 7 11.43 21.81 -16.50
CA GLY A 7 11.09 20.61 -17.24
C GLY A 7 10.41 19.57 -16.37
N ARG A 8 9.65 18.68 -17.01
CA ARG A 8 8.94 17.63 -16.29
C ARG A 8 8.35 16.61 -17.25
N LYS A 9 7.92 15.47 -16.72
CA LYS A 9 7.34 14.41 -17.54
C LYS A 9 6.03 13.91 -16.92
N LYS A 10 5.24 13.22 -17.72
CA LYS A 10 3.96 12.68 -17.26
C LYS A 10 4.02 11.16 -17.17
N PRO A 11 3.37 10.60 -16.13
CA PRO A 11 3.33 9.15 -15.91
C PRO A 11 2.48 8.44 -16.94
N VAL A 12 2.34 7.12 -16.79
CA VAL A 12 1.55 6.31 -17.71
C VAL A 12 1.29 4.93 -17.14
N SER A 13 0.01 4.60 -16.95
CA SER A 13 -0.38 3.30 -16.41
C SER A 13 0.00 2.18 -17.37
N GLN A 14 -0.14 0.94 -16.92
CA GLN A 14 0.19 -0.22 -17.73
C GLN A 14 -0.60 -1.45 -17.28
N SER A 15 -1.23 -2.13 -18.23
CA SER A 15 -2.02 -3.32 -17.92
C SER A 15 -1.16 -4.57 -17.95
N LEU A 16 -1.38 -5.47 -16.99
CA LEU A 16 -0.61 -6.70 -16.90
C LEU A 16 -1.50 -7.91 -17.21
N GLU A 17 -0.87 -9.07 -17.37
CA GLU A 17 -1.60 -10.30 -17.67
C GLU A 17 -2.96 -10.31 -16.98
N PHE A 18 -2.99 -9.82 -15.75
CA PHE A 18 -4.22 -9.77 -14.96
C PHE A 18 -4.32 -8.47 -14.18
N PRO A 19 -5.31 -7.64 -14.54
CA PRO A 19 -5.55 -6.35 -13.88
C PRO A 19 -6.05 -6.51 -12.46
N THR A 20 -6.62 -7.67 -12.16
CA THR A 20 -7.16 -7.95 -10.83
C THR A 20 -6.05 -8.45 -9.89
N ARG A 21 -6.10 -8.00 -8.64
CA ARG A 21 -5.12 -8.41 -7.65
C ARG A 21 -5.79 -8.97 -6.40
N TYR A 22 -5.04 -9.74 -5.63
CA TYR A 22 -5.56 -10.34 -4.41
C TYR A 22 -4.61 -10.15 -3.24
N SER A 23 -5.01 -10.61 -2.06
CA SER A 23 -4.19 -10.49 -0.87
C SER A 23 -3.83 -11.85 -0.30
N PRO A 24 -2.66 -12.37 -0.70
CA PRO A 24 -2.17 -13.67 -0.24
C PRO A 24 -1.78 -13.67 1.23
N TYR A 25 -1.12 -12.60 1.65
CA TYR A 25 -0.68 -12.47 3.04
C TYR A 25 -0.43 -11.01 3.40
N ARG A 26 -0.26 -10.75 4.69
CA ARG A 26 -0.02 -9.40 5.17
C ARG A 26 1.42 -9.23 5.63
N PRO A 27 2.31 -8.85 4.69
CA PRO A 27 3.73 -8.65 4.97
C PRO A 27 3.98 -7.43 5.85
N TYR A 28 3.03 -6.50 5.85
CA TYR A 28 3.15 -5.29 6.65
C TYR A 28 2.34 -5.38 7.93
N ARG A 29 3.03 -5.41 9.06
CA ARG A 29 2.36 -5.51 10.36
C ARG A 29 2.75 -4.33 11.25
N CYS A 30 1.80 -3.87 12.05
CA CYS A 30 2.04 -2.75 12.96
C CYS A 30 2.94 -3.18 14.12
N VAL A 31 4.08 -2.50 14.25
CA VAL A 31 5.03 -2.81 15.32
C VAL A 31 4.40 -2.55 16.69
N HIS A 32 3.39 -1.69 16.73
CA HIS A 32 2.72 -1.36 17.98
C HIS A 32 2.11 -2.60 18.61
N GLN A 33 2.85 -3.22 19.52
CA GLN A 33 2.38 -4.42 20.20
C GLN A 33 1.02 -4.18 20.85
N GLY A 34 -0.04 -4.37 20.07
CA GLY A 34 -1.39 -4.16 20.58
C GLY A 34 -2.26 -3.41 19.61
N CYS A 35 -2.05 -3.63 18.31
CA CYS A 35 -2.84 -2.96 17.28
C CYS A 35 -3.45 -3.98 16.33
N PHE A 36 -2.81 -5.14 16.20
CA PHE A 36 -3.30 -6.19 15.32
C PHE A 36 -3.83 -5.61 14.01
N ALA A 37 -3.00 -4.81 13.35
CA ALA A 37 -3.39 -4.19 12.08
C ALA A 37 -2.37 -4.50 10.99
N ALA A 38 -2.65 -5.52 10.20
CA ALA A 38 -1.76 -5.92 9.11
C ALA A 38 -2.44 -5.75 7.76
N PHE A 39 -1.80 -5.01 6.86
CA PHE A 39 -2.34 -4.77 5.53
C PHE A 39 -1.42 -5.35 4.46
N THR A 40 -1.86 -5.26 3.21
CA THR A 40 -1.09 -5.78 2.09
C THR A 40 -0.32 -4.66 1.39
N ILE A 41 -0.88 -3.45 1.41
CA ILE A 41 -0.25 -2.30 0.79
C ILE A 41 0.47 -1.45 1.81
N GLN A 42 1.68 -0.99 1.45
CA GLN A 42 2.47 -0.16 2.34
C GLN A 42 1.86 1.23 2.48
N GLN A 43 1.17 1.68 1.45
CA GLN A 43 0.54 3.00 1.45
C GLN A 43 -0.61 3.03 2.46
N ASN A 44 -1.58 2.15 2.28
CA ASN A 44 -2.73 2.10 3.18
C ASN A 44 -2.28 1.91 4.63
N LEU A 45 -1.01 1.57 4.81
CA LEU A 45 -0.46 1.37 6.15
C LEU A 45 0.02 2.69 6.74
N ILE A 46 0.43 3.61 5.88
CA ILE A 46 0.90 4.92 6.33
C ILE A 46 -0.19 5.68 7.07
N LEU A 47 -1.31 5.90 6.39
CA LEU A 47 -2.43 6.62 6.99
C LEU A 47 -2.83 6.00 8.32
N HIS A 48 -2.87 4.66 8.35
CA HIS A 48 -3.24 3.94 9.57
C HIS A 48 -2.48 4.49 10.78
N TYR A 49 -1.21 4.80 10.58
CA TYR A 49 -0.38 5.34 11.65
C TYR A 49 -0.70 6.80 11.91
N GLN A 50 -1.18 7.49 10.88
CA GLN A 50 -1.52 8.90 10.99
C GLN A 50 -2.98 9.08 11.40
N ALA A 51 -3.75 7.99 11.32
CA ALA A 51 -5.16 8.02 11.68
C ALA A 51 -5.37 7.46 13.09
N VAL A 52 -4.54 6.49 13.47
CA VAL A 52 -4.63 5.86 14.78
C VAL A 52 -3.65 6.48 15.76
N HIS A 53 -2.38 6.48 15.38
CA HIS A 53 -1.33 7.05 16.23
C HIS A 53 -0.94 8.44 15.76
N LYS A 54 -1.69 8.97 14.79
CA LYS A 54 -1.43 10.30 14.25
C LYS A 54 0.06 10.60 14.26
N SER A 55 0.87 9.60 13.90
CA SER A 55 2.31 9.76 13.87
C SER A 55 2.90 9.23 12.57
N ASP A 56 4.22 9.22 12.47
CA ASP A 56 4.91 8.73 11.28
C ASP A 56 5.43 7.32 11.49
N LEU A 57 5.93 6.72 10.43
CA LEU A 57 6.47 5.36 10.50
C LEU A 57 7.92 5.37 11.01
N PRO A 58 8.32 4.28 11.69
CA PRO A 58 9.67 4.14 12.24
C PRO A 58 10.72 3.97 11.14
N ALA A 59 10.31 3.37 10.04
CA ALA A 59 11.23 3.13 8.92
C ALA A 59 10.54 3.42 7.59
N PHE A 60 11.34 3.67 6.56
CA PHE A 60 10.82 3.97 5.23
C PHE A 60 11.38 2.99 4.20
N SER A 61 11.02 3.21 2.93
CA SER A 61 11.48 2.36 1.85
C SER A 61 11.27 3.04 0.49
N ALA A 62 11.83 2.44 -0.55
CA ALA A 62 11.69 2.98 -1.90
C ALA A 62 10.27 3.48 -2.15
N GLU A 63 10.11 4.28 -3.21
CA GLU A 63 8.80 4.82 -3.55
C GLU A 63 7.98 3.79 -4.32
N VAL A 64 7.97 2.55 -3.84
CA VAL A 64 7.22 1.49 -4.48
C VAL A 64 5.93 2.01 -5.10
N GLU A 65 5.74 1.73 -6.39
CA GLU A 65 4.55 2.17 -7.09
C GLU A 65 3.93 1.03 -7.88
N GLU A 66 3.13 0.21 -7.19
CA GLU A 66 2.47 -0.93 -7.82
C GLU A 66 1.76 -0.50 -9.10
N GLU A 67 1.89 -1.33 -10.14
CA GLU A 67 1.26 -1.03 -11.42
C GLU A 67 -0.09 -1.76 -11.54
N SER A 68 -1.16 -0.98 -11.57
CA SER A 68 -2.50 -1.54 -11.67
C SER A 68 -3.29 -0.86 -12.80
N GLY A 69 -4.39 -1.48 -13.20
CA GLY A 69 -5.21 -0.93 -14.27
C GLY A 69 -6.54 -1.65 -14.41
N PRO A 70 -7.63 -0.88 -14.47
CA PRO A 70 -8.98 -1.43 -14.61
C PRO A 70 -9.21 -2.05 -15.99
N SER A 71 -8.53 -1.52 -17.00
CA SER A 71 -8.66 -2.00 -18.37
C SER A 71 -8.67 -3.53 -18.39
N SER A 72 -9.07 -4.10 -19.52
CA SER A 72 -9.13 -5.55 -19.68
C SER A 72 -7.86 -6.07 -20.35
N GLY A 73 -7.27 -7.10 -19.76
CA GLY A 73 -6.06 -7.68 -20.31
C GLY A 73 -6.00 -9.18 -20.15
ZN ZN B . -1.25 0.52 14.45
N GLY A 1 -51.54 -30.82 -20.19
CA GLY A 1 -50.84 -29.80 -20.95
C GLY A 1 -50.09 -28.82 -20.07
N SER A 2 -48.77 -28.82 -20.16
CA SER A 2 -47.94 -27.92 -19.37
C SER A 2 -46.66 -27.55 -20.10
N SER A 3 -45.96 -26.56 -19.60
CA SER A 3 -44.72 -26.10 -20.21
C SER A 3 -43.90 -25.27 -19.23
N GLY A 4 -42.67 -24.93 -19.63
CA GLY A 4 -41.81 -24.14 -18.77
C GLY A 4 -40.34 -24.32 -19.12
N SER A 5 -39.53 -23.31 -18.80
CA SER A 5 -38.10 -23.35 -19.08
C SER A 5 -37.29 -22.77 -17.92
N SER A 6 -36.24 -23.48 -17.53
CA SER A 6 -35.39 -23.05 -16.44
C SER A 6 -34.16 -22.30 -16.96
N GLY A 7 -33.46 -22.92 -17.91
CA GLY A 7 -32.27 -22.31 -18.48
C GLY A 7 -31.11 -22.30 -17.50
N ARG A 8 -29.90 -22.45 -18.04
CA ARG A 8 -28.70 -22.45 -17.21
C ARG A 8 -27.62 -21.56 -17.82
N LYS A 9 -26.56 -21.32 -17.04
CA LYS A 9 -25.46 -20.48 -17.50
C LYS A 9 -24.15 -20.90 -16.84
N LYS A 10 -23.04 -20.51 -17.44
CA LYS A 10 -21.72 -20.85 -16.91
C LYS A 10 -20.79 -19.62 -16.97
N PRO A 11 -19.80 -19.60 -16.06
CA PRO A 11 -18.82 -18.51 -16.00
C PRO A 11 -17.87 -18.50 -17.18
N VAL A 12 -17.53 -17.30 -17.65
CA VAL A 12 -16.64 -17.16 -18.79
C VAL A 12 -15.18 -17.15 -18.34
N SER A 13 -14.32 -17.81 -19.12
CA SER A 13 -12.91 -17.88 -18.80
C SER A 13 -12.25 -16.50 -18.88
N GLN A 14 -11.64 -16.09 -17.77
CA GLN A 14 -10.98 -14.79 -17.71
C GLN A 14 -10.21 -14.63 -16.40
N SER A 15 -8.91 -14.37 -16.52
CA SER A 15 -8.06 -14.20 -15.34
C SER A 15 -7.88 -12.72 -15.01
N LEU A 16 -7.41 -12.44 -13.80
CA LEU A 16 -7.18 -11.07 -13.36
C LEU A 16 -5.78 -10.90 -12.80
N GLU A 17 -5.34 -9.65 -12.69
CA GLU A 17 -4.01 -9.35 -12.17
C GLU A 17 -3.81 -9.98 -10.79
N PHE A 18 -4.85 -9.92 -9.96
CA PHE A 18 -4.79 -10.47 -8.62
C PHE A 18 -5.10 -11.96 -8.63
N PRO A 19 -4.41 -12.72 -7.76
CA PRO A 19 -4.60 -14.17 -7.66
C PRO A 19 -5.95 -14.54 -7.05
N THR A 20 -6.28 -13.92 -5.92
CA THR A 20 -7.54 -14.19 -5.24
C THR A 20 -8.27 -12.89 -4.92
N ARG A 21 -9.44 -13.01 -4.32
CA ARG A 21 -10.24 -11.85 -3.96
C ARG A 21 -9.94 -11.41 -2.53
N TYR A 22 -9.23 -12.24 -1.79
CA TYR A 22 -8.86 -11.94 -0.42
C TYR A 22 -7.39 -12.23 -0.16
N SER A 23 -6.81 -11.52 0.80
CA SER A 23 -5.40 -11.70 1.15
C SER A 23 -5.26 -12.27 2.56
N PRO A 24 -5.10 -13.60 2.64
CA PRO A 24 -4.94 -14.30 3.92
C PRO A 24 -3.60 -14.00 4.59
N TYR A 25 -2.76 -13.25 3.89
CA TYR A 25 -1.44 -12.89 4.41
C TYR A 25 -1.23 -11.39 4.36
N ARG A 26 -0.27 -10.90 5.14
CA ARG A 26 0.03 -9.47 5.18
C ARG A 26 1.53 -9.25 5.36
N PRO A 27 2.19 -8.76 4.29
CA PRO A 27 3.62 -8.48 4.29
C PRO A 27 3.98 -7.29 5.18
N TYR A 28 2.97 -6.56 5.62
CA TYR A 28 3.18 -5.40 6.47
C TYR A 28 2.42 -5.55 7.79
N ARG A 29 3.18 -5.65 8.89
CA ARG A 29 2.59 -5.79 10.21
C ARG A 29 3.05 -4.68 11.13
N CYS A 30 2.10 -3.83 11.55
CA CYS A 30 2.40 -2.72 12.44
C CYS A 30 3.46 -3.12 13.47
N VAL A 31 4.22 -2.13 13.95
CA VAL A 31 5.26 -2.39 14.93
C VAL A 31 4.69 -2.37 16.35
N HIS A 32 3.63 -1.59 16.55
CA HIS A 32 2.99 -1.48 17.86
C HIS A 32 2.44 -2.84 18.30
N GLN A 33 3.28 -3.62 18.99
CA GLN A 33 2.87 -4.93 19.47
C GLN A 33 1.40 -4.93 19.87
N GLY A 34 1.04 -4.08 20.82
CA GLY A 34 -0.33 -4.00 21.27
C GLY A 34 -1.19 -3.12 20.40
N CYS A 35 -1.28 -3.49 19.12
CA CYS A 35 -2.08 -2.73 18.16
C CYS A 35 -3.02 -3.64 17.38
N PHE A 36 -2.49 -4.79 16.94
CA PHE A 36 -3.27 -5.75 16.18
C PHE A 36 -3.74 -5.15 14.86
N ALA A 37 -2.85 -4.41 14.20
CA ALA A 37 -3.16 -3.78 12.93
C ALA A 37 -2.22 -4.26 11.83
N ALA A 38 -2.69 -4.21 10.59
CA ALA A 38 -1.90 -4.65 9.45
C ALA A 38 -2.61 -4.35 8.13
N PHE A 39 -1.85 -4.32 7.04
CA PHE A 39 -2.41 -4.04 5.73
C PHE A 39 -1.59 -4.72 4.64
N THR A 40 -2.16 -4.81 3.44
CA THR A 40 -1.48 -5.43 2.32
C THR A 40 -0.55 -4.45 1.61
N ILE A 41 -1.09 -3.28 1.27
CA ILE A 41 -0.31 -2.25 0.60
C ILE A 41 0.47 -1.41 1.61
N GLN A 42 1.70 -1.07 1.25
CA GLN A 42 2.55 -0.25 2.12
C GLN A 42 1.93 1.11 2.36
N GLN A 43 1.29 1.66 1.34
CA GLN A 43 0.65 2.97 1.44
C GLN A 43 -0.51 2.94 2.44
N ASN A 44 -1.47 2.06 2.18
CA ASN A 44 -2.64 1.92 3.05
C ASN A 44 -2.21 1.71 4.50
N LEU A 45 -0.95 1.32 4.69
CA LEU A 45 -0.42 1.08 6.02
C LEU A 45 0.06 2.37 6.66
N ILE A 46 0.44 3.34 5.83
CA ILE A 46 0.92 4.63 6.32
C ILE A 46 -0.18 5.36 7.07
N LEU A 47 -1.25 5.71 6.37
CA LEU A 47 -2.37 6.42 6.98
C LEU A 47 -2.74 5.80 8.33
N HIS A 48 -2.82 4.47 8.37
CA HIS A 48 -3.15 3.76 9.59
C HIS A 48 -2.47 4.40 10.79
N TYR A 49 -1.19 4.73 10.63
CA TYR A 49 -0.43 5.33 11.71
C TYR A 49 -0.87 6.77 11.95
N GLN A 50 -1.30 7.44 10.89
CA GLN A 50 -1.76 8.82 10.99
C GLN A 50 -3.23 8.88 11.39
N ALA A 51 -3.90 7.74 11.32
CA ALA A 51 -5.31 7.66 11.68
C ALA A 51 -5.49 7.12 13.10
N VAL A 52 -4.56 6.27 13.52
CA VAL A 52 -4.61 5.67 14.85
C VAL A 52 -3.59 6.33 15.78
N HIS A 53 -2.33 6.32 15.35
CA HIS A 53 -1.26 6.92 16.15
C HIS A 53 -1.00 8.36 15.72
N LYS A 54 -1.85 8.88 14.86
CA LYS A 54 -1.72 10.24 14.37
C LYS A 54 -0.25 10.63 14.22
N SER A 55 0.56 9.66 13.81
CA SER A 55 2.00 9.90 13.63
C SER A 55 2.51 9.21 12.38
N ASP A 56 3.78 9.43 12.07
CA ASP A 56 4.40 8.83 10.89
C ASP A 56 5.30 7.66 11.28
N LEU A 57 5.94 7.06 10.29
CA LEU A 57 6.84 5.93 10.54
C LEU A 57 8.08 6.37 11.31
N PRO A 58 8.71 5.42 12.02
CA PRO A 58 9.92 5.69 12.80
C PRO A 58 11.13 5.98 11.92
N ALA A 59 11.13 5.41 10.72
CA ALA A 59 12.24 5.61 9.79
C ALA A 59 11.76 6.32 8.53
N PHE A 60 12.70 6.90 7.79
CA PHE A 60 12.37 7.61 6.55
C PHE A 60 12.22 6.64 5.39
N SER A 61 11.41 5.60 5.59
CA SER A 61 11.18 4.60 4.56
C SER A 61 9.86 4.87 3.84
N ALA A 62 9.63 6.13 3.48
CA ALA A 62 8.43 6.51 2.77
C ALA A 62 8.70 7.64 1.78
N GLU A 63 7.76 7.87 0.87
CA GLU A 63 7.90 8.92 -0.13
C GLU A 63 9.25 8.82 -0.83
N VAL A 64 9.73 7.59 -1.00
CA VAL A 64 11.01 7.35 -1.66
C VAL A 64 10.83 6.59 -2.97
N GLU A 65 11.80 6.72 -3.85
CA GLU A 65 11.75 6.03 -5.14
C GLU A 65 10.31 5.91 -5.63
N GLU A 66 9.53 6.97 -5.46
CA GLU A 66 8.14 6.99 -5.88
C GLU A 66 7.94 7.90 -7.08
N GLU A 67 6.75 7.84 -7.68
CA GLU A 67 6.44 8.65 -8.84
C GLU A 67 4.99 9.11 -8.81
N SER A 68 4.79 10.43 -8.79
CA SER A 68 3.44 11.00 -8.74
C SER A 68 3.19 11.87 -9.97
N GLY A 69 2.00 11.73 -10.56
CA GLY A 69 1.66 12.51 -11.72
C GLY A 69 0.24 12.26 -12.19
N PRO A 70 -0.42 13.30 -12.71
CA PRO A 70 -1.79 13.21 -13.20
C PRO A 70 -1.90 12.38 -14.49
N SER A 71 -3.02 11.69 -14.63
CA SER A 71 -3.24 10.86 -15.81
C SER A 71 -4.34 11.44 -16.69
N SER A 72 -5.52 11.62 -16.12
CA SER A 72 -6.66 12.17 -16.84
C SER A 72 -7.82 12.46 -15.90
N GLY A 73 -8.66 13.42 -16.29
CA GLY A 73 -9.80 13.77 -15.46
C GLY A 73 -10.83 14.60 -16.21
ZN ZN B . -0.72 0.28 14.55
N GLY A 1 -57.27 -3.22 -34.88
CA GLY A 1 -55.93 -2.79 -34.52
C GLY A 1 -55.36 -3.59 -33.36
N SER A 2 -54.03 -3.73 -33.35
CA SER A 2 -53.36 -4.50 -32.31
C SER A 2 -51.97 -3.92 -32.02
N SER A 3 -51.38 -4.33 -30.91
CA SER A 3 -50.05 -3.86 -30.52
C SER A 3 -49.32 -4.89 -29.67
N GLY A 4 -48.01 -4.71 -29.52
CA GLY A 4 -47.23 -5.65 -28.74
C GLY A 4 -45.76 -5.29 -28.72
N SER A 5 -45.07 -5.64 -27.64
CA SER A 5 -43.65 -5.34 -27.50
C SER A 5 -42.92 -6.49 -26.81
N SER A 6 -41.60 -6.36 -26.68
CA SER A 6 -40.80 -7.39 -26.04
C SER A 6 -39.34 -6.94 -25.92
N GLY A 7 -38.58 -7.63 -25.08
CA GLY A 7 -37.18 -7.28 -24.89
C GLY A 7 -36.47 -8.25 -23.97
N ARG A 8 -35.21 -8.56 -24.30
CA ARG A 8 -34.43 -9.48 -23.51
C ARG A 8 -33.05 -8.89 -23.20
N LYS A 9 -32.29 -9.57 -22.33
CA LYS A 9 -30.97 -9.11 -21.95
C LYS A 9 -29.90 -10.10 -22.43
N LYS A 10 -28.65 -9.63 -22.45
CA LYS A 10 -27.54 -10.47 -22.89
C LYS A 10 -26.48 -10.58 -21.80
N PRO A 11 -25.78 -11.72 -21.76
CA PRO A 11 -24.73 -11.98 -20.77
C PRO A 11 -23.49 -11.11 -21.01
N VAL A 12 -22.56 -11.16 -20.07
CA VAL A 12 -21.33 -10.38 -20.17
C VAL A 12 -20.38 -10.71 -19.02
N SER A 13 -19.11 -10.94 -19.36
CA SER A 13 -18.11 -11.26 -18.36
C SER A 13 -16.71 -10.85 -18.83
N GLN A 14 -15.90 -10.36 -17.92
CA GLN A 14 -14.54 -9.92 -18.23
C GLN A 14 -13.58 -10.25 -17.09
N SER A 15 -12.67 -11.19 -17.34
CA SER A 15 -11.70 -11.58 -16.33
C SER A 15 -11.02 -10.37 -15.71
N LEU A 16 -10.25 -10.60 -14.66
CA LEU A 16 -9.55 -9.52 -13.97
C LEU A 16 -8.05 -9.80 -13.89
N GLU A 17 -7.25 -8.77 -14.08
CA GLU A 17 -5.80 -8.90 -14.03
C GLU A 17 -5.38 -9.80 -12.87
N PHE A 18 -6.00 -9.59 -11.72
CA PHE A 18 -5.69 -10.39 -10.53
C PHE A 18 -6.52 -11.67 -10.50
N PRO A 19 -5.82 -12.82 -10.49
CA PRO A 19 -6.47 -14.13 -10.46
C PRO A 19 -7.15 -14.41 -9.12
N THR A 20 -7.12 -13.43 -8.23
CA THR A 20 -7.72 -13.57 -6.91
C THR A 20 -8.46 -12.30 -6.50
N ARG A 21 -9.31 -12.42 -5.49
CA ARG A 21 -10.09 -11.28 -5.01
C ARG A 21 -9.87 -11.07 -3.51
N TYR A 22 -8.64 -11.30 -3.06
CA TYR A 22 -8.30 -11.15 -1.65
C TYR A 22 -6.80 -11.25 -1.44
N SER A 23 -6.31 -10.66 -0.34
CA SER A 23 -4.89 -10.68 -0.02
C SER A 23 -4.66 -11.26 1.37
N PRO A 24 -4.43 -12.58 1.43
CA PRO A 24 -4.19 -13.29 2.69
C PRO A 24 -2.84 -12.92 3.31
N TYR A 25 -1.80 -12.96 2.49
CA TYR A 25 -0.45 -12.63 2.96
C TYR A 25 -0.34 -11.15 3.30
N ARG A 26 0.16 -10.86 4.49
CA ARG A 26 0.33 -9.48 4.94
C ARG A 26 1.78 -9.19 5.28
N PRO A 27 2.56 -8.78 4.26
CA PRO A 27 3.97 -8.46 4.42
C PRO A 27 4.19 -7.19 5.23
N TYR A 28 3.11 -6.45 5.48
CA TYR A 28 3.18 -5.21 6.23
C TYR A 28 2.26 -5.26 7.44
N ARG A 29 2.87 -5.22 8.64
CA ARG A 29 2.10 -5.26 9.88
C ARG A 29 2.60 -4.22 10.87
N CYS A 30 1.69 -3.64 11.62
CA CYS A 30 2.04 -2.61 12.61
C CYS A 30 2.98 -3.18 13.67
N VAL A 31 3.76 -2.31 14.29
CA VAL A 31 4.70 -2.72 15.32
C VAL A 31 4.16 -2.42 16.71
N HIS A 32 3.25 -1.45 16.80
CA HIS A 32 2.66 -1.07 18.06
C HIS A 32 2.37 -2.30 18.93
N GLN A 33 2.28 -2.09 20.24
CA GLN A 33 2.01 -3.18 21.17
C GLN A 33 0.51 -3.38 21.35
N GLY A 34 -0.06 -4.29 20.58
CA GLY A 34 -1.48 -4.56 20.67
C GLY A 34 -2.28 -3.86 19.58
N CYS A 35 -1.71 -3.81 18.38
CA CYS A 35 -2.37 -3.17 17.25
C CYS A 35 -2.42 -4.10 16.04
N PHE A 36 -3.51 -4.86 15.94
CA PHE A 36 -3.69 -5.79 14.83
C PHE A 36 -4.33 -5.11 13.62
N ALA A 37 -3.60 -4.16 13.04
CA ALA A 37 -4.10 -3.43 11.88
C ALA A 37 -3.28 -3.75 10.63
N ALA A 38 -2.53 -4.85 10.70
CA ALA A 38 -1.71 -5.27 9.58
C ALA A 38 -2.46 -5.14 8.27
N PHE A 39 -1.84 -4.46 7.29
CA PHE A 39 -2.46 -4.27 5.99
C PHE A 39 -1.67 -4.97 4.90
N THR A 40 -2.18 -4.92 3.67
CA THR A 40 -1.52 -5.56 2.54
C THR A 40 -0.56 -4.59 1.85
N ILE A 41 -1.07 -3.43 1.46
CA ILE A 41 -0.26 -2.43 0.79
C ILE A 41 0.53 -1.60 1.80
N GLN A 42 1.70 -1.14 1.38
CA GLN A 42 2.56 -0.33 2.25
C GLN A 42 1.95 1.06 2.47
N GLN A 43 1.34 1.60 1.42
CA GLN A 43 0.73 2.92 1.50
C GLN A 43 -0.44 2.92 2.48
N ASN A 44 -1.43 2.07 2.23
CA ASN A 44 -2.60 1.97 3.09
C ASN A 44 -2.19 1.75 4.55
N LEU A 45 -0.93 1.37 4.74
CA LEU A 45 -0.41 1.13 6.09
C LEU A 45 0.10 2.42 6.72
N ILE A 46 0.52 3.35 5.87
CA ILE A 46 1.02 4.63 6.34
C ILE A 46 -0.06 5.42 7.07
N LEU A 47 -1.15 5.71 6.38
CA LEU A 47 -2.26 6.45 6.96
C LEU A 47 -2.69 5.84 8.29
N HIS A 48 -2.80 4.51 8.31
CA HIS A 48 -3.19 3.80 9.52
C HIS A 48 -2.58 4.44 10.75
N TYR A 49 -1.27 4.69 10.70
CA TYR A 49 -0.56 5.31 11.82
C TYR A 49 -1.02 6.75 12.03
N GLN A 50 -1.23 7.47 10.93
CA GLN A 50 -1.67 8.85 10.99
C GLN A 50 -3.13 8.95 11.38
N ALA A 51 -3.84 7.82 11.28
CA ALA A 51 -5.25 7.77 11.63
C ALA A 51 -5.46 7.21 13.03
N VAL A 52 -4.54 6.35 13.45
CA VAL A 52 -4.63 5.73 14.78
C VAL A 52 -3.70 6.43 15.76
N HIS A 53 -2.41 6.51 15.41
CA HIS A 53 -1.43 7.16 16.26
C HIS A 53 -1.05 8.53 15.72
N LYS A 54 -1.95 9.12 14.94
CA LYS A 54 -1.72 10.44 14.35
C LYS A 54 -0.25 10.63 14.03
N SER A 55 0.40 9.57 13.57
CA SER A 55 1.82 9.62 13.21
C SER A 55 2.11 8.74 12.00
N ASP A 56 3.38 8.69 11.62
CA ASP A 56 3.80 7.89 10.48
C ASP A 56 4.73 6.75 10.91
N LEU A 57 5.10 5.90 9.97
CA LEU A 57 5.99 4.78 10.26
C LEU A 57 7.37 5.28 10.69
N PRO A 58 8.07 4.45 11.48
CA PRO A 58 9.41 4.78 11.97
C PRO A 58 10.46 4.77 10.86
N ALA A 59 11.70 5.10 11.22
CA ALA A 59 12.79 5.12 10.26
C ALA A 59 14.13 5.27 10.95
N PHE A 60 15.18 4.75 10.32
CA PHE A 60 16.52 4.83 10.88
C PHE A 60 16.82 6.22 11.41
N SER A 61 16.62 7.22 10.56
CA SER A 61 16.88 8.61 10.95
C SER A 61 15.59 9.42 10.90
N ALA A 62 15.67 10.68 11.32
CA ALA A 62 14.51 11.56 11.32
C ALA A 62 14.71 12.73 10.35
N GLU A 63 15.95 12.96 9.95
CA GLU A 63 16.27 14.04 9.03
C GLU A 63 16.09 13.59 7.58
N VAL A 64 14.98 12.91 7.32
CA VAL A 64 14.69 12.42 5.97
C VAL A 64 13.53 13.18 5.36
N GLU A 65 13.09 14.24 6.03
CA GLU A 65 11.99 15.06 5.55
C GLU A 65 12.28 15.60 4.15
N GLU A 66 11.65 14.99 3.15
CA GLU A 66 11.83 15.42 1.76
C GLU A 66 10.54 15.94 1.17
N GLU A 67 10.53 17.22 0.81
CA GLU A 67 9.34 17.85 0.23
C GLU A 67 9.64 19.28 -0.21
N SER A 68 9.27 19.60 -1.44
CA SER A 68 9.50 20.94 -1.98
C SER A 68 8.31 21.86 -1.67
N GLY A 69 7.14 21.47 -2.15
CA GLY A 69 5.95 22.27 -1.93
C GLY A 69 5.44 22.93 -3.20
N PRO A 70 4.10 22.98 -3.34
CA PRO A 70 3.46 23.59 -4.52
C PRO A 70 3.64 25.10 -4.56
N SER A 71 3.00 25.73 -5.54
CA SER A 71 3.08 27.19 -5.69
C SER A 71 4.50 27.61 -6.03
N SER A 72 5.13 26.88 -6.93
CA SER A 72 6.50 27.18 -7.36
C SER A 72 6.55 28.47 -8.16
N GLY A 73 6.80 29.58 -7.48
CA GLY A 73 6.87 30.86 -8.15
C GLY A 73 7.71 31.87 -7.39
ZN ZN B . -0.90 0.53 14.77
N GLY A 1 5.94 40.45 -35.04
CA GLY A 1 4.82 39.54 -34.89
C GLY A 1 5.14 38.39 -33.95
N SER A 2 4.16 37.51 -33.76
CA SER A 2 4.33 36.36 -32.87
C SER A 2 3.46 35.19 -33.31
N SER A 3 3.64 34.05 -32.66
CA SER A 3 2.86 32.86 -32.99
C SER A 3 3.13 31.75 -31.97
N GLY A 4 2.35 30.68 -32.05
CA GLY A 4 2.49 29.57 -31.13
C GLY A 4 1.87 28.29 -31.65
N SER A 5 2.40 27.15 -31.23
CA SER A 5 1.89 25.86 -31.65
C SER A 5 1.64 24.94 -30.46
N SER A 6 0.87 23.88 -30.68
CA SER A 6 0.55 22.93 -29.63
C SER A 6 0.68 21.50 -30.13
N GLY A 7 1.41 20.67 -29.38
CA GLY A 7 1.60 19.29 -29.78
C GLY A 7 0.41 18.42 -29.39
N ARG A 8 0.54 17.11 -29.61
CA ARG A 8 -0.52 16.17 -29.29
C ARG A 8 0.02 14.98 -28.52
N LYS A 9 -0.24 14.94 -27.22
CA LYS A 9 0.22 13.85 -26.37
C LYS A 9 -0.94 13.22 -25.62
N LYS A 10 -0.72 12.01 -25.11
CA LYS A 10 -1.75 11.29 -24.37
C LYS A 10 -1.32 11.07 -22.92
N PRO A 11 -2.26 11.31 -21.98
CA PRO A 11 -2.00 11.14 -20.55
C PRO A 11 -1.84 9.68 -20.16
N VAL A 12 -0.64 9.15 -20.38
CA VAL A 12 -0.35 7.75 -20.04
C VAL A 12 -0.66 7.47 -18.58
N SER A 13 -1.69 6.67 -18.35
CA SER A 13 -2.11 6.32 -17.00
C SER A 13 -1.49 4.99 -16.57
N GLN A 14 -1.80 4.57 -15.35
CA GLN A 14 -1.28 3.31 -14.82
C GLN A 14 -1.38 2.20 -15.87
N SER A 15 -0.72 1.08 -15.59
CA SER A 15 -0.72 -0.06 -16.51
C SER A 15 -1.66 -1.15 -16.00
N LEU A 16 -1.76 -1.27 -14.69
CA LEU A 16 -2.63 -2.28 -14.08
C LEU A 16 -3.14 -1.81 -12.72
N GLU A 17 -3.95 -2.64 -12.08
CA GLU A 17 -4.51 -2.32 -10.77
C GLU A 17 -3.86 -3.16 -9.68
N PHE A 18 -3.37 -4.34 -10.07
CA PHE A 18 -2.73 -5.24 -9.12
C PHE A 18 -1.32 -5.60 -9.57
N PRO A 19 -0.41 -5.79 -8.61
CA PRO A 19 0.99 -6.15 -8.89
C PRO A 19 1.13 -7.56 -9.45
N THR A 20 0.57 -8.54 -8.73
CA THR A 20 0.63 -9.93 -9.15
C THR A 20 -0.72 -10.61 -9.02
N ARG A 21 -1.30 -10.51 -7.83
CA ARG A 21 -2.61 -11.12 -7.57
C ARG A 21 -3.13 -10.72 -6.19
N TYR A 22 -4.28 -11.27 -5.82
CA TYR A 22 -4.89 -10.97 -4.53
C TYR A 22 -3.84 -10.96 -3.42
N SER A 23 -4.23 -10.45 -2.25
CA SER A 23 -3.32 -10.40 -1.12
C SER A 23 -3.66 -11.48 -0.10
N PRO A 24 -2.95 -12.61 -0.20
CA PRO A 24 -3.14 -13.75 0.70
C PRO A 24 -2.66 -13.47 2.12
N TYR A 25 -1.47 -12.88 2.22
CA TYR A 25 -0.89 -12.56 3.51
C TYR A 25 -0.59 -11.06 3.61
N ARG A 26 -0.29 -10.61 4.83
CA ARG A 26 0.01 -9.20 5.06
C ARG A 26 1.49 -9.01 5.40
N PRO A 27 2.29 -8.66 4.39
CA PRO A 27 3.73 -8.44 4.55
C PRO A 27 4.04 -7.19 5.37
N TYR A 28 2.99 -6.49 5.78
CA TYR A 28 3.14 -5.27 6.57
C TYR A 28 2.37 -5.36 7.88
N ARG A 29 3.06 -5.25 9.00
CA ARG A 29 2.44 -5.33 10.31
C ARG A 29 2.95 -4.21 11.22
N CYS A 30 2.03 -3.55 11.92
CA CYS A 30 2.39 -2.47 12.83
C CYS A 30 3.51 -2.90 13.77
N VAL A 31 4.70 -2.32 13.57
CA VAL A 31 5.84 -2.64 14.40
C VAL A 31 5.43 -2.92 15.84
N HIS A 32 4.54 -2.09 16.36
CA HIS A 32 4.05 -2.25 17.73
C HIS A 32 3.13 -3.46 17.84
N GLN A 33 3.70 -4.59 18.24
CA GLN A 33 2.92 -5.82 18.38
C GLN A 33 1.51 -5.52 18.84
N GLY A 34 1.39 -4.80 19.96
CA GLY A 34 0.09 -4.46 20.49
C GLY A 34 -0.95 -4.26 19.40
N CYS A 35 -0.72 -3.27 18.54
CA CYS A 35 -1.64 -2.98 17.45
C CYS A 35 -1.97 -4.24 16.66
N PHE A 36 -3.18 -4.74 16.82
CA PHE A 36 -3.62 -5.94 16.12
C PHE A 36 -4.06 -5.61 14.69
N ALA A 37 -3.27 -4.78 14.01
CA ALA A 37 -3.58 -4.39 12.65
C ALA A 37 -2.59 -5.01 11.66
N ALA A 38 -2.95 -5.00 10.39
CA ALA A 38 -2.09 -5.58 9.35
C ALA A 38 -2.67 -5.32 7.96
N PHE A 39 -1.88 -4.72 7.10
CA PHE A 39 -2.31 -4.41 5.73
C PHE A 39 -1.38 -5.06 4.71
N THR A 40 -1.72 -4.91 3.43
CA THR A 40 -0.92 -5.48 2.35
C THR A 40 -0.06 -4.41 1.68
N ILE A 41 -0.69 -3.29 1.33
CA ILE A 41 0.01 -2.18 0.68
C ILE A 41 0.72 -1.30 1.72
N GLN A 42 1.91 -0.86 1.38
CA GLN A 42 2.69 -0.01 2.27
C GLN A 42 2.01 1.35 2.44
N GLN A 43 1.32 1.80 1.41
CA GLN A 43 0.63 3.08 1.45
C GLN A 43 -0.54 3.05 2.43
N ASN A 44 -1.52 2.20 2.14
CA ASN A 44 -2.69 2.06 3.00
C ASN A 44 -2.28 1.86 4.46
N LEU A 45 -1.02 1.48 4.66
CA LEU A 45 -0.49 1.25 6.00
C LEU A 45 -0.02 2.56 6.63
N ILE A 46 0.45 3.48 5.79
CA ILE A 46 0.94 4.77 6.26
C ILE A 46 -0.14 5.51 7.03
N LEU A 47 -1.27 5.76 6.37
CA LEU A 47 -2.38 6.46 7.01
C LEU A 47 -2.73 5.83 8.34
N HIS A 48 -2.85 4.51 8.36
CA HIS A 48 -3.18 3.79 9.59
C HIS A 48 -2.43 4.37 10.78
N TYR A 49 -1.17 4.72 10.56
CA TYR A 49 -0.34 5.29 11.62
C TYR A 49 -0.72 6.73 11.90
N GLN A 50 -1.20 7.43 10.87
CA GLN A 50 -1.61 8.82 11.02
C GLN A 50 -3.07 8.92 11.42
N ALA A 51 -3.77 7.80 11.37
CA ALA A 51 -5.18 7.76 11.74
C ALA A 51 -5.37 7.19 13.15
N VAL A 52 -4.51 6.25 13.51
CA VAL A 52 -4.57 5.62 14.83
C VAL A 52 -3.65 6.32 15.82
N HIS A 53 -2.37 6.41 15.46
CA HIS A 53 -1.38 7.06 16.33
C HIS A 53 -1.02 8.44 15.79
N LYS A 54 -1.82 8.93 14.84
CA LYS A 54 -1.59 10.24 14.24
C LYS A 54 -0.10 10.57 14.21
N SER A 55 0.71 9.57 13.88
CA SER A 55 2.16 9.76 13.82
C SER A 55 2.72 9.17 12.53
N ASP A 56 3.99 9.47 12.26
CA ASP A 56 4.65 8.98 11.05
C ASP A 56 5.33 7.64 11.32
N LEU A 57 5.96 7.09 10.29
CA LEU A 57 6.66 5.80 10.42
C LEU A 57 8.12 6.01 10.81
N PRO A 58 8.71 5.00 11.45
CA PRO A 58 10.11 5.05 11.88
C PRO A 58 11.08 5.00 10.71
N ALA A 59 10.66 4.38 9.62
CA ALA A 59 11.49 4.27 8.44
C ALA A 59 10.90 5.05 7.27
N PHE A 60 11.76 5.66 6.47
CA PHE A 60 11.32 6.43 5.32
C PHE A 60 11.75 5.78 4.01
N SER A 61 10.96 4.80 3.56
CA SER A 61 11.27 4.09 2.33
C SER A 61 10.35 4.55 1.20
N ALA A 62 10.07 5.84 1.17
CA ALA A 62 9.21 6.42 0.14
C ALA A 62 9.65 5.96 -1.26
N GLU A 63 8.86 6.32 -2.27
CA GLU A 63 9.16 5.95 -3.64
C GLU A 63 10.37 6.73 -4.17
N VAL A 64 11.53 6.45 -3.59
CA VAL A 64 12.77 7.13 -4.00
C VAL A 64 13.35 6.48 -5.25
N GLU A 65 12.48 6.12 -6.19
CA GLU A 65 12.91 5.51 -7.43
C GLU A 65 12.90 6.52 -8.58
N GLU A 66 13.94 7.35 -8.64
CA GLU A 66 14.04 8.37 -9.68
C GLU A 66 13.81 7.75 -11.06
N GLU A 67 13.42 8.59 -12.01
CA GLU A 67 13.16 8.13 -13.38
C GLU A 67 13.41 9.25 -14.39
N SER A 68 14.26 8.98 -15.37
CA SER A 68 14.58 9.97 -16.39
C SER A 68 13.58 9.90 -17.55
N GLY A 69 13.35 11.03 -18.20
CA GLY A 69 12.43 11.07 -19.32
C GLY A 69 12.07 12.49 -19.72
N PRO A 70 11.41 12.62 -20.88
CA PRO A 70 10.99 13.92 -21.40
C PRO A 70 9.88 14.56 -20.57
N SER A 71 9.48 15.77 -20.94
CA SER A 71 8.43 16.48 -20.22
C SER A 71 7.65 17.39 -21.18
N SER A 72 6.36 17.54 -20.92
CA SER A 72 5.51 18.37 -21.75
C SER A 72 6.27 19.60 -22.25
N GLY A 73 6.46 19.68 -23.57
CA GLY A 73 7.16 20.81 -24.14
C GLY A 73 6.23 21.93 -24.57
ZN ZN B . -0.88 0.64 14.54
N GLY A 1 -34.91 -17.10 -51.24
CA GLY A 1 -34.77 -17.56 -49.87
C GLY A 1 -33.33 -17.55 -49.40
N SER A 2 -33.13 -17.39 -48.10
CA SER A 2 -31.79 -17.37 -47.52
C SER A 2 -31.84 -17.51 -46.00
N SER A 3 -30.78 -18.07 -45.43
CA SER A 3 -30.70 -18.27 -43.99
C SER A 3 -29.36 -17.80 -43.45
N GLY A 4 -28.28 -18.36 -43.97
CA GLY A 4 -26.96 -17.98 -43.52
C GLY A 4 -26.31 -19.05 -42.65
N SER A 5 -25.00 -18.93 -42.45
CA SER A 5 -24.26 -19.90 -41.65
C SER A 5 -23.07 -19.23 -40.97
N SER A 6 -23.16 -19.05 -39.66
CA SER A 6 -22.10 -18.43 -38.89
C SER A 6 -22.22 -18.78 -37.41
N GLY A 7 -21.07 -18.93 -36.75
CA GLY A 7 -21.06 -19.27 -35.34
C GLY A 7 -19.68 -19.17 -34.72
N ARG A 8 -19.33 -18.00 -34.23
CA ARG A 8 -18.03 -17.78 -33.61
C ARG A 8 -18.17 -17.56 -32.10
N LYS A 9 -17.88 -18.61 -31.33
CA LYS A 9 -17.96 -18.54 -29.88
C LYS A 9 -16.58 -18.64 -29.25
N LYS A 10 -16.39 -17.93 -28.14
CA LYS A 10 -15.12 -17.95 -27.43
C LYS A 10 -15.33 -18.14 -25.93
N PRO A 11 -14.38 -18.84 -25.29
CA PRO A 11 -14.44 -19.11 -23.84
C PRO A 11 -14.22 -17.85 -23.01
N VAL A 12 -15.04 -17.67 -21.99
CA VAL A 12 -14.94 -16.51 -21.11
C VAL A 12 -14.83 -16.93 -19.64
N SER A 13 -13.60 -17.12 -19.20
CA SER A 13 -13.34 -17.53 -17.81
C SER A 13 -14.04 -16.59 -16.84
N GLN A 14 -15.22 -16.98 -16.38
CA GLN A 14 -15.99 -16.18 -15.44
C GLN A 14 -15.34 -16.19 -14.06
N SER A 15 -15.24 -17.37 -13.46
CA SER A 15 -14.63 -17.50 -12.14
C SER A 15 -13.31 -16.74 -12.06
N LEU A 16 -12.85 -16.49 -10.85
CA LEU A 16 -11.60 -15.78 -10.63
C LEU A 16 -10.51 -16.72 -10.13
N GLU A 17 -9.43 -16.83 -10.89
CA GLU A 17 -8.31 -17.69 -10.53
C GLU A 17 -8.12 -17.71 -9.01
N PHE A 18 -8.22 -16.55 -8.39
CA PHE A 18 -8.05 -16.43 -6.94
C PHE A 18 -9.23 -17.06 -6.21
N PRO A 19 -8.95 -17.66 -5.05
CA PRO A 19 -9.97 -18.31 -4.22
C PRO A 19 -10.93 -17.31 -3.58
N THR A 20 -10.39 -16.15 -3.20
CA THR A 20 -11.19 -15.11 -2.58
C THR A 20 -11.12 -13.81 -3.37
N ARG A 21 -11.75 -12.77 -2.84
CA ARG A 21 -11.77 -11.47 -3.51
C ARG A 21 -10.93 -10.46 -2.74
N TYR A 22 -9.91 -10.94 -2.04
CA TYR A 22 -9.03 -10.08 -1.26
C TYR A 22 -7.72 -10.78 -0.94
N SER A 23 -6.76 -10.02 -0.41
CA SER A 23 -5.46 -10.57 -0.05
C SER A 23 -5.31 -10.72 1.45
N PRO A 24 -5.37 -11.96 1.94
CA PRO A 24 -5.25 -12.27 3.36
C PRO A 24 -3.84 -12.03 3.89
N TYR A 25 -2.85 -12.44 3.12
CA TYR A 25 -1.46 -12.28 3.50
C TYR A 25 -1.04 -10.81 3.45
N ARG A 26 -0.54 -10.31 4.57
CA ARG A 26 -0.12 -8.92 4.66
C ARG A 26 1.34 -8.82 5.11
N PRO A 27 2.23 -8.43 4.18
CA PRO A 27 3.66 -8.30 4.46
C PRO A 27 3.95 -7.12 5.38
N TYR A 28 2.91 -6.41 5.78
CA TYR A 28 3.07 -5.25 6.67
C TYR A 28 2.32 -5.47 7.98
N ARG A 29 3.03 -5.33 9.08
CA ARG A 29 2.44 -5.50 10.41
C ARG A 29 2.88 -4.39 11.36
N CYS A 30 1.91 -3.78 12.03
CA CYS A 30 2.20 -2.70 12.97
C CYS A 30 3.16 -3.17 14.07
N VAL A 31 4.18 -2.35 14.34
CA VAL A 31 5.16 -2.68 15.36
C VAL A 31 4.69 -2.25 16.74
N HIS A 32 4.04 -1.09 16.80
CA HIS A 32 3.53 -0.57 18.06
C HIS A 32 2.93 -1.67 18.92
N GLN A 33 2.84 -1.43 20.22
CA GLN A 33 2.30 -2.41 21.16
C GLN A 33 0.79 -2.29 21.24
N GLY A 34 0.11 -3.44 21.24
CA GLY A 34 -1.34 -3.45 21.32
C GLY A 34 -1.99 -2.88 20.07
N CYS A 35 -1.36 -3.12 18.92
CA CYS A 35 -1.88 -2.62 17.65
C CYS A 35 -1.90 -3.74 16.61
N PHE A 36 -2.97 -4.53 16.61
CA PHE A 36 -3.10 -5.64 15.67
C PHE A 36 -3.61 -5.13 14.32
N ALA A 37 -2.79 -4.33 13.64
CA ALA A 37 -3.15 -3.79 12.34
C ALA A 37 -2.23 -4.32 11.25
N ALA A 38 -2.79 -5.07 10.32
CA ALA A 38 -2.02 -5.64 9.21
C ALA A 38 -2.59 -5.22 7.87
N PHE A 39 -1.77 -4.56 7.06
CA PHE A 39 -2.20 -4.11 5.74
C PHE A 39 -1.39 -4.79 4.64
N THR A 40 -1.92 -4.75 3.42
CA THR A 40 -1.25 -5.36 2.28
C THR A 40 -0.37 -4.36 1.55
N ILE A 41 -0.92 -3.16 1.31
CA ILE A 41 -0.18 -2.11 0.63
C ILE A 41 0.53 -1.20 1.62
N GLN A 42 1.79 -0.91 1.34
CA GLN A 42 2.58 -0.05 2.21
C GLN A 42 1.89 1.30 2.42
N GLN A 43 1.26 1.80 1.37
CA GLN A 43 0.57 3.09 1.43
C GLN A 43 -0.58 3.02 2.43
N ASN A 44 -1.55 2.14 2.16
CA ASN A 44 -2.70 1.98 3.03
C ASN A 44 -2.27 1.78 4.48
N LEU A 45 -1.01 1.42 4.67
CA LEU A 45 -0.47 1.19 6.00
C LEU A 45 0.00 2.50 6.63
N ILE A 46 0.41 3.44 5.78
CA ILE A 46 0.89 4.74 6.26
C ILE A 46 -0.21 5.47 7.02
N LEU A 47 -1.31 5.77 6.34
CA LEU A 47 -2.43 6.47 6.95
C LEU A 47 -2.77 5.87 8.32
N HIS A 48 -2.82 4.53 8.37
CA HIS A 48 -3.13 3.83 9.60
C HIS A 48 -2.37 4.44 10.78
N TYR A 49 -1.10 4.76 10.55
CA TYR A 49 -0.26 5.34 11.59
C TYR A 49 -0.66 6.78 11.87
N GLN A 50 -1.23 7.44 10.87
CA GLN A 50 -1.65 8.83 11.01
C GLN A 50 -3.11 8.91 11.44
N ALA A 51 -3.81 7.78 11.35
CA ALA A 51 -5.21 7.72 11.75
C ALA A 51 -5.37 7.14 13.16
N VAL A 52 -4.41 6.33 13.56
CA VAL A 52 -4.43 5.71 14.89
C VAL A 52 -3.51 6.44 15.85
N HIS A 53 -2.25 6.57 15.47
CA HIS A 53 -1.25 7.25 16.30
C HIS A 53 -1.11 8.71 15.88
N LYS A 54 -1.61 9.04 14.71
CA LYS A 54 -1.55 10.40 14.19
C LYS A 54 -0.10 10.91 14.21
N SER A 55 0.82 10.04 13.83
CA SER A 55 2.25 10.41 13.80
C SER A 55 2.90 9.93 12.51
N ASP A 56 4.19 10.20 12.38
CA ASP A 56 4.94 9.81 11.19
C ASP A 56 5.63 8.47 11.41
N LEU A 57 5.97 7.80 10.31
CA LEU A 57 6.64 6.51 10.38
C LEU A 57 7.99 6.63 11.11
N PRO A 58 8.39 5.54 11.76
CA PRO A 58 9.66 5.49 12.51
C PRO A 58 10.88 5.52 11.59
N ALA A 59 10.88 4.63 10.60
CA ALA A 59 11.98 4.56 9.65
C ALA A 59 11.69 3.54 8.55
N PHE A 60 11.97 3.93 7.30
CA PHE A 60 11.73 3.05 6.17
C PHE A 60 12.30 3.65 4.89
N SER A 61 12.98 2.81 4.10
CA SER A 61 13.59 3.27 2.85
C SER A 61 13.03 2.48 1.66
N ALA A 62 11.84 2.87 1.21
CA ALA A 62 11.20 2.20 0.08
C ALA A 62 10.82 3.21 -0.99
N GLU A 63 10.42 2.71 -2.16
CA GLU A 63 10.02 3.56 -3.27
C GLU A 63 11.17 4.46 -3.70
N VAL A 64 12.39 3.96 -3.56
CA VAL A 64 13.58 4.72 -3.93
C VAL A 64 14.51 3.89 -4.82
N GLU A 65 13.92 3.10 -5.71
CA GLU A 65 14.69 2.26 -6.62
C GLU A 65 15.02 3.00 -7.91
N GLU A 66 14.98 4.33 -7.85
CA GLU A 66 15.28 5.15 -9.01
C GLU A 66 14.88 4.44 -10.30
N GLU A 67 13.71 3.81 -10.28
CA GLU A 67 13.22 3.08 -11.45
C GLU A 67 11.71 3.19 -11.56
N SER A 68 11.23 3.68 -12.71
CA SER A 68 9.80 3.84 -12.94
C SER A 68 9.44 3.43 -14.36
N GLY A 69 8.13 3.46 -14.67
CA GLY A 69 7.67 3.09 -15.98
C GLY A 69 6.51 3.96 -16.45
N PRO A 70 6.80 4.89 -17.37
CA PRO A 70 5.79 5.79 -17.92
C PRO A 70 4.79 5.08 -18.82
N SER A 71 3.61 5.66 -18.98
CA SER A 71 2.57 5.07 -19.82
C SER A 71 2.10 6.07 -20.87
N SER A 72 1.67 5.55 -22.02
CA SER A 72 1.18 6.40 -23.11
C SER A 72 0.55 5.55 -24.20
N GLY A 73 -0.25 6.20 -25.05
CA GLY A 73 -0.92 5.49 -26.13
C GLY A 73 0.00 5.26 -27.31
ZN ZN B . -0.61 0.84 14.53
N GLY A 1 -37.39 4.12 -48.74
CA GLY A 1 -37.59 5.03 -47.62
C GLY A 1 -36.43 5.97 -47.43
N SER A 2 -36.08 6.22 -46.17
CA SER A 2 -34.98 7.13 -45.85
C SER A 2 -34.68 7.10 -44.35
N SER A 3 -33.40 7.20 -44.01
CA SER A 3 -32.99 7.19 -42.61
C SER A 3 -31.49 7.47 -42.49
N GLY A 4 -31.02 7.59 -41.25
CA GLY A 4 -29.61 7.86 -41.02
C GLY A 4 -28.89 6.71 -40.35
N SER A 5 -27.82 7.01 -39.63
CA SER A 5 -27.05 5.99 -38.93
C SER A 5 -26.06 6.62 -37.95
N SER A 6 -25.42 5.78 -37.15
CA SER A 6 -24.45 6.26 -36.17
C SER A 6 -23.54 5.12 -35.71
N GLY A 7 -22.57 5.45 -34.86
CA GLY A 7 -21.65 4.45 -34.36
C GLY A 7 -20.78 4.97 -33.24
N ARG A 8 -20.31 4.06 -32.38
CA ARG A 8 -19.46 4.43 -31.26
C ARG A 8 -18.54 3.29 -30.86
N LYS A 9 -17.67 3.54 -29.90
CA LYS A 9 -16.74 2.53 -29.42
C LYS A 9 -16.21 2.88 -28.03
N LYS A 10 -16.20 1.90 -27.14
CA LYS A 10 -15.73 2.10 -25.78
C LYS A 10 -14.80 0.97 -25.35
N PRO A 11 -13.74 1.32 -24.60
CA PRO A 11 -12.76 0.34 -24.10
C PRO A 11 -13.35 -0.58 -23.04
N VAL A 12 -12.57 -1.57 -22.63
CA VAL A 12 -13.01 -2.53 -21.61
C VAL A 12 -12.20 -2.35 -20.33
N SER A 13 -12.89 -2.40 -19.20
CA SER A 13 -12.25 -2.25 -17.89
C SER A 13 -12.03 -3.62 -17.24
N GLN A 14 -10.89 -4.24 -17.53
CA GLN A 14 -10.57 -5.53 -16.97
C GLN A 14 -9.07 -5.83 -17.11
N SER A 15 -8.52 -6.50 -16.11
CA SER A 15 -7.10 -6.85 -16.12
C SER A 15 -6.89 -8.32 -16.45
N LEU A 16 -7.69 -9.18 -15.82
CA LEU A 16 -7.60 -10.62 -16.04
C LEU A 16 -8.97 -11.27 -15.88
N GLU A 17 -9.08 -12.51 -16.36
CA GLU A 17 -10.34 -13.25 -16.28
C GLU A 17 -10.86 -13.28 -14.85
N PHE A 18 -9.93 -13.34 -13.90
CA PHE A 18 -10.29 -13.37 -12.48
C PHE A 18 -11.11 -12.15 -12.09
N PRO A 19 -12.22 -12.38 -11.39
CA PRO A 19 -13.12 -11.30 -10.94
C PRO A 19 -12.48 -10.44 -9.86
N THR A 20 -11.97 -11.07 -8.81
CA THR A 20 -11.34 -10.36 -7.72
C THR A 20 -10.72 -11.33 -6.72
N ARG A 21 -9.43 -11.14 -6.44
CA ARG A 21 -8.71 -12.00 -5.50
C ARG A 21 -8.20 -11.19 -4.32
N TYR A 22 -8.52 -11.66 -3.11
CA TYR A 22 -8.09 -10.98 -1.89
C TYR A 22 -6.73 -11.48 -1.44
N SER A 23 -6.14 -10.79 -0.46
CA SER A 23 -4.82 -11.15 0.05
C SER A 23 -4.96 -12.13 1.22
N PRO A 24 -4.55 -13.39 0.99
CA PRO A 24 -4.61 -14.44 2.02
C PRO A 24 -3.60 -14.22 3.13
N TYR A 25 -2.63 -13.34 2.88
CA TYR A 25 -1.60 -13.04 3.87
C TYR A 25 -1.19 -11.57 3.81
N ARG A 26 -0.67 -11.06 4.91
CA ARG A 26 -0.24 -9.67 4.98
C ARG A 26 1.14 -9.56 5.61
N PRO A 27 2.17 -9.39 4.77
CA PRO A 27 3.56 -9.27 5.23
C PRO A 27 3.81 -7.96 5.96
N TYR A 28 2.92 -6.99 5.76
CA TYR A 28 3.05 -5.68 6.40
C TYR A 28 2.22 -5.62 7.68
N ARG A 29 2.90 -5.59 8.82
CA ARG A 29 2.22 -5.53 10.11
C ARG A 29 2.76 -4.38 10.95
N CYS A 30 1.89 -3.74 11.71
CA CYS A 30 2.28 -2.63 12.56
C CYS A 30 3.26 -3.08 13.64
N VAL A 31 4.28 -2.27 13.90
CA VAL A 31 5.29 -2.60 14.91
C VAL A 31 4.83 -2.16 16.30
N HIS A 32 3.78 -1.35 16.34
CA HIS A 32 3.24 -0.86 17.60
C HIS A 32 2.76 -2.02 18.48
N GLN A 33 3.53 -2.35 19.50
CA GLN A 33 3.19 -3.44 20.40
C GLN A 33 1.69 -3.45 20.69
N GLY A 34 1.22 -2.41 21.38
CA GLY A 34 -0.18 -2.32 21.73
C GLY A 34 -1.03 -1.89 20.54
N CYS A 35 -0.97 -2.66 19.46
CA CYS A 35 -1.74 -2.35 18.26
C CYS A 35 -1.98 -3.61 17.43
N PHE A 36 -3.23 -4.04 17.36
CA PHE A 36 -3.58 -5.23 16.59
C PHE A 36 -4.08 -4.85 15.20
N ALA A 37 -3.18 -4.33 14.38
CA ALA A 37 -3.52 -3.93 13.02
C ALA A 37 -2.50 -4.47 12.02
N ALA A 38 -2.87 -4.44 10.74
CA ALA A 38 -1.98 -4.92 9.68
C ALA A 38 -2.54 -4.59 8.31
N PHE A 39 -1.69 -4.66 7.29
CA PHE A 39 -2.10 -4.37 5.92
C PHE A 39 -1.19 -5.07 4.92
N THR A 40 -1.52 -4.94 3.63
CA THR A 40 -0.74 -5.56 2.58
C THR A 40 0.05 -4.52 1.79
N ILE A 41 -0.56 -3.37 1.58
CA ILE A 41 0.08 -2.29 0.85
C ILE A 41 0.86 -1.36 1.78
N GLN A 42 1.88 -0.71 1.25
CA GLN A 42 2.71 0.20 2.03
C GLN A 42 1.99 1.53 2.24
N GLN A 43 1.23 1.94 1.23
CA GLN A 43 0.51 3.21 1.30
C GLN A 43 -0.61 3.15 2.33
N ASN A 44 -1.54 2.21 2.15
CA ASN A 44 -2.66 2.04 3.06
C ASN A 44 -2.15 1.80 4.48
N LEU A 45 -0.87 1.51 4.61
CA LEU A 45 -0.27 1.26 5.92
C LEU A 45 0.26 2.55 6.53
N ILE A 46 0.49 3.55 5.68
CA ILE A 46 0.99 4.84 6.14
C ILE A 46 -0.06 5.58 6.95
N LEU A 47 -1.25 5.74 6.37
CA LEU A 47 -2.34 6.43 7.02
C LEU A 47 -2.68 5.77 8.37
N HIS A 48 -2.67 4.44 8.39
CA HIS A 48 -2.96 3.69 9.60
C HIS A 48 -2.33 4.35 10.82
N TYR A 49 -1.08 4.78 10.66
CA TYR A 49 -0.35 5.43 11.75
C TYR A 49 -0.87 6.85 11.99
N GLN A 50 -1.35 7.48 10.92
CA GLN A 50 -1.87 8.83 11.00
C GLN A 50 -3.35 8.82 11.40
N ALA A 51 -3.97 7.65 11.33
CA ALA A 51 -5.38 7.50 11.68
C ALA A 51 -5.54 6.95 13.09
N VAL A 52 -4.55 6.17 13.53
CA VAL A 52 -4.58 5.58 14.86
C VAL A 52 -3.67 6.34 15.82
N HIS A 53 -2.40 6.47 15.44
CA HIS A 53 -1.42 7.17 16.26
C HIS A 53 -1.20 8.59 15.75
N LYS A 54 -2.07 9.03 14.85
CA LYS A 54 -1.96 10.37 14.27
C LYS A 54 -0.50 10.79 14.13
N SER A 55 0.30 9.91 13.54
CA SER A 55 1.72 10.19 13.34
C SER A 55 2.27 9.39 12.16
N ASP A 56 3.55 9.60 11.86
CA ASP A 56 4.20 8.90 10.76
C ASP A 56 4.92 7.65 11.25
N LEU A 57 5.34 6.80 10.32
CA LEU A 57 6.05 5.57 10.66
C LEU A 57 7.48 5.88 11.12
N PRO A 58 8.05 4.96 11.91
CA PRO A 58 9.42 5.10 12.43
C PRO A 58 10.47 4.95 11.33
N ALA A 59 10.12 4.21 10.28
CA ALA A 59 11.04 4.00 9.17
C ALA A 59 10.62 4.82 7.95
N PHE A 60 10.29 6.08 8.19
CA PHE A 60 9.87 6.98 7.12
C PHE A 60 10.72 8.25 7.10
N SER A 61 10.63 9.03 8.19
CA SER A 61 11.39 10.26 8.30
C SER A 61 11.38 10.76 9.75
N ALA A 62 12.57 10.91 10.31
CA ALA A 62 12.71 11.39 11.69
C ALA A 62 12.07 12.76 11.86
N GLU A 63 12.24 13.34 13.05
CA GLU A 63 11.68 14.66 13.33
C GLU A 63 12.30 15.72 12.43
N VAL A 64 11.60 16.07 11.36
CA VAL A 64 12.09 17.07 10.42
C VAL A 64 10.93 17.74 9.69
N GLU A 65 10.96 19.07 9.62
CA GLU A 65 9.91 19.83 8.94
C GLU A 65 10.52 20.90 8.05
N GLU A 66 10.69 20.59 6.78
CA GLU A 66 11.25 21.53 5.82
C GLU A 66 10.18 22.46 5.27
N GLU A 67 9.31 22.96 6.16
CA GLU A 67 8.24 23.85 5.76
C GLU A 67 7.67 23.46 4.41
N SER A 68 7.52 22.16 4.20
CA SER A 68 6.99 21.65 2.93
C SER A 68 5.78 22.46 2.48
N GLY A 69 6.00 23.34 1.51
CA GLY A 69 4.92 24.16 1.00
C GLY A 69 5.27 24.83 -0.32
N PRO A 70 4.29 24.89 -1.24
CA PRO A 70 4.48 25.50 -2.56
C PRO A 70 4.63 27.01 -2.47
N SER A 71 4.70 27.66 -3.63
CA SER A 71 4.84 29.12 -3.69
C SER A 71 3.59 29.76 -4.29
N SER A 72 3.60 31.09 -4.34
CA SER A 72 2.47 31.84 -4.89
C SER A 72 2.82 33.31 -5.05
N GLY A 73 1.89 34.08 -5.62
CA GLY A 73 2.12 35.49 -5.82
C GLY A 73 0.86 36.32 -5.64
ZN ZN B . -0.63 0.68 14.66
N GLY A 1 -0.68 22.49 -0.76
CA GLY A 1 -0.08 23.62 -0.08
C GLY A 1 1.30 23.31 0.46
N SER A 2 2.32 23.62 -0.34
CA SER A 2 3.70 23.38 0.05
C SER A 2 4.64 24.41 -0.58
N SER A 3 5.78 24.62 0.07
CA SER A 3 6.76 25.59 -0.42
C SER A 3 8.17 25.15 -0.06
N GLY A 4 9.16 25.91 -0.53
CA GLY A 4 10.54 25.59 -0.25
C GLY A 4 11.38 25.45 -1.50
N SER A 5 12.68 25.21 -1.32
CA SER A 5 13.59 25.07 -2.45
C SER A 5 14.73 24.11 -2.12
N SER A 6 14.87 23.05 -2.91
CA SER A 6 15.92 22.07 -2.70
C SER A 6 15.99 21.08 -3.86
N GLY A 7 17.11 20.38 -3.96
CA GLY A 7 17.29 19.42 -5.03
C GLY A 7 16.94 18.01 -4.61
N ARG A 8 15.66 17.69 -4.60
CA ARG A 8 15.20 16.36 -4.20
C ARG A 8 14.33 15.74 -5.29
N LYS A 9 14.84 14.70 -5.93
CA LYS A 9 14.10 14.02 -6.98
C LYS A 9 14.49 12.54 -7.06
N LYS A 10 13.50 11.67 -7.12
CA LYS A 10 13.75 10.23 -7.19
C LYS A 10 12.97 9.61 -8.36
N PRO A 11 13.57 8.58 -8.97
CA PRO A 11 12.95 7.87 -10.11
C PRO A 11 11.74 7.06 -9.69
N VAL A 12 11.06 6.47 -10.67
CA VAL A 12 9.89 5.65 -10.40
C VAL A 12 9.49 4.84 -11.64
N SER A 13 9.07 3.61 -11.41
CA SER A 13 8.66 2.72 -12.50
C SER A 13 7.18 2.90 -12.82
N GLN A 14 6.77 2.43 -13.99
CA GLN A 14 5.38 2.54 -14.42
C GLN A 14 4.56 1.35 -13.91
N SER A 15 5.14 0.16 -14.02
CA SER A 15 4.46 -1.06 -13.57
C SER A 15 3.99 -0.92 -12.13
N LEU A 16 2.96 -1.67 -11.78
CA LEU A 16 2.40 -1.64 -10.43
C LEU A 16 2.83 -2.87 -9.64
N GLU A 17 3.31 -2.64 -8.43
CA GLU A 17 3.75 -3.74 -7.57
C GLU A 17 2.63 -4.77 -7.38
N PHE A 18 1.39 -4.31 -7.52
CA PHE A 18 0.24 -5.20 -7.37
C PHE A 18 0.49 -6.54 -8.03
N PRO A 19 0.72 -7.57 -7.20
CA PRO A 19 0.99 -8.93 -7.68
C PRO A 19 -0.25 -9.58 -8.30
N THR A 20 -1.38 -9.46 -7.61
CA THR A 20 -2.63 -10.03 -8.09
C THR A 20 -3.79 -9.07 -7.86
N ARG A 21 -5.00 -9.53 -8.18
CA ARG A 21 -6.21 -8.71 -8.00
C ARG A 21 -6.83 -8.97 -6.64
N TYR A 22 -6.00 -9.22 -5.64
CA TYR A 22 -6.47 -9.48 -4.28
C TYR A 22 -5.30 -9.54 -3.30
N SER A 23 -5.63 -9.43 -2.02
CA SER A 23 -4.60 -9.47 -0.97
C SER A 23 -4.64 -10.81 -0.23
N PRO A 24 -3.68 -11.69 -0.55
CA PRO A 24 -3.58 -13.01 0.08
C PRO A 24 -3.15 -12.92 1.54
N TYR A 25 -2.15 -12.08 1.80
CA TYR A 25 -1.65 -11.91 3.16
C TYR A 25 -1.19 -10.48 3.40
N ARG A 26 -0.93 -10.14 4.66
CA ARG A 26 -0.49 -8.80 5.01
C ARG A 26 0.98 -8.81 5.43
N PRO A 27 1.87 -8.56 4.46
CA PRO A 27 3.31 -8.54 4.71
C PRO A 27 3.74 -7.33 5.54
N TYR A 28 2.78 -6.48 5.87
CA TYR A 28 3.06 -5.28 6.66
C TYR A 28 2.30 -5.32 7.98
N ARG A 29 3.06 -5.39 9.09
CA ARG A 29 2.46 -5.42 10.42
C ARG A 29 2.85 -4.19 11.23
N CYS A 30 1.97 -3.78 12.14
CA CYS A 30 2.22 -2.62 12.98
C CYS A 30 3.33 -2.91 13.97
N VAL A 31 4.19 -1.92 14.20
CA VAL A 31 5.30 -2.05 15.14
C VAL A 31 4.87 -1.67 16.55
N HIS A 32 3.56 -1.60 16.77
CA HIS A 32 3.03 -1.24 18.09
C HIS A 32 2.52 -2.48 18.81
N GLN A 33 3.25 -2.89 19.85
CA GLN A 33 2.87 -4.05 20.64
C GLN A 33 1.53 -3.85 21.32
N GLY A 34 0.45 -4.21 20.61
CA GLY A 34 -0.88 -4.05 21.16
C GLY A 34 -1.81 -3.30 20.23
N CYS A 35 -1.70 -3.58 18.93
CA CYS A 35 -2.53 -2.93 17.94
C CYS A 35 -3.35 -3.95 17.16
N PHE A 36 -2.68 -4.99 16.68
CA PHE A 36 -3.34 -6.06 15.92
C PHE A 36 -3.90 -5.50 14.61
N ALA A 37 -3.09 -4.69 13.92
CA ALA A 37 -3.50 -4.10 12.66
C ALA A 37 -2.45 -4.36 11.58
N ALA A 38 -2.85 -5.08 10.53
CA ALA A 38 -1.95 -5.38 9.43
C ALA A 38 -2.59 -5.07 8.09
N PHE A 39 -1.84 -4.42 7.21
CA PHE A 39 -2.34 -4.05 5.89
C PHE A 39 -1.56 -4.77 4.80
N THR A 40 -2.04 -4.65 3.55
CA THR A 40 -1.38 -5.29 2.42
C THR A 40 -0.45 -4.32 1.70
N ILE A 41 -0.99 -3.15 1.33
CA ILE A 41 -0.22 -2.13 0.64
C ILE A 41 0.54 -1.25 1.63
N GLN A 42 1.71 -0.77 1.22
CA GLN A 42 2.51 0.09 2.07
C GLN A 42 1.83 1.42 2.31
N GLN A 43 1.21 1.96 1.27
CA GLN A 43 0.51 3.24 1.36
C GLN A 43 -0.64 3.15 2.36
N ASN A 44 -1.57 2.23 2.09
CA ASN A 44 -2.72 2.05 2.97
C ASN A 44 -2.30 1.82 4.41
N LEU A 45 -1.01 1.53 4.60
CA LEU A 45 -0.47 1.29 5.93
C LEU A 45 0.08 2.58 6.52
N ILE A 46 0.56 3.47 5.66
CA ILE A 46 1.11 4.75 6.11
C ILE A 46 0.08 5.56 6.87
N LEU A 47 -1.15 5.61 6.35
CA LEU A 47 -2.23 6.35 6.99
C LEU A 47 -2.62 5.71 8.31
N HIS A 48 -2.68 4.37 8.32
CA HIS A 48 -3.05 3.64 9.53
C HIS A 48 -2.39 4.26 10.76
N TYR A 49 -1.14 4.66 10.62
CA TYR A 49 -0.40 5.26 11.72
C TYR A 49 -0.86 6.70 11.96
N GLN A 50 -1.25 7.38 10.90
CA GLN A 50 -1.72 8.75 10.99
C GLN A 50 -3.18 8.81 11.43
N ALA A 51 -3.86 7.68 11.32
CA ALA A 51 -5.27 7.59 11.71
C ALA A 51 -5.42 6.95 13.09
N VAL A 52 -4.49 6.07 13.43
CA VAL A 52 -4.51 5.39 14.72
C VAL A 52 -3.64 6.10 15.74
N HIS A 53 -2.36 6.28 15.40
CA HIS A 53 -1.43 6.96 16.29
C HIS A 53 -1.03 8.32 15.72
N LYS A 54 -1.86 8.86 14.85
CA LYS A 54 -1.61 10.15 14.24
C LYS A 54 -0.11 10.42 14.13
N SER A 55 0.62 9.44 13.59
CA SER A 55 2.06 9.57 13.42
C SER A 55 2.52 8.92 12.12
N ASP A 56 3.82 9.02 11.83
CA ASP A 56 4.38 8.45 10.62
C ASP A 56 5.30 7.28 10.96
N LEU A 57 5.73 6.55 9.93
CA LEU A 57 6.61 5.41 10.11
C LEU A 57 8.01 5.86 10.52
N PRO A 58 8.74 4.97 11.22
CA PRO A 58 10.09 5.25 11.68
C PRO A 58 11.10 5.32 10.55
N ALA A 59 12.38 5.30 10.89
CA ALA A 59 13.45 5.35 9.89
C ALA A 59 14.57 4.38 10.21
N PHE A 60 14.93 3.55 9.25
CA PHE A 60 15.98 2.57 9.44
C PHE A 60 17.06 2.71 8.36
N SER A 61 16.64 2.61 7.10
CA SER A 61 17.57 2.73 5.98
C SER A 61 17.58 4.15 5.43
N ALA A 62 18.61 4.91 5.78
CA ALA A 62 18.75 6.29 5.33
C ALA A 62 20.19 6.62 4.96
N GLU A 63 20.41 7.83 4.50
CA GLU A 63 21.75 8.27 4.11
C GLU A 63 22.52 7.13 3.45
N VAL A 64 21.85 6.38 2.60
CA VAL A 64 22.46 5.25 1.90
C VAL A 64 22.25 5.36 0.39
N GLU A 65 23.18 4.78 -0.37
CA GLU A 65 23.09 4.81 -1.82
C GLU A 65 23.39 3.43 -2.41
N GLU A 66 22.63 2.43 -1.99
CA GLU A 66 22.82 1.07 -2.47
C GLU A 66 21.63 0.62 -3.33
N GLU A 67 21.14 1.54 -4.17
CA GLU A 67 20.01 1.24 -5.04
C GLU A 67 20.45 1.18 -6.50
N SER A 68 21.21 2.19 -6.92
CA SER A 68 21.69 2.25 -8.29
C SER A 68 22.67 3.41 -8.47
N GLY A 69 23.39 3.41 -9.59
CA GLY A 69 24.35 4.46 -9.86
C GLY A 69 24.07 5.17 -11.17
N PRO A 70 24.46 6.45 -11.25
CA PRO A 70 24.26 7.28 -12.44
C PRO A 70 25.16 6.83 -13.60
N SER A 71 24.57 6.15 -14.57
CA SER A 71 25.30 5.67 -15.73
C SER A 71 24.77 6.31 -17.01
N SER A 72 25.32 7.47 -17.37
CA SER A 72 24.89 8.17 -18.58
C SER A 72 25.90 7.97 -19.70
N GLY A 73 27.15 8.31 -19.43
CA GLY A 73 28.19 8.16 -20.43
C GLY A 73 29.29 9.20 -20.29
ZN ZN B . -1.06 0.47 14.80
N GLY A 1 10.72 27.43 -44.35
CA GLY A 1 10.42 27.11 -42.96
C GLY A 1 9.88 25.70 -42.80
N SER A 2 9.88 25.20 -41.57
CA SER A 2 9.39 23.86 -41.28
C SER A 2 9.29 23.63 -39.78
N SER A 3 8.49 22.64 -39.39
CA SER A 3 8.29 22.32 -37.99
C SER A 3 7.46 21.05 -37.82
N GLY A 4 7.43 20.53 -36.61
CA GLY A 4 6.67 19.32 -36.34
C GLY A 4 6.73 18.90 -34.89
N SER A 5 5.92 17.91 -34.51
CA SER A 5 5.89 17.41 -33.15
C SER A 5 5.19 16.06 -33.08
N SER A 6 5.47 15.31 -32.02
CA SER A 6 4.88 14.00 -31.83
C SER A 6 5.06 13.51 -30.39
N GLY A 7 3.95 13.41 -29.67
CA GLY A 7 4.01 12.96 -28.29
C GLY A 7 3.56 11.52 -28.12
N ARG A 8 4.05 10.87 -27.07
CA ARG A 8 3.69 9.48 -26.80
C ARG A 8 3.49 9.25 -25.31
N LYS A 9 2.27 8.92 -24.93
CA LYS A 9 1.94 8.67 -23.53
C LYS A 9 0.54 8.07 -23.39
N LYS A 10 0.47 6.82 -22.98
CA LYS A 10 -0.81 6.13 -22.81
C LYS A 10 -0.87 5.43 -21.45
N PRO A 11 -2.09 5.17 -20.97
CA PRO A 11 -2.32 4.51 -19.69
C PRO A 11 -1.92 3.04 -19.72
N VAL A 12 -1.85 2.42 -18.54
CA VAL A 12 -1.47 1.02 -18.44
C VAL A 12 -2.61 0.18 -17.88
N SER A 13 -3.25 -0.60 -18.75
CA SER A 13 -4.37 -1.44 -18.34
C SER A 13 -3.89 -2.84 -17.97
N GLN A 14 -3.93 -3.16 -16.68
CA GLN A 14 -3.50 -4.46 -16.20
C GLN A 14 -4.51 -5.05 -15.22
N SER A 15 -4.72 -6.36 -15.30
CA SER A 15 -5.67 -7.03 -14.42
C SER A 15 -5.09 -7.19 -13.02
N LEU A 16 -5.98 -7.29 -12.02
CA LEU A 16 -5.55 -7.44 -10.64
C LEU A 16 -4.43 -8.46 -10.52
N GLU A 17 -3.70 -8.42 -9.41
CA GLU A 17 -2.62 -9.34 -9.17
C GLU A 17 -3.08 -10.54 -8.34
N PHE A 18 -4.07 -10.31 -7.50
CA PHE A 18 -4.61 -11.36 -6.64
C PHE A 18 -6.04 -11.71 -7.04
N PRO A 19 -6.25 -12.98 -7.43
CA PRO A 19 -7.57 -13.46 -7.86
C PRO A 19 -8.55 -13.56 -6.70
N THR A 20 -8.02 -13.49 -5.47
CA THR A 20 -8.86 -13.56 -4.28
C THR A 20 -9.50 -12.22 -3.97
N ARG A 21 -10.80 -12.24 -3.68
CA ARG A 21 -11.52 -11.02 -3.37
C ARG A 21 -10.83 -10.24 -2.25
N TYR A 22 -10.39 -10.96 -1.23
CA TYR A 22 -9.71 -10.33 -0.09
C TYR A 22 -8.27 -10.82 0.02
N SER A 23 -7.49 -10.14 0.86
CA SER A 23 -6.09 -10.51 1.05
C SER A 23 -5.86 -11.06 2.46
N PRO A 24 -5.76 -12.39 2.55
CA PRO A 24 -5.54 -13.08 3.83
C PRO A 24 -4.14 -12.84 4.39
N TYR A 25 -3.15 -12.91 3.51
CA TYR A 25 -1.76 -12.70 3.91
C TYR A 25 -1.48 -11.20 4.11
N ARG A 26 -0.78 -10.88 5.19
CA ARG A 26 -0.44 -9.49 5.50
C ARG A 26 1.03 -9.37 5.89
N PRO A 27 1.89 -9.10 4.88
CA PRO A 27 3.33 -8.94 5.09
C PRO A 27 3.67 -7.68 5.87
N TYR A 28 2.75 -6.72 5.88
CA TYR A 28 2.95 -5.46 6.58
C TYR A 28 2.24 -5.47 7.93
N ARG A 29 3.01 -5.46 9.00
CA ARG A 29 2.46 -5.47 10.35
C ARG A 29 2.96 -4.26 11.15
N CYS A 30 2.12 -3.77 12.06
CA CYS A 30 2.47 -2.62 12.88
C CYS A 30 3.53 -3.01 13.92
N VAL A 31 4.51 -2.12 14.12
CA VAL A 31 5.57 -2.36 15.08
C VAL A 31 5.12 -2.02 16.49
N HIS A 32 4.20 -1.08 16.61
CA HIS A 32 3.68 -0.67 17.90
C HIS A 32 3.22 -1.87 18.72
N GLN A 33 3.91 -2.14 19.81
CA GLN A 33 3.57 -3.27 20.66
C GLN A 33 2.06 -3.33 20.90
N GLY A 34 1.48 -2.21 21.29
CA GLY A 34 0.05 -2.17 21.55
C GLY A 34 -0.75 -1.79 20.31
N CYS A 35 -0.69 -2.64 19.29
CA CYS A 35 -1.40 -2.40 18.04
C CYS A 35 -1.43 -3.65 17.18
N PHE A 36 -2.63 -4.05 16.77
CA PHE A 36 -2.81 -5.23 15.94
C PHE A 36 -3.43 -4.87 14.60
N ALA A 37 -2.62 -4.30 13.72
CA ALA A 37 -3.09 -3.92 12.39
C ALA A 37 -2.14 -4.38 11.30
N ALA A 38 -2.65 -5.19 10.38
CA ALA A 38 -1.84 -5.71 9.28
C ALA A 38 -2.48 -5.41 7.93
N PHE A 39 -1.73 -4.73 7.06
CA PHE A 39 -2.23 -4.38 5.74
C PHE A 39 -1.38 -5.03 4.65
N THR A 40 -1.82 -4.90 3.41
CA THR A 40 -1.12 -5.47 2.28
C THR A 40 -0.27 -4.42 1.56
N ILE A 41 -0.85 -3.26 1.33
CA ILE A 41 -0.15 -2.17 0.65
C ILE A 41 0.61 -1.30 1.66
N GLN A 42 1.80 -0.88 1.27
CA GLN A 42 2.63 -0.05 2.14
C GLN A 42 2.02 1.34 2.30
N GLN A 43 1.23 1.76 1.32
CA GLN A 43 0.58 3.06 1.37
C GLN A 43 -0.56 3.07 2.37
N ASN A 44 -1.55 2.21 2.15
CA ASN A 44 -2.70 2.11 3.04
C ASN A 44 -2.26 1.86 4.48
N LEU A 45 -1.00 1.49 4.64
CA LEU A 45 -0.44 1.23 5.96
C LEU A 45 0.09 2.50 6.60
N ILE A 46 0.45 3.47 5.77
CA ILE A 46 0.97 4.74 6.25
C ILE A 46 -0.10 5.52 7.01
N LEU A 47 -1.19 5.84 6.32
CA LEU A 47 -2.29 6.58 6.94
C LEU A 47 -2.70 5.94 8.26
N HIS A 48 -2.73 4.62 8.29
CA HIS A 48 -3.11 3.89 9.50
C HIS A 48 -2.47 4.51 10.74
N TYR A 49 -1.18 4.84 10.63
CA TYR A 49 -0.45 5.43 11.74
C TYR A 49 -0.92 6.87 11.99
N GLN A 50 -1.28 7.57 10.91
CA GLN A 50 -1.74 8.94 11.01
C GLN A 50 -3.19 8.99 11.51
N ALA A 51 -3.87 7.86 11.43
CA ALA A 51 -5.26 7.76 11.87
C ALA A 51 -5.36 7.15 13.26
N VAL A 52 -4.36 6.34 13.61
CA VAL A 52 -4.33 5.70 14.92
C VAL A 52 -3.35 6.39 15.86
N HIS A 53 -2.11 6.52 15.42
CA HIS A 53 -1.07 7.17 16.22
C HIS A 53 -0.86 8.61 15.77
N LYS A 54 -1.69 9.06 14.82
CA LYS A 54 -1.59 10.42 14.31
C LYS A 54 -0.15 10.91 14.33
N SER A 55 0.77 10.05 13.91
CA SER A 55 2.19 10.40 13.88
C SER A 55 2.90 9.70 12.73
N ASP A 56 4.21 9.89 12.63
CA ASP A 56 5.00 9.28 11.57
C ASP A 56 5.44 7.87 11.97
N LEU A 57 5.81 7.08 10.98
CA LEU A 57 6.24 5.70 11.22
C LEU A 57 7.61 5.45 10.57
N PRO A 58 8.35 4.48 11.13
CA PRO A 58 9.68 4.11 10.63
C PRO A 58 9.61 3.40 9.28
N ALA A 59 10.77 3.15 8.69
CA ALA A 59 10.83 2.48 7.40
C ALA A 59 10.27 3.36 6.29
N PHE A 60 10.35 4.67 6.49
CA PHE A 60 9.84 5.62 5.50
C PHE A 60 10.85 5.84 4.38
N SER A 61 12.00 6.42 4.73
CA SER A 61 13.05 6.69 3.74
C SER A 61 13.76 5.40 3.35
N ALA A 62 13.75 5.11 2.05
CA ALA A 62 14.39 3.90 1.54
C ALA A 62 14.37 3.87 0.02
N GLU A 63 14.91 2.80 -0.56
CA GLU A 63 14.95 2.66 -2.01
C GLU A 63 13.59 2.23 -2.55
N VAL A 64 12.90 3.16 -3.21
CA VAL A 64 11.59 2.87 -3.78
C VAL A 64 11.43 3.53 -5.15
N GLU A 65 10.41 3.11 -5.88
CA GLU A 65 10.15 3.67 -7.21
C GLU A 65 8.67 3.99 -7.38
N GLU A 66 8.19 5.01 -6.66
CA GLU A 66 6.80 5.41 -6.73
C GLU A 66 6.39 5.71 -8.18
N GLU A 67 5.70 4.75 -8.79
CA GLU A 67 5.25 4.90 -10.16
C GLU A 67 3.73 4.83 -10.25
N SER A 68 3.17 5.51 -11.25
CA SER A 68 1.72 5.54 -11.44
C SER A 68 1.10 4.21 -11.05
N GLY A 69 0.51 4.15 -9.86
CA GLY A 69 -0.11 2.93 -9.39
C GLY A 69 -0.91 2.23 -10.48
N PRO A 70 -0.63 0.94 -10.69
CA PRO A 70 -1.31 0.13 -11.70
C PRO A 70 -2.76 -0.15 -11.34
N SER A 71 -2.98 -0.62 -10.11
CA SER A 71 -4.32 -0.93 -9.64
C SER A 71 -4.32 -1.26 -8.15
N SER A 72 -5.51 -1.29 -7.56
CA SER A 72 -5.64 -1.58 -6.13
C SER A 72 -5.85 -3.08 -5.91
N GLY A 73 -5.38 -3.57 -4.77
CA GLY A 73 -5.51 -4.98 -4.44
C GLY A 73 -5.53 -5.24 -2.96
ZN ZN B . -0.65 0.71 14.48
N GLY A 1 41.90 14.13 -18.99
CA GLY A 1 41.00 13.00 -19.11
C GLY A 1 39.62 13.29 -18.54
N SER A 2 38.67 12.40 -18.79
CA SER A 2 37.31 12.56 -18.31
C SER A 2 36.66 11.21 -18.03
N SER A 3 35.71 11.21 -17.11
CA SER A 3 35.01 9.99 -16.73
C SER A 3 33.56 10.28 -16.37
N GLY A 4 32.76 9.22 -16.26
CA GLY A 4 31.35 9.39 -15.91
C GLY A 4 30.79 8.17 -15.20
N SER A 5 30.38 7.17 -15.97
CA SER A 5 29.82 5.95 -15.40
C SER A 5 28.55 6.26 -14.61
N SER A 6 27.70 7.10 -15.19
CA SER A 6 26.44 7.47 -14.54
C SER A 6 25.47 6.30 -14.49
N GLY A 7 24.68 6.24 -13.43
CA GLY A 7 23.71 5.16 -13.29
C GLY A 7 22.29 5.63 -13.49
N ARG A 8 21.39 4.70 -13.78
CA ARG A 8 19.99 5.01 -14.00
C ARG A 8 19.09 4.19 -13.08
N LYS A 9 18.19 4.86 -12.37
CA LYS A 9 17.27 4.18 -11.46
C LYS A 9 15.84 4.20 -12.02
N LYS A 10 15.31 3.02 -12.29
CA LYS A 10 13.96 2.90 -12.82
C LYS A 10 13.07 2.09 -11.88
N PRO A 11 11.86 2.59 -11.63
CA PRO A 11 10.89 1.93 -10.75
C PRO A 11 10.34 0.63 -11.36
N VAL A 12 9.63 -0.14 -10.54
CA VAL A 12 9.05 -1.40 -11.00
C VAL A 12 7.53 -1.34 -11.01
N SER A 13 6.95 -0.99 -9.86
CA SER A 13 5.51 -0.90 -9.72
C SER A 13 4.84 -2.26 -9.99
N GLN A 14 5.49 -3.31 -9.52
CA GLN A 14 4.97 -4.67 -9.70
C GLN A 14 3.57 -4.79 -9.09
N SER A 15 2.75 -5.65 -9.70
CA SER A 15 1.38 -5.86 -9.23
C SER A 15 1.37 -6.65 -7.93
N LEU A 16 0.22 -6.71 -7.29
CA LEU A 16 0.07 -7.45 -6.03
C LEU A 16 0.61 -8.87 -6.16
N GLU A 17 1.68 -9.16 -5.44
CA GLU A 17 2.29 -10.48 -5.47
C GLU A 17 1.21 -11.57 -5.55
N PHE A 18 0.09 -11.32 -4.89
CA PHE A 18 -1.01 -12.28 -4.88
C PHE A 18 -2.13 -11.83 -5.81
N PRO A 19 -2.17 -12.40 -7.02
CA PRO A 19 -3.18 -12.08 -8.04
C PRO A 19 -4.56 -12.58 -7.65
N THR A 20 -4.61 -13.51 -6.68
CA THR A 20 -5.86 -14.07 -6.22
C THR A 20 -6.83 -12.98 -5.77
N ARG A 21 -8.10 -13.34 -5.65
CA ARG A 21 -9.13 -12.39 -5.22
C ARG A 21 -8.61 -11.50 -4.09
N TYR A 22 -8.14 -12.12 -3.03
CA TYR A 22 -7.62 -11.39 -1.88
C TYR A 22 -6.45 -12.15 -1.24
N SER A 23 -5.45 -11.40 -0.79
CA SER A 23 -4.28 -11.99 -0.15
C SER A 23 -4.59 -12.38 1.29
N PRO A 24 -4.57 -13.70 1.57
CA PRO A 24 -4.84 -14.22 2.91
C PRO A 24 -3.72 -13.90 3.89
N TYR A 25 -2.56 -13.54 3.37
CA TYR A 25 -1.41 -13.22 4.21
C TYR A 25 -1.28 -11.71 4.38
N ARG A 26 -0.62 -11.30 5.46
CA ARG A 26 -0.42 -9.88 5.74
C ARG A 26 1.02 -9.60 6.16
N PRO A 27 1.85 -9.20 5.18
CA PRO A 27 3.26 -8.90 5.41
C PRO A 27 3.45 -7.62 6.23
N TYR A 28 2.80 -6.55 5.80
CA TYR A 28 2.90 -5.27 6.48
C TYR A 28 2.08 -5.28 7.78
N ARG A 29 2.79 -5.28 8.90
CA ARG A 29 2.13 -5.29 10.21
C ARG A 29 2.71 -4.20 11.12
N CYS A 30 1.83 -3.51 11.83
CA CYS A 30 2.25 -2.45 12.74
C CYS A 30 3.27 -2.96 13.74
N VAL A 31 4.21 -2.10 14.13
CA VAL A 31 5.24 -2.47 15.09
C VAL A 31 4.84 -2.08 16.50
N HIS A 32 4.00 -1.05 16.62
CA HIS A 32 3.53 -0.58 17.91
C HIS A 32 3.28 -1.75 18.86
N GLN A 33 3.46 -1.51 20.15
CA GLN A 33 3.26 -2.54 21.16
C GLN A 33 1.86 -2.43 21.76
N GLY A 34 0.84 -2.63 20.93
CA GLY A 34 -0.52 -2.56 21.41
C GLY A 34 -1.48 -2.12 20.31
N CYS A 35 -1.22 -2.54 19.09
CA CYS A 35 -2.07 -2.18 17.95
C CYS A 35 -2.68 -3.44 17.32
N PHE A 36 -1.82 -4.38 16.93
CA PHE A 36 -2.28 -5.61 16.31
C PHE A 36 -2.95 -5.34 14.97
N ALA A 37 -2.25 -4.59 14.11
CA ALA A 37 -2.79 -4.26 12.80
C ALA A 37 -1.85 -4.72 11.69
N ALA A 38 -2.39 -4.89 10.49
CA ALA A 38 -1.61 -5.34 9.35
C ALA A 38 -2.40 -5.21 8.06
N PHE A 39 -1.77 -4.65 7.03
CA PHE A 39 -2.42 -4.48 5.74
C PHE A 39 -1.61 -5.14 4.63
N THR A 40 -2.15 -5.11 3.41
CA THR A 40 -1.48 -5.72 2.26
C THR A 40 -0.65 -4.68 1.50
N ILE A 41 -1.13 -3.43 1.50
CA ILE A 41 -0.45 -2.36 0.81
C ILE A 41 0.34 -1.48 1.79
N GLN A 42 1.54 -1.10 1.39
CA GLN A 42 2.39 -0.26 2.24
C GLN A 42 1.79 1.13 2.40
N GLN A 43 1.16 1.62 1.34
CA GLN A 43 0.54 2.95 1.38
C GLN A 43 -0.60 3.00 2.38
N ASN A 44 -1.56 2.10 2.22
CA ASN A 44 -2.71 2.03 3.12
C ASN A 44 -2.26 1.84 4.57
N LEU A 45 -0.98 1.52 4.75
CA LEU A 45 -0.42 1.32 6.08
C LEU A 45 0.16 2.62 6.63
N ILE A 46 0.57 3.51 5.74
CA ILE A 46 1.14 4.79 6.14
C ILE A 46 0.11 5.63 6.90
N LEU A 47 -1.12 5.67 6.38
CA LEU A 47 -2.19 6.44 7.00
C LEU A 47 -2.59 5.82 8.34
N HIS A 48 -2.59 4.49 8.38
CA HIS A 48 -2.96 3.78 9.61
C HIS A 48 -2.34 4.43 10.83
N TYR A 49 -1.06 4.78 10.73
CA TYR A 49 -0.35 5.42 11.84
C TYR A 49 -0.84 6.85 12.04
N GLN A 50 -1.33 7.46 10.97
CA GLN A 50 -1.83 8.83 11.02
C GLN A 50 -3.30 8.86 11.42
N ALA A 51 -3.97 7.71 11.29
CA ALA A 51 -5.38 7.61 11.63
C ALA A 51 -5.56 6.97 13.01
N VAL A 52 -4.53 6.27 13.47
CA VAL A 52 -4.57 5.61 14.77
C VAL A 52 -3.74 6.37 15.80
N HIS A 53 -2.47 6.59 15.47
CA HIS A 53 -1.56 7.31 16.37
C HIS A 53 -1.29 8.71 15.85
N LYS A 54 -2.20 9.22 15.02
CA LYS A 54 -2.06 10.56 14.46
C LYS A 54 -0.58 10.91 14.24
N SER A 55 0.18 9.94 13.75
CA SER A 55 1.60 10.15 13.50
C SER A 55 2.10 9.27 12.36
N ASP A 56 3.31 9.52 11.90
CA ASP A 56 3.89 8.75 10.81
C ASP A 56 4.55 7.47 11.34
N LEU A 57 4.60 6.45 10.50
CA LEU A 57 5.20 5.18 10.89
C LEU A 57 6.72 5.26 10.89
N PRO A 58 7.36 4.49 11.77
CA PRO A 58 8.82 4.46 11.89
C PRO A 58 9.49 3.81 10.67
N ALA A 59 9.04 2.60 10.33
CA ALA A 59 9.59 1.88 9.19
C ALA A 59 9.93 2.83 8.06
N PHE A 60 11.20 2.86 7.66
CA PHE A 60 11.66 3.72 6.58
C PHE A 60 10.88 3.45 5.30
N SER A 61 11.12 2.29 4.70
CA SER A 61 10.44 1.90 3.47
C SER A 61 10.18 3.12 2.59
N ALA A 62 11.24 3.87 2.31
CA ALA A 62 11.14 5.07 1.47
C ALA A 62 11.23 4.70 -0.01
N GLU A 63 10.99 3.44 -0.32
CA GLU A 63 11.05 2.97 -1.70
C GLU A 63 9.65 2.80 -2.28
N VAL A 64 8.78 3.78 -2.01
CA VAL A 64 7.41 3.74 -2.50
C VAL A 64 7.24 4.63 -3.73
N GLU A 65 6.35 4.23 -4.62
CA GLU A 65 6.09 4.99 -5.84
C GLU A 65 4.59 5.26 -6.01
N GLU A 66 4.07 6.16 -5.18
CA GLU A 66 2.66 6.51 -5.23
C GLU A 66 2.17 6.62 -6.68
N GLU A 67 1.02 6.03 -6.95
CA GLU A 67 0.45 6.06 -8.30
C GLU A 67 -1.07 5.91 -8.25
N SER A 68 -1.76 6.59 -9.17
CA SER A 68 -3.21 6.54 -9.23
C SER A 68 -3.71 5.10 -9.18
N GLY A 69 -4.60 4.81 -8.24
CA GLY A 69 -5.15 3.48 -8.10
C GLY A 69 -6.02 3.33 -6.87
N PRO A 70 -7.34 3.23 -7.09
CA PRO A 70 -8.31 3.08 -6.00
C PRO A 70 -8.22 1.71 -5.32
N SER A 71 -9.16 1.44 -4.44
CA SER A 71 -9.20 0.17 -3.72
C SER A 71 -10.63 -0.34 -3.56
N SER A 72 -10.77 -1.66 -3.47
CA SER A 72 -12.08 -2.27 -3.32
C SER A 72 -12.41 -2.48 -1.84
N GLY A 73 -11.57 -3.25 -1.17
CA GLY A 73 -11.80 -3.53 0.24
C GLY A 73 -11.51 -4.97 0.61
ZN ZN B . -0.59 0.88 14.70
N GLY A 1 -26.58 34.34 -23.77
CA GLY A 1 -25.99 33.07 -23.39
C GLY A 1 -25.38 32.33 -24.57
N SER A 2 -24.47 31.41 -24.28
CA SER A 2 -23.79 30.65 -25.32
C SER A 2 -23.25 29.33 -24.77
N SER A 3 -22.74 28.49 -25.67
CA SER A 3 -22.20 27.19 -25.26
C SER A 3 -21.29 26.63 -26.36
N GLY A 4 -20.67 25.49 -26.07
CA GLY A 4 -19.78 24.87 -27.04
C GLY A 4 -18.70 24.04 -26.37
N SER A 5 -18.76 22.72 -26.59
CA SER A 5 -17.78 21.82 -26.00
C SER A 5 -17.80 20.46 -26.71
N SER A 6 -16.83 19.62 -26.39
CA SER A 6 -16.72 18.30 -27.00
C SER A 6 -16.17 17.28 -26.01
N GLY A 7 -16.10 16.02 -26.44
CA GLY A 7 -15.60 14.97 -25.58
C GLY A 7 -15.27 13.70 -26.35
N ARG A 8 -14.67 12.74 -25.66
CA ARG A 8 -14.31 11.47 -26.28
C ARG A 8 -13.92 10.43 -25.23
N LYS A 9 -14.38 9.21 -25.41
CA LYS A 9 -14.08 8.13 -24.48
C LYS A 9 -13.76 6.83 -25.23
N LYS A 10 -13.21 5.86 -24.50
CA LYS A 10 -12.85 4.58 -25.10
C LYS A 10 -12.74 3.50 -24.02
N PRO A 11 -12.98 2.24 -24.43
CA PRO A 11 -12.91 1.09 -23.52
C PRO A 11 -11.48 0.80 -23.07
N VAL A 12 -11.32 0.50 -21.77
CA VAL A 12 -10.01 0.19 -21.23
C VAL A 12 -10.13 -0.74 -20.03
N SER A 13 -9.19 -1.68 -19.93
CA SER A 13 -9.19 -2.65 -18.85
C SER A 13 -7.89 -2.56 -18.03
N GLN A 14 -8.00 -2.02 -16.82
CA GLN A 14 -6.84 -1.87 -15.95
C GLN A 14 -6.36 -3.23 -15.45
N SER A 15 -5.05 -3.38 -15.34
CA SER A 15 -4.45 -4.63 -14.88
C SER A 15 -4.02 -4.52 -13.42
N LEU A 16 -3.91 -5.67 -12.75
CA LEU A 16 -3.51 -5.70 -11.35
C LEU A 16 -2.18 -6.43 -11.19
N GLU A 17 -1.63 -6.38 -9.98
CA GLU A 17 -0.36 -7.02 -9.69
C GLU A 17 -0.58 -8.37 -9.01
N PHE A 18 -1.57 -8.42 -8.12
CA PHE A 18 -1.89 -9.65 -7.40
C PHE A 18 -3.12 -10.32 -7.98
N PRO A 19 -2.91 -11.36 -8.81
CA PRO A 19 -3.99 -12.10 -9.44
C PRO A 19 -4.79 -12.94 -8.44
N THR A 20 -5.70 -12.29 -7.73
CA THR A 20 -6.53 -12.96 -6.74
C THR A 20 -7.58 -12.02 -6.15
N ARG A 21 -8.65 -12.59 -5.64
CA ARG A 21 -9.73 -11.80 -5.05
C ARG A 21 -9.19 -10.88 -3.96
N TYR A 22 -8.23 -11.38 -3.20
CA TYR A 22 -7.62 -10.61 -2.12
C TYR A 22 -6.33 -11.25 -1.65
N SER A 23 -5.49 -10.46 -0.98
CA SER A 23 -4.21 -10.95 -0.47
C SER A 23 -4.31 -11.29 1.01
N PRO A 24 -4.45 -12.60 1.32
CA PRO A 24 -4.55 -13.07 2.69
C PRO A 24 -3.24 -12.94 3.46
N TYR A 25 -2.18 -12.57 2.75
CA TYR A 25 -0.87 -12.40 3.36
C TYR A 25 -0.55 -10.91 3.54
N ARG A 26 -0.35 -10.50 4.79
CA ARG A 26 -0.03 -9.11 5.10
C ARG A 26 1.44 -8.97 5.44
N PRO A 27 2.23 -8.51 4.46
CA PRO A 27 3.68 -8.31 4.63
C PRO A 27 4.00 -7.14 5.55
N TYR A 28 3.02 -6.24 5.72
CA TYR A 28 3.20 -5.07 6.57
C TYR A 28 2.27 -5.14 7.78
N ARG A 29 2.86 -5.20 8.97
CA ARG A 29 2.09 -5.26 10.20
C ARG A 29 2.62 -4.28 11.23
N CYS A 30 1.79 -3.32 11.62
CA CYS A 30 2.18 -2.32 12.60
C CYS A 30 3.12 -2.91 13.64
N VAL A 31 4.17 -2.16 13.98
CA VAL A 31 5.14 -2.62 14.97
C VAL A 31 4.64 -2.37 16.40
N HIS A 32 3.71 -1.43 16.52
CA HIS A 32 3.14 -1.08 17.83
C HIS A 32 2.93 -2.35 18.67
N GLN A 33 3.28 -2.27 19.94
CA GLN A 33 3.13 -3.39 20.85
C GLN A 33 1.74 -3.40 21.48
N GLY A 34 0.74 -3.81 20.70
CA GLY A 34 -0.62 -3.86 21.18
C GLY A 34 -1.59 -3.12 20.28
N CYS A 35 -1.34 -3.16 18.98
CA CYS A 35 -2.19 -2.48 18.02
C CYS A 35 -2.88 -3.49 17.10
N PHE A 36 -2.24 -4.63 16.88
CA PHE A 36 -2.79 -5.67 16.04
C PHE A 36 -3.26 -5.09 14.70
N ALA A 37 -2.37 -4.39 14.02
CA ALA A 37 -2.70 -3.79 12.73
C ALA A 37 -1.94 -4.49 11.59
N ALA A 38 -2.62 -4.64 10.46
CA ALA A 38 -2.02 -5.29 9.30
C ALA A 38 -2.62 -4.75 8.00
N PHE A 39 -1.81 -4.71 6.96
CA PHE A 39 -2.27 -4.23 5.65
C PHE A 39 -1.51 -4.91 4.52
N THR A 40 -2.00 -4.73 3.30
CA THR A 40 -1.37 -5.33 2.13
C THR A 40 -0.43 -4.35 1.44
N ILE A 41 -0.96 -3.18 1.10
CA ILE A 41 -0.17 -2.15 0.44
C ILE A 41 0.67 -1.37 1.44
N GLN A 42 1.86 -0.94 1.01
CA GLN A 42 2.75 -0.19 1.87
C GLN A 42 2.19 1.21 2.16
N GLN A 43 1.28 1.66 1.31
CA GLN A 43 0.67 2.98 1.47
C GLN A 43 -0.49 2.91 2.46
N ASN A 44 -1.40 1.96 2.23
CA ASN A 44 -2.56 1.80 3.10
C ASN A 44 -2.13 1.64 4.56
N LEU A 45 -0.86 1.33 4.76
CA LEU A 45 -0.32 1.16 6.11
C LEU A 45 0.09 2.50 6.71
N ILE A 46 0.38 3.46 5.85
CA ILE A 46 0.79 4.79 6.29
C ILE A 46 -0.35 5.48 7.05
N LEU A 47 -1.45 5.73 6.34
CA LEU A 47 -2.61 6.39 6.93
C LEU A 47 -2.91 5.82 8.31
N HIS A 48 -2.90 4.49 8.41
CA HIS A 48 -3.16 3.82 9.67
C HIS A 48 -2.38 4.47 10.82
N TYR A 49 -1.07 4.62 10.62
CA TYR A 49 -0.22 5.22 11.63
C TYR A 49 -0.60 6.67 11.87
N GLN A 50 -1.18 7.30 10.85
CA GLN A 50 -1.58 8.70 10.94
C GLN A 50 -3.03 8.82 11.38
N ALA A 51 -3.74 7.69 11.36
CA ALA A 51 -5.14 7.66 11.75
C ALA A 51 -5.32 7.13 13.17
N VAL A 52 -4.39 6.28 13.59
CA VAL A 52 -4.43 5.69 14.93
C VAL A 52 -3.55 6.47 15.89
N HIS A 53 -2.27 6.60 15.54
CA HIS A 53 -1.32 7.32 16.38
C HIS A 53 -0.99 8.69 15.77
N LYS A 54 -1.76 9.08 14.77
CA LYS A 54 -1.54 10.37 14.10
C LYS A 54 -0.06 10.73 14.10
N SER A 55 0.80 9.75 13.85
CA SER A 55 2.23 9.98 13.83
C SER A 55 2.87 9.28 12.62
N ASP A 56 4.20 9.33 12.56
CA ASP A 56 4.94 8.70 11.47
C ASP A 56 5.37 7.29 11.84
N LEU A 57 5.84 6.54 10.85
CA LEU A 57 6.30 5.17 11.08
C LEU A 57 7.69 4.95 10.51
N PRO A 58 8.40 3.96 11.05
CA PRO A 58 9.76 3.61 10.60
C PRO A 58 9.78 3.00 9.21
N ALA A 59 10.97 2.68 8.72
CA ALA A 59 11.12 2.08 7.40
C ALA A 59 12.54 1.58 7.18
N PHE A 60 12.69 0.61 6.28
CA PHE A 60 14.00 0.04 5.99
C PHE A 60 14.38 0.30 4.53
N SER A 61 14.97 1.47 4.26
CA SER A 61 15.37 1.83 2.92
C SER A 61 14.35 1.34 1.89
N ALA A 62 13.08 1.46 2.22
CA ALA A 62 12.00 1.04 1.33
C ALA A 62 12.03 1.83 0.03
N GLU A 63 11.09 1.53 -0.86
CA GLU A 63 11.00 2.22 -2.15
C GLU A 63 10.38 3.60 -1.99
N VAL A 64 11.23 4.60 -1.73
CA VAL A 64 10.77 5.97 -1.55
C VAL A 64 11.05 6.80 -2.80
N GLU A 65 10.47 7.99 -2.85
CA GLU A 65 10.66 8.89 -3.99
C GLU A 65 9.98 8.34 -5.23
N GLU A 66 8.84 7.68 -5.03
CA GLU A 66 8.09 7.10 -6.14
C GLU A 66 7.32 8.18 -6.90
N GLU A 67 6.70 7.80 -8.01
CA GLU A 67 5.94 8.73 -8.83
C GLU A 67 4.46 8.41 -8.77
N SER A 68 4.14 7.11 -8.72
CA SER A 68 2.75 6.67 -8.67
C SER A 68 1.88 7.51 -9.59
N GLY A 69 2.42 7.85 -10.76
CA GLY A 69 1.68 8.66 -11.72
C GLY A 69 0.25 8.19 -11.87
N PRO A 70 -0.69 8.94 -11.28
CA PRO A 70 -2.12 8.63 -11.33
C PRO A 70 -2.71 8.84 -12.72
N SER A 71 -3.93 8.35 -12.93
CA SER A 71 -4.60 8.49 -14.22
C SER A 71 -6.09 8.71 -14.03
N SER A 72 -6.70 9.44 -14.95
CA SER A 72 -8.12 9.73 -14.89
C SER A 72 -8.63 10.25 -16.23
N GLY A 73 -9.48 9.45 -16.88
CA GLY A 73 -10.02 9.85 -18.16
C GLY A 73 -11.49 10.21 -18.09
ZN ZN B . -0.72 0.82 14.92
N GLY A 1 -10.94 23.89 -51.45
CA GLY A 1 -11.26 23.21 -50.21
C GLY A 1 -10.43 21.96 -50.01
N SER A 2 -9.92 21.78 -48.79
CA SER A 2 -9.09 20.62 -48.47
C SER A 2 -9.83 19.67 -47.53
N SER A 3 -9.21 18.52 -47.26
CA SER A 3 -9.82 17.53 -46.38
C SER A 3 -8.74 16.82 -45.56
N GLY A 4 -9.17 15.91 -44.69
CA GLY A 4 -8.25 15.18 -43.85
C GLY A 4 -8.69 13.75 -43.61
N SER A 5 -8.06 13.10 -42.63
CA SER A 5 -8.40 11.72 -42.29
C SER A 5 -7.96 11.39 -40.86
N SER A 6 -8.79 10.63 -40.16
CA SER A 6 -8.49 10.24 -38.79
C SER A 6 -8.79 8.76 -38.57
N GLY A 7 -8.34 8.23 -37.42
CA GLY A 7 -8.56 6.84 -37.11
C GLY A 7 -8.52 6.56 -35.62
N ARG A 8 -9.14 5.46 -35.20
CA ARG A 8 -9.16 5.08 -33.80
C ARG A 8 -8.78 3.62 -33.61
N LYS A 9 -8.68 3.20 -32.35
CA LYS A 9 -8.33 1.82 -32.04
C LYS A 9 -9.22 1.26 -30.93
N LYS A 10 -9.17 -0.05 -30.75
CA LYS A 10 -9.97 -0.70 -29.71
C LYS A 10 -9.20 -0.78 -28.39
N PRO A 11 -9.94 -0.79 -27.29
CA PRO A 11 -9.35 -0.86 -25.94
C PRO A 11 -8.73 -2.23 -25.66
N VAL A 12 -8.30 -2.42 -24.41
CA VAL A 12 -7.70 -3.69 -24.01
C VAL A 12 -7.44 -3.72 -22.51
N SER A 13 -7.85 -4.81 -21.86
CA SER A 13 -7.66 -4.96 -20.43
C SER A 13 -6.59 -6.01 -20.12
N GLN A 14 -6.31 -6.20 -18.84
CA GLN A 14 -5.30 -7.17 -18.41
C GLN A 14 -5.58 -7.65 -16.98
N SER A 15 -4.89 -8.70 -16.58
CA SER A 15 -5.06 -9.26 -15.25
C SER A 15 -3.70 -9.60 -14.62
N LEU A 16 -3.64 -9.55 -13.30
CA LEU A 16 -2.41 -9.87 -12.58
C LEU A 16 -2.09 -11.36 -12.67
N GLU A 17 -0.86 -11.66 -13.10
CA GLU A 17 -0.43 -13.06 -13.23
C GLU A 17 -0.95 -13.89 -12.07
N PHE A 18 -1.08 -13.27 -10.90
CA PHE A 18 -1.56 -13.96 -9.72
C PHE A 18 -2.97 -14.50 -9.94
N PRO A 19 -3.21 -15.74 -9.47
CA PRO A 19 -4.52 -16.39 -9.60
C PRO A 19 -5.58 -15.75 -8.72
N THR A 20 -5.20 -14.69 -8.03
CA THR A 20 -6.12 -13.97 -7.15
C THR A 20 -6.00 -12.46 -7.32
N ARG A 21 -7.14 -11.78 -7.27
CA ARG A 21 -7.15 -10.33 -7.42
C ARG A 21 -6.64 -9.65 -6.16
N TYR A 22 -6.63 -10.38 -5.06
CA TYR A 22 -6.17 -9.85 -3.78
C TYR A 22 -5.25 -10.84 -3.07
N SER A 23 -4.42 -10.32 -2.17
CA SER A 23 -3.49 -11.15 -1.43
C SER A 23 -3.98 -11.40 -0.01
N PRO A 24 -4.28 -12.68 0.30
CA PRO A 24 -4.77 -13.08 1.63
C PRO A 24 -3.69 -12.97 2.69
N TYR A 25 -2.51 -12.51 2.29
CA TYR A 25 -1.40 -12.36 3.23
C TYR A 25 -1.16 -10.89 3.57
N ARG A 26 -0.55 -10.65 4.72
CA ARG A 26 -0.27 -9.29 5.17
C ARG A 26 1.21 -9.12 5.49
N PRO A 27 2.00 -8.76 4.48
CA PRO A 27 3.45 -8.56 4.64
C PRO A 27 3.77 -7.32 5.46
N TYR A 28 2.74 -6.55 5.80
CA TYR A 28 2.92 -5.33 6.59
C TYR A 28 2.19 -5.44 7.92
N ARG A 29 2.94 -5.34 9.01
CA ARG A 29 2.36 -5.42 10.35
C ARG A 29 2.90 -4.30 11.24
N CYS A 30 1.98 -3.63 11.94
CA CYS A 30 2.37 -2.53 12.82
C CYS A 30 3.44 -2.97 13.80
N VAL A 31 4.28 -2.03 14.22
CA VAL A 31 5.35 -2.32 15.16
C VAL A 31 4.94 -2.00 16.59
N HIS A 32 4.16 -0.93 16.75
CA HIS A 32 3.69 -0.52 18.07
C HIS A 32 3.30 -1.71 18.91
N GLN A 33 4.01 -1.92 20.03
CA GLN A 33 3.73 -3.03 20.92
C GLN A 33 2.23 -3.15 21.19
N GLY A 34 1.62 -2.05 21.59
CA GLY A 34 0.19 -2.05 21.88
C GLY A 34 -0.65 -1.77 20.66
N CYS A 35 -0.46 -2.58 19.61
CA CYS A 35 -1.21 -2.42 18.38
C CYS A 35 -1.12 -3.68 17.51
N PHE A 36 -2.27 -4.27 17.22
CA PHE A 36 -2.32 -5.48 16.41
C PHE A 36 -3.03 -5.22 15.08
N ALA A 37 -2.33 -4.55 14.17
CA ALA A 37 -2.90 -4.23 12.86
C ALA A 37 -1.99 -4.72 11.73
N ALA A 38 -2.55 -4.83 10.53
CA ALA A 38 -1.79 -5.28 9.38
C ALA A 38 -2.52 -4.96 8.08
N PHE A 39 -1.78 -4.49 7.08
CA PHE A 39 -2.37 -4.15 5.79
C PHE A 39 -1.62 -4.84 4.66
N THR A 40 -2.15 -4.72 3.44
CA THR A 40 -1.53 -5.33 2.27
C THR A 40 -0.65 -4.34 1.53
N ILE A 41 -1.19 -3.16 1.26
CA ILE A 41 -0.46 -2.12 0.55
C ILE A 41 0.35 -1.26 1.53
N GLN A 42 1.59 -0.95 1.14
CA GLN A 42 2.46 -0.13 1.98
C GLN A 42 1.85 1.24 2.23
N GLN A 43 1.16 1.77 1.22
CA GLN A 43 0.53 3.07 1.34
C GLN A 43 -0.59 3.05 2.37
N ASN A 44 -1.57 2.17 2.15
CA ASN A 44 -2.71 2.05 3.06
C ASN A 44 -2.23 1.86 4.49
N LEU A 45 -0.97 1.52 4.65
CA LEU A 45 -0.39 1.30 5.98
C LEU A 45 0.17 2.60 6.54
N ILE A 46 0.56 3.51 5.65
CA ILE A 46 1.11 4.79 6.06
C ILE A 46 0.10 5.59 6.86
N LEU A 47 -1.15 5.59 6.41
CA LEU A 47 -2.22 6.31 7.07
C LEU A 47 -2.57 5.64 8.40
N HIS A 48 -2.63 4.31 8.40
CA HIS A 48 -2.96 3.56 9.60
C HIS A 48 -2.37 4.23 10.83
N TYR A 49 -1.15 4.73 10.72
CA TYR A 49 -0.48 5.39 11.83
C TYR A 49 -1.02 6.81 12.02
N GLN A 50 -1.28 7.49 10.92
CA GLN A 50 -1.80 8.85 10.95
C GLN A 50 -3.25 8.87 11.38
N ALA A 51 -3.91 7.71 11.29
CA ALA A 51 -5.31 7.59 11.67
C ALA A 51 -5.45 7.00 13.07
N VAL A 52 -4.45 6.23 13.48
CA VAL A 52 -4.47 5.60 14.79
C VAL A 52 -3.57 6.35 15.77
N HIS A 53 -2.30 6.51 15.38
CA HIS A 53 -1.33 7.21 16.22
C HIS A 53 -1.09 8.62 15.70
N LYS A 54 -2.03 9.14 14.93
CA LYS A 54 -1.92 10.49 14.38
C LYS A 54 -0.47 10.82 14.06
N SER A 55 0.24 9.87 13.48
CA SER A 55 1.65 10.06 13.13
C SER A 55 2.01 9.28 11.86
N ASP A 56 3.29 9.32 11.51
CA ASP A 56 3.77 8.60 10.33
C ASP A 56 4.67 7.45 10.72
N LEU A 57 5.12 6.68 9.73
CA LEU A 57 5.98 5.54 9.97
C LEU A 57 7.39 5.99 10.34
N PRO A 58 8.14 5.12 11.03
CA PRO A 58 9.51 5.41 11.46
C PRO A 58 10.48 5.45 10.29
N ALA A 59 11.76 5.66 10.59
CA ALA A 59 12.79 5.71 9.56
C ALA A 59 13.12 4.32 9.03
N PHE A 60 12.21 3.77 8.24
CA PHE A 60 12.40 2.44 7.66
C PHE A 60 12.80 2.53 6.19
N SER A 61 12.04 3.31 5.43
CA SER A 61 12.31 3.49 4.00
C SER A 61 12.22 4.95 3.61
N ALA A 62 13.38 5.60 3.50
CA ALA A 62 13.45 7.01 3.13
C ALA A 62 14.30 7.21 1.88
N GLU A 63 15.61 7.14 2.05
CA GLU A 63 16.53 7.32 0.94
C GLU A 63 17.11 5.97 0.49
N VAL A 64 16.27 5.16 -0.15
CA VAL A 64 16.69 3.85 -0.64
C VAL A 64 16.16 3.59 -2.04
N GLU A 65 16.91 2.79 -2.80
CA GLU A 65 16.52 2.46 -4.16
C GLU A 65 16.67 0.96 -4.43
N GLU A 66 15.62 0.20 -4.13
CA GLU A 66 15.64 -1.25 -4.33
C GLU A 66 15.43 -1.59 -5.81
N GLU A 67 16.53 -1.87 -6.49
CA GLU A 67 16.47 -2.22 -7.91
C GLU A 67 15.92 -3.63 -8.10
N SER A 68 16.44 -4.57 -7.33
CA SER A 68 16.00 -5.97 -7.41
C SER A 68 16.64 -6.81 -6.31
N GLY A 69 16.03 -7.95 -6.01
CA GLY A 69 16.55 -8.82 -4.98
C GLY A 69 16.32 -10.29 -5.29
N PRO A 70 17.41 -11.06 -5.37
CA PRO A 70 17.34 -12.50 -5.67
C PRO A 70 16.75 -13.29 -4.52
N SER A 71 15.56 -13.85 -4.75
CA SER A 71 14.87 -14.64 -3.73
C SER A 71 14.02 -15.73 -4.38
N SER A 72 14.21 -16.97 -3.93
CA SER A 72 13.47 -18.11 -4.46
C SER A 72 13.78 -19.37 -3.67
N GLY A 73 12.95 -20.39 -3.86
CA GLY A 73 13.15 -21.65 -3.16
C GLY A 73 12.32 -21.75 -1.89
ZN ZN B . -0.61 0.60 14.84
N GLY A 1 31.57 31.86 9.51
CA GLY A 1 30.75 32.86 10.16
C GLY A 1 29.28 32.50 10.17
N SER A 2 28.78 32.00 9.04
CA SER A 2 27.39 31.62 8.92
C SER A 2 27.26 30.16 8.48
N SER A 3 26.05 29.61 8.58
CA SER A 3 25.80 28.24 8.19
C SER A 3 24.57 28.14 7.30
N GLY A 4 24.31 26.94 6.78
CA GLY A 4 23.16 26.74 5.92
C GLY A 4 22.99 25.28 5.51
N SER A 5 22.00 25.02 4.66
CA SER A 5 21.74 23.66 4.19
C SER A 5 20.71 23.66 3.07
N SER A 6 20.78 22.66 2.21
CA SER A 6 19.86 22.54 1.09
C SER A 6 19.99 21.18 0.41
N GLY A 7 18.87 20.67 -0.11
CA GLY A 7 18.88 19.39 -0.77
C GLY A 7 17.49 18.88 -1.06
N ARG A 8 17.40 17.86 -1.92
CA ARG A 8 16.11 17.29 -2.28
C ARG A 8 16.30 15.95 -3.00
N LYS A 9 15.21 15.20 -3.14
CA LYS A 9 15.25 13.90 -3.80
C LYS A 9 14.18 13.81 -4.88
N LYS A 10 14.61 13.66 -6.13
CA LYS A 10 13.67 13.55 -7.25
C LYS A 10 12.72 12.38 -7.05
N PRO A 11 11.43 12.59 -7.41
CA PRO A 11 10.40 11.57 -7.28
C PRO A 11 10.59 10.42 -8.27
N VAL A 12 11.37 9.42 -7.86
CA VAL A 12 11.62 8.26 -8.71
C VAL A 12 11.20 6.97 -8.02
N SER A 13 9.90 6.66 -8.10
CA SER A 13 9.37 5.46 -7.48
C SER A 13 8.61 4.61 -8.51
N GLN A 14 9.36 3.79 -9.25
CA GLN A 14 8.77 2.94 -10.27
C GLN A 14 8.70 1.49 -9.78
N SER A 15 8.28 1.31 -8.54
CA SER A 15 8.18 -0.02 -7.95
C SER A 15 6.77 -0.58 -8.13
N LEU A 16 6.65 -1.90 -8.02
CA LEU A 16 5.35 -2.57 -8.17
C LEU A 16 4.33 -1.96 -7.22
N GLU A 17 3.05 -2.10 -7.58
CA GLU A 17 1.96 -1.56 -6.77
C GLU A 17 1.29 -2.67 -5.96
N PHE A 18 1.34 -3.89 -6.49
CA PHE A 18 0.73 -5.04 -5.82
C PHE A 18 1.55 -6.30 -6.06
N PRO A 19 1.63 -7.15 -5.03
CA PRO A 19 2.38 -8.41 -5.10
C PRO A 19 1.72 -9.43 -6.02
N THR A 20 0.42 -9.64 -5.83
CA THR A 20 -0.33 -10.60 -6.64
C THR A 20 -1.76 -10.11 -6.87
N ARG A 21 -2.54 -10.92 -7.58
CA ARG A 21 -3.92 -10.57 -7.88
C ARG A 21 -4.71 -10.37 -6.59
N TYR A 22 -4.23 -10.95 -5.51
CA TYR A 22 -4.89 -10.84 -4.21
C TYR A 22 -3.87 -10.81 -3.07
N SER A 23 -4.34 -10.52 -1.87
CA SER A 23 -3.47 -10.45 -0.70
C SER A 23 -3.72 -11.64 0.24
N PRO A 24 -2.96 -12.72 0.04
CA PRO A 24 -3.08 -13.93 0.85
C PRO A 24 -2.58 -13.72 2.28
N TYR A 25 -1.47 -13.01 2.41
CA TYR A 25 -0.89 -12.74 3.72
C TYR A 25 -0.66 -11.25 3.92
N ARG A 26 -0.36 -10.86 5.15
CA ARG A 26 -0.12 -9.45 5.48
C ARG A 26 1.37 -9.21 5.76
N PRO A 27 2.11 -8.82 4.71
CA PRO A 27 3.54 -8.55 4.82
C PRO A 27 3.83 -7.28 5.62
N TYR A 28 2.78 -6.52 5.90
CA TYR A 28 2.93 -5.27 6.66
C TYR A 28 2.11 -5.32 7.95
N ARG A 29 2.81 -5.35 9.07
CA ARG A 29 2.14 -5.41 10.37
C ARG A 29 2.69 -4.34 11.31
N CYS A 30 1.81 -3.50 11.84
CA CYS A 30 2.20 -2.43 12.75
C CYS A 30 3.25 -2.92 13.75
N VAL A 31 4.06 -2.00 14.24
CA VAL A 31 5.11 -2.34 15.21
C VAL A 31 4.72 -1.89 16.62
N HIS A 32 3.88 -0.85 16.69
CA HIS A 32 3.44 -0.33 17.97
C HIS A 32 3.31 -1.45 19.00
N GLN A 33 3.56 -1.12 20.26
CA GLN A 33 3.49 -2.09 21.35
C GLN A 33 2.05 -2.21 21.86
N GLY A 34 1.23 -2.96 21.14
CA GLY A 34 -0.15 -3.15 21.54
C GLY A 34 -1.12 -2.77 20.44
N CYS A 35 -0.72 -2.98 19.19
CA CYS A 35 -1.56 -2.67 18.05
C CYS A 35 -1.76 -3.90 17.17
N PHE A 36 -3.02 -4.28 16.99
CA PHE A 36 -3.36 -5.44 16.15
C PHE A 36 -3.79 -5.01 14.76
N ALA A 37 -2.83 -4.59 13.95
CA ALA A 37 -3.11 -4.15 12.59
C ALA A 37 -2.11 -4.75 11.60
N ALA A 38 -2.56 -4.96 10.37
CA ALA A 38 -1.70 -5.52 9.33
C ALA A 38 -2.35 -5.39 7.96
N PHE A 39 -1.76 -4.56 7.10
CA PHE A 39 -2.28 -4.34 5.76
C PHE A 39 -1.35 -4.96 4.71
N THR A 40 -1.77 -4.89 3.45
CA THR A 40 -0.98 -5.44 2.36
C THR A 40 -0.19 -4.35 1.66
N ILE A 41 -0.86 -3.25 1.32
CA ILE A 41 -0.22 -2.13 0.64
C ILE A 41 0.50 -1.23 1.64
N GLN A 42 1.74 -0.87 1.33
CA GLN A 42 2.53 0.00 2.20
C GLN A 42 1.84 1.35 2.38
N GLN A 43 1.19 1.84 1.32
CA GLN A 43 0.49 3.10 1.37
C GLN A 43 -0.64 3.08 2.39
N ASN A 44 -1.61 2.19 2.16
CA ASN A 44 -2.75 2.06 3.06
C ASN A 44 -2.29 1.88 4.50
N LEU A 45 -1.02 1.53 4.67
CA LEU A 45 -0.45 1.33 6.01
C LEU A 45 0.10 2.64 6.56
N ILE A 46 0.49 3.54 5.67
CA ILE A 46 1.03 4.84 6.08
C ILE A 46 0.00 5.63 6.86
N LEU A 47 -1.22 5.70 6.33
CA LEU A 47 -2.29 6.44 6.99
C LEU A 47 -2.66 5.80 8.32
N HIS A 48 -2.63 4.48 8.37
CA HIS A 48 -2.96 3.74 9.58
C HIS A 48 -2.27 4.37 10.79
N TYR A 49 -1.02 4.77 10.62
CA TYR A 49 -0.25 5.37 11.69
C TYR A 49 -0.70 6.81 11.94
N GLN A 50 -1.30 7.42 10.92
CA GLN A 50 -1.77 8.80 11.02
C GLN A 50 -3.23 8.83 11.47
N ALA A 51 -3.91 7.72 11.33
CA ALA A 51 -5.32 7.62 11.73
C ALA A 51 -5.45 6.89 13.07
N VAL A 52 -4.54 5.96 13.33
CA VAL A 52 -4.57 5.20 14.57
C VAL A 52 -3.90 5.97 15.71
N HIS A 53 -2.64 6.35 15.49
CA HIS A 53 -1.89 7.09 16.49
C HIS A 53 -1.65 8.53 16.04
N LYS A 54 -2.22 8.89 14.89
CA LYS A 54 -2.07 10.23 14.34
C LYS A 54 -0.77 10.87 14.82
N SER A 55 0.33 10.12 14.70
CA SER A 55 1.63 10.61 15.12
C SER A 55 2.62 10.58 13.96
N ASP A 56 3.07 9.39 13.61
CA ASP A 56 4.02 9.21 12.50
C ASP A 56 4.32 7.74 12.26
N LEU A 57 5.25 7.47 11.35
CA LEU A 57 5.63 6.09 11.03
C LEU A 57 6.91 5.70 11.74
N PRO A 58 7.05 4.40 12.01
CA PRO A 58 8.25 3.86 12.69
C PRO A 58 9.50 3.92 11.81
N ALA A 59 10.62 3.50 12.36
CA ALA A 59 11.88 3.51 11.63
C ALA A 59 11.67 3.04 10.19
N PHE A 60 12.22 3.81 9.25
CA PHE A 60 12.09 3.49 7.83
C PHE A 60 13.44 3.07 7.25
N SER A 61 13.43 2.67 5.98
CA SER A 61 14.66 2.24 5.31
C SER A 61 14.42 2.09 3.80
N ALA A 62 15.27 2.74 3.02
CA ALA A 62 15.15 2.68 1.56
C ALA A 62 16.33 1.92 0.95
N GLU A 63 16.38 1.88 -0.38
CA GLU A 63 17.45 1.19 -1.08
C GLU A 63 18.44 2.18 -1.69
N VAL A 64 19.68 2.13 -1.23
CA VAL A 64 20.72 3.03 -1.74
C VAL A 64 22.11 2.40 -1.59
N GLU A 65 23.10 3.07 -2.16
CA GLU A 65 24.48 2.57 -2.09
C GLU A 65 24.51 1.05 -2.09
N GLU A 66 23.69 0.45 -2.94
CA GLU A 66 23.63 -1.00 -3.04
C GLU A 66 23.31 -1.44 -4.46
N GLU A 67 24.23 -2.19 -5.07
CA GLU A 67 24.06 -2.66 -6.44
C GLU A 67 24.85 -3.94 -6.68
N SER A 68 24.15 -5.01 -7.05
CA SER A 68 24.80 -6.29 -7.30
C SER A 68 24.52 -6.77 -8.72
N GLY A 69 23.31 -6.48 -9.22
CA GLY A 69 22.94 -6.88 -10.56
C GLY A 69 23.49 -8.24 -10.93
N PRO A 70 23.61 -8.50 -12.24
CA PRO A 70 24.13 -9.77 -12.75
C PRO A 70 25.63 -9.95 -12.47
N SER A 71 26.02 -11.19 -12.18
CA SER A 71 27.41 -11.49 -11.89
C SER A 71 28.06 -12.26 -13.04
N SER A 72 28.91 -11.56 -13.80
CA SER A 72 29.59 -12.18 -14.94
C SER A 72 31.08 -11.86 -14.92
N GLY A 73 31.89 -12.89 -14.69
CA GLY A 73 33.34 -12.70 -14.65
C GLY A 73 34.05 -13.84 -13.96
ZN ZN B . -0.72 0.74 14.82
N GLY A 1 51.96 2.09 -10.43
CA GLY A 1 50.94 1.10 -10.74
C GLY A 1 49.57 1.51 -10.22
N SER A 2 48.53 0.87 -10.74
CA SER A 2 47.16 1.17 -10.33
C SER A 2 46.19 0.11 -10.84
N SER A 3 45.11 -0.11 -10.09
CA SER A 3 44.12 -1.10 -10.46
C SER A 3 42.85 -0.92 -9.63
N GLY A 4 41.74 -1.47 -10.12
CA GLY A 4 40.48 -1.37 -9.42
C GLY A 4 39.55 -2.51 -9.73
N SER A 5 38.32 -2.44 -9.21
CA SER A 5 37.32 -3.49 -9.43
C SER A 5 35.94 -2.88 -9.65
N SER A 6 35.04 -3.67 -10.23
CA SER A 6 33.68 -3.21 -10.50
C SER A 6 32.67 -4.25 -10.04
N GLY A 7 31.39 -3.91 -10.16
CA GLY A 7 30.33 -4.83 -9.75
C GLY A 7 29.02 -4.11 -9.50
N ARG A 8 27.92 -4.72 -9.93
CA ARG A 8 26.60 -4.14 -9.75
C ARG A 8 25.53 -5.22 -9.72
N LYS A 9 24.60 -5.10 -8.77
CA LYS A 9 23.52 -6.07 -8.64
C LYS A 9 22.35 -5.48 -7.85
N LYS A 10 21.17 -5.50 -8.44
CA LYS A 10 19.98 -4.96 -7.79
C LYS A 10 18.71 -5.51 -8.44
N PRO A 11 17.74 -5.92 -7.61
CA PRO A 11 16.47 -6.47 -8.08
C PRO A 11 15.59 -5.40 -8.73
N VAL A 12 14.64 -5.84 -9.56
CA VAL A 12 13.74 -4.93 -10.23
C VAL A 12 12.44 -5.65 -10.64
N SER A 13 11.31 -5.05 -10.27
CA SER A 13 10.01 -5.63 -10.59
C SER A 13 9.10 -4.60 -11.26
N GLN A 14 8.53 -4.97 -12.39
CA GLN A 14 7.64 -4.08 -13.12
C GLN A 14 6.35 -3.85 -12.37
N SER A 15 5.85 -2.62 -12.42
CA SER A 15 4.61 -2.27 -11.73
C SER A 15 3.39 -2.56 -12.61
N LEU A 16 2.52 -3.45 -12.12
CA LEU A 16 1.32 -3.81 -12.86
C LEU A 16 0.11 -3.05 -12.35
N GLU A 17 -0.95 -3.03 -13.15
CA GLU A 17 -2.18 -2.32 -12.78
C GLU A 17 -2.54 -2.62 -11.32
N PHE A 18 -2.48 -3.88 -10.94
CA PHE A 18 -2.81 -4.29 -9.58
C PHE A 18 -1.79 -5.31 -9.06
N PRO A 19 -1.51 -5.24 -7.75
CA PRO A 19 -0.56 -6.15 -7.10
C PRO A 19 -1.09 -7.58 -7.02
N THR A 20 -2.32 -7.73 -6.54
CA THR A 20 -2.95 -9.04 -6.41
C THR A 20 -4.43 -8.91 -6.07
N ARG A 21 -5.22 -9.86 -6.56
CA ARG A 21 -6.65 -9.85 -6.31
C ARG A 21 -6.94 -9.87 -4.81
N TYR A 22 -6.28 -10.77 -4.10
CA TYR A 22 -6.47 -10.89 -2.66
C TYR A 22 -5.13 -11.02 -1.95
N SER A 23 -5.15 -10.89 -0.62
CA SER A 23 -3.94 -10.98 0.18
C SER A 23 -4.12 -11.97 1.33
N PRO A 24 -3.71 -13.23 1.12
CA PRO A 24 -3.82 -14.28 2.12
C PRO A 24 -2.88 -14.07 3.29
N TYR A 25 -1.80 -13.32 3.05
CA TYR A 25 -0.82 -13.04 4.09
C TYR A 25 -0.50 -11.55 4.15
N ARG A 26 -0.60 -10.97 5.35
CA ARG A 26 -0.32 -9.55 5.54
C ARG A 26 1.09 -9.34 6.06
N PRO A 27 1.99 -8.92 5.16
CA PRO A 27 3.40 -8.67 5.50
C PRO A 27 3.57 -7.44 6.39
N TYR A 28 2.98 -6.33 5.97
CA TYR A 28 3.07 -5.09 6.73
C TYR A 28 2.19 -5.15 7.98
N ARG A 29 2.83 -5.16 9.14
CA ARG A 29 2.10 -5.21 10.41
C ARG A 29 2.68 -4.20 11.40
N CYS A 30 1.80 -3.34 11.92
CA CYS A 30 2.23 -2.33 12.89
C CYS A 30 3.22 -2.91 13.89
N VAL A 31 4.40 -2.31 13.95
CA VAL A 31 5.44 -2.76 14.88
C VAL A 31 5.02 -2.57 16.32
N HIS A 32 4.33 -1.46 16.59
CA HIS A 32 3.88 -1.15 17.94
C HIS A 32 3.24 -2.37 18.59
N GLN A 33 4.00 -3.06 19.42
CA GLN A 33 3.50 -4.25 20.11
C GLN A 33 2.09 -4.04 20.61
N GLY A 34 1.18 -4.94 20.23
CA GLY A 34 -0.21 -4.83 20.64
C GLY A 34 -1.14 -4.50 19.49
N CYS A 35 -0.87 -3.39 18.81
CA CYS A 35 -1.70 -2.98 17.69
C CYS A 35 -1.94 -4.14 16.73
N PHE A 36 -3.13 -4.72 16.81
CA PHE A 36 -3.49 -5.85 15.94
C PHE A 36 -3.99 -5.36 14.60
N ALA A 37 -3.15 -4.58 13.91
CA ALA A 37 -3.50 -4.05 12.61
C ALA A 37 -2.46 -4.44 11.56
N ALA A 38 -2.93 -4.96 10.42
CA ALA A 38 -2.04 -5.37 9.35
C ALA A 38 -2.60 -4.94 7.99
N PHE A 39 -1.71 -4.80 7.01
CA PHE A 39 -2.10 -4.39 5.67
C PHE A 39 -1.19 -5.01 4.62
N THR A 40 -1.62 -4.98 3.36
CA THR A 40 -0.84 -5.54 2.26
C THR A 40 -0.03 -4.46 1.56
N ILE A 41 -0.67 -3.33 1.32
CA ILE A 41 0.00 -2.21 0.65
C ILE A 41 0.74 -1.33 1.65
N GLN A 42 1.87 -0.78 1.22
CA GLN A 42 2.67 0.08 2.08
C GLN A 42 1.99 1.42 2.30
N GLN A 43 1.24 1.88 1.30
CA GLN A 43 0.53 3.14 1.38
C GLN A 43 -0.62 3.06 2.39
N ASN A 44 -1.55 2.16 2.13
CA ASN A 44 -2.70 1.97 3.02
C ASN A 44 -2.26 1.80 4.46
N LEU A 45 -0.98 1.48 4.64
CA LEU A 45 -0.42 1.28 5.98
C LEU A 45 0.01 2.61 6.59
N ILE A 46 0.40 3.55 5.73
CA ILE A 46 0.84 4.86 6.19
C ILE A 46 -0.27 5.57 6.97
N LEU A 47 -1.40 5.78 6.31
CA LEU A 47 -2.54 6.45 6.94
C LEU A 47 -2.86 5.81 8.30
N HIS A 48 -2.81 4.49 8.35
CA HIS A 48 -3.10 3.76 9.57
C HIS A 48 -2.32 4.36 10.75
N TYR A 49 -1.03 4.57 10.54
CA TYR A 49 -0.17 5.13 11.58
C TYR A 49 -0.55 6.58 11.88
N GLN A 50 -1.13 7.25 10.88
CA GLN A 50 -1.53 8.64 11.03
C GLN A 50 -2.99 8.74 11.46
N ALA A 51 -3.70 7.62 11.37
CA ALA A 51 -5.11 7.57 11.74
C ALA A 51 -5.28 6.98 13.14
N VAL A 52 -4.34 6.14 13.55
CA VAL A 52 -4.39 5.52 14.86
C VAL A 52 -3.52 6.26 15.88
N HIS A 53 -2.25 6.43 15.55
CA HIS A 53 -1.31 7.13 16.42
C HIS A 53 -1.08 8.55 15.93
N LYS A 54 -2.00 9.06 15.12
CA LYS A 54 -1.90 10.40 14.58
C LYS A 54 -0.43 10.82 14.42
N SER A 55 0.39 9.87 13.98
CA SER A 55 1.81 10.13 13.78
C SER A 55 2.36 9.32 12.61
N ASP A 56 3.58 9.63 12.21
CA ASP A 56 4.22 8.94 11.09
C ASP A 56 4.68 7.54 11.52
N LEU A 57 5.38 6.86 10.63
CA LEU A 57 5.87 5.51 10.91
C LEU A 57 7.39 5.45 10.74
N PRO A 58 8.02 4.48 11.41
CA PRO A 58 9.47 4.28 11.35
C PRO A 58 9.93 3.76 9.98
N ALA A 59 9.30 2.68 9.52
CA ALA A 59 9.65 2.10 8.23
C ALA A 59 9.89 3.18 7.19
N PHE A 60 11.16 3.53 6.98
CA PHE A 60 11.54 4.55 6.02
C PHE A 60 10.60 4.52 4.81
N SER A 61 10.01 5.67 4.49
CA SER A 61 9.10 5.77 3.37
C SER A 61 8.66 7.22 3.16
N ALA A 62 7.82 7.43 2.15
CA ALA A 62 7.31 8.76 1.84
C ALA A 62 5.94 8.69 1.17
N GLU A 63 5.41 9.85 0.82
CA GLU A 63 4.09 9.92 0.17
C GLU A 63 4.25 10.09 -1.34
N VAL A 64 3.80 9.07 -2.08
CA VAL A 64 3.87 9.11 -3.54
C VAL A 64 2.74 8.30 -4.17
N GLU A 65 2.09 8.90 -5.17
CA GLU A 65 0.99 8.24 -5.86
C GLU A 65 1.18 8.29 -7.37
N GLU A 66 2.41 8.09 -7.81
CA GLU A 66 2.72 8.11 -9.23
C GLU A 66 2.69 6.70 -9.82
N GLU A 67 2.27 6.61 -11.09
CA GLU A 67 2.19 5.32 -11.76
C GLU A 67 2.77 5.41 -13.17
N SER A 68 3.83 4.66 -13.42
CA SER A 68 4.49 4.66 -14.72
C SER A 68 3.56 4.10 -15.79
N GLY A 69 2.72 4.97 -16.36
CA GLY A 69 1.79 4.54 -17.38
C GLY A 69 1.92 5.36 -18.66
N PRO A 70 2.44 4.72 -19.72
CA PRO A 70 2.64 5.38 -21.02
C PRO A 70 1.32 5.66 -21.72
N SER A 71 1.40 6.28 -22.89
CA SER A 71 0.21 6.63 -23.66
C SER A 71 -0.11 5.53 -24.68
N SER A 72 -1.39 5.17 -24.77
CA SER A 72 -1.82 4.14 -25.71
C SER A 72 -2.09 4.72 -27.09
N GLY A 73 -2.99 5.71 -27.13
CA GLY A 73 -3.32 6.35 -28.39
C GLY A 73 -4.78 6.74 -28.48
ZN ZN B . -0.84 0.68 14.75
N GLY A 1 7.64 44.74 -20.58
CA GLY A 1 8.24 43.41 -20.51
C GLY A 1 7.29 42.39 -19.90
N SER A 2 7.31 41.17 -20.43
CA SER A 2 6.46 40.10 -19.94
C SER A 2 7.07 38.73 -20.22
N SER A 3 7.25 37.95 -19.15
CA SER A 3 7.82 36.62 -19.28
C SER A 3 7.32 35.70 -18.17
N GLY A 4 7.05 34.44 -18.53
CA GLY A 4 6.57 33.48 -17.55
C GLY A 4 7.36 32.19 -17.57
N SER A 5 7.33 31.46 -16.46
CA SER A 5 8.05 30.20 -16.35
C SER A 5 7.47 29.34 -15.23
N SER A 6 6.90 28.20 -15.60
CA SER A 6 6.32 27.28 -14.63
C SER A 6 5.93 25.96 -15.29
N GLY A 7 5.41 25.04 -14.49
CA GLY A 7 5.01 23.74 -15.02
C GLY A 7 4.88 22.69 -13.93
N ARG A 8 3.76 21.96 -13.93
CA ARG A 8 3.52 20.92 -12.94
C ARG A 8 2.26 20.16 -13.26
N LYS A 9 2.25 18.86 -12.94
CA LYS A 9 1.10 18.01 -13.21
C LYS A 9 1.09 16.81 -12.26
N LYS A 10 -0.11 16.37 -11.89
CA LYS A 10 -0.26 15.22 -11.00
C LYS A 10 -1.37 14.29 -11.49
N PRO A 11 -1.08 12.98 -11.46
CA PRO A 11 -2.05 11.96 -11.89
C PRO A 11 -3.23 11.83 -10.93
N VAL A 12 -4.43 11.69 -11.48
CA VAL A 12 -5.63 11.55 -10.67
C VAL A 12 -6.03 10.09 -10.52
N SER A 13 -5.09 9.28 -10.03
CA SER A 13 -5.34 7.86 -9.84
C SER A 13 -6.23 7.31 -10.95
N GLN A 14 -5.84 7.57 -12.19
CA GLN A 14 -6.61 7.10 -13.35
C GLN A 14 -6.13 5.74 -13.80
N SER A 15 -5.37 5.06 -12.95
CA SER A 15 -4.83 3.74 -13.26
C SER A 15 -5.77 2.64 -12.77
N LEU A 16 -5.76 2.41 -11.46
CA LEU A 16 -6.61 1.39 -10.86
C LEU A 16 -6.95 1.74 -9.42
N GLU A 17 -8.23 1.62 -9.06
CA GLU A 17 -8.68 1.92 -7.71
C GLU A 17 -8.09 0.94 -6.71
N PHE A 18 -8.10 -0.35 -7.06
CA PHE A 18 -7.56 -1.38 -6.19
C PHE A 18 -6.13 -1.75 -6.60
N PRO A 19 -5.36 -2.27 -5.63
CA PRO A 19 -3.97 -2.67 -5.87
C PRO A 19 -3.87 -3.91 -6.75
N THR A 20 -4.67 -4.92 -6.44
CA THR A 20 -4.67 -6.16 -7.20
C THR A 20 -5.74 -7.12 -6.71
N ARG A 21 -5.77 -8.32 -7.27
CA ARG A 21 -6.75 -9.32 -6.88
C ARG A 21 -6.73 -9.57 -5.38
N TYR A 22 -7.74 -10.28 -4.88
CA TYR A 22 -7.83 -10.56 -3.45
C TYR A 22 -6.45 -10.61 -2.81
N SER A 23 -6.27 -9.82 -1.76
CA SER A 23 -4.99 -9.76 -1.05
C SER A 23 -4.52 -11.15 -0.68
N PRO A 24 -3.48 -11.65 -1.39
CA PRO A 24 -2.92 -12.97 -1.15
C PRO A 24 -2.17 -13.05 0.18
N TYR A 25 -1.45 -11.98 0.51
CA TYR A 25 -0.69 -11.92 1.76
C TYR A 25 -0.33 -10.48 2.11
N ARG A 26 -0.32 -10.19 3.41
CA ARG A 26 0.01 -8.84 3.88
C ARG A 26 1.27 -8.86 4.73
N PRO A 27 2.43 -8.73 4.06
CA PRO A 27 3.74 -8.73 4.74
C PRO A 27 3.95 -7.47 5.57
N TYR A 28 2.96 -6.59 5.57
CA TYR A 28 3.05 -5.34 6.33
C TYR A 28 2.17 -5.40 7.57
N ARG A 29 2.80 -5.27 8.73
CA ARG A 29 2.07 -5.30 10.00
C ARG A 29 2.54 -4.19 10.93
N CYS A 30 1.62 -3.65 11.71
CA CYS A 30 1.94 -2.58 12.65
C CYS A 30 2.98 -3.03 13.66
N VAL A 31 4.17 -2.42 13.59
CA VAL A 31 5.25 -2.75 14.51
C VAL A 31 4.76 -2.80 15.95
N HIS A 32 3.95 -1.81 16.32
CA HIS A 32 3.43 -1.73 17.68
C HIS A 32 3.00 -3.10 18.18
N GLN A 33 3.68 -3.58 19.23
CA GLN A 33 3.37 -4.88 19.80
C GLN A 33 2.10 -4.83 20.65
N GLY A 34 0.96 -4.75 19.98
CA GLY A 34 -0.30 -4.69 20.68
C GLY A 34 -1.33 -3.81 19.98
N CYS A 35 -1.26 -3.79 18.65
CA CYS A 35 -2.18 -2.98 17.85
C CYS A 35 -3.18 -3.87 17.11
N PHE A 36 -2.72 -5.05 16.70
CA PHE A 36 -3.56 -5.99 15.97
C PHE A 36 -4.08 -5.36 14.68
N ALA A 37 -3.24 -4.57 14.04
CA ALA A 37 -3.61 -3.91 12.79
C ALA A 37 -2.55 -4.11 11.72
N ALA A 38 -2.77 -5.07 10.84
CA ALA A 38 -1.83 -5.36 9.76
C ALA A 38 -2.44 -5.06 8.40
N PHE A 39 -1.66 -4.43 7.53
CA PHE A 39 -2.12 -4.08 6.19
C PHE A 39 -1.29 -4.79 5.13
N THR A 40 -1.85 -4.90 3.92
CA THR A 40 -1.16 -5.56 2.82
C THR A 40 -0.26 -4.58 2.07
N ILE A 41 -0.82 -3.43 1.72
CA ILE A 41 -0.07 -2.40 1.00
C ILE A 41 0.69 -1.49 1.96
N GLN A 42 1.84 -1.00 1.51
CA GLN A 42 2.66 -0.11 2.34
C GLN A 42 2.01 1.26 2.49
N GLN A 43 1.37 1.72 1.41
CA GLN A 43 0.71 3.02 1.42
C GLN A 43 -0.48 3.02 2.38
N ASN A 44 -1.44 2.15 2.13
CA ASN A 44 -2.63 2.05 2.97
C ASN A 44 -2.24 1.89 4.43
N LEU A 45 -0.98 1.53 4.67
CA LEU A 45 -0.48 1.35 6.03
C LEU A 45 0.01 2.67 6.61
N ILE A 46 0.52 3.53 5.75
CA ILE A 46 1.03 4.83 6.18
C ILE A 46 -0.05 5.63 6.92
N LEU A 47 -1.22 5.73 6.31
CA LEU A 47 -2.33 6.46 6.91
C LEU A 47 -2.74 5.83 8.23
N HIS A 48 -2.82 4.50 8.25
CA HIS A 48 -3.20 3.77 9.46
C HIS A 48 -2.49 4.34 10.68
N TYR A 49 -1.20 4.60 10.54
CA TYR A 49 -0.40 5.14 11.64
C TYR A 49 -0.80 6.58 11.93
N GLN A 50 -1.25 7.29 10.90
CA GLN A 50 -1.67 8.68 11.05
C GLN A 50 -3.13 8.78 11.47
N ALA A 51 -3.85 7.68 11.33
CA ALA A 51 -5.26 7.63 11.70
C ALA A 51 -5.45 6.96 13.06
N VAL A 52 -4.51 6.09 13.42
CA VAL A 52 -4.57 5.38 14.69
C VAL A 52 -3.74 6.08 15.75
N HIS A 53 -2.46 6.28 15.45
CA HIS A 53 -1.56 6.95 16.39
C HIS A 53 -1.16 8.33 15.86
N LYS A 54 -2.07 8.96 15.12
CA LYS A 54 -1.81 10.28 14.57
C LYS A 54 -0.32 10.50 14.34
N SER A 55 0.33 9.53 13.71
CA SER A 55 1.76 9.61 13.44
C SER A 55 2.12 8.81 12.19
N ASP A 56 3.40 8.83 11.83
CA ASP A 56 3.88 8.11 10.67
C ASP A 56 4.92 7.05 11.06
N LEU A 57 4.66 5.81 10.67
CA LEU A 57 5.57 4.71 10.98
C LEU A 57 7.02 5.15 10.87
N PRO A 58 7.94 4.39 11.49
CA PRO A 58 9.36 4.67 11.47
C PRO A 58 9.98 4.45 10.09
N ALA A 59 9.54 3.39 9.42
CA ALA A 59 10.05 3.06 8.09
C ALA A 59 8.99 3.32 7.03
N PHE A 60 9.26 4.28 6.15
CA PHE A 60 8.34 4.63 5.08
C PHE A 60 8.93 4.30 3.71
N SER A 61 8.14 4.48 2.67
CA SER A 61 8.59 4.20 1.30
C SER A 61 9.19 5.45 0.67
N ALA A 62 10.45 5.71 0.98
CA ALA A 62 11.14 6.88 0.43
C ALA A 62 12.25 6.46 -0.54
N GLU A 63 13.35 5.98 0.01
CA GLU A 63 14.49 5.55 -0.81
C GLU A 63 14.38 4.06 -1.13
N VAL A 64 13.36 3.70 -1.90
CA VAL A 64 13.15 2.31 -2.27
C VAL A 64 12.43 2.21 -3.62
N GLU A 65 12.91 1.31 -4.48
CA GLU A 65 12.32 1.11 -5.80
C GLU A 65 11.29 -0.02 -5.77
N GLU A 66 10.49 -0.04 -4.72
CA GLU A 66 9.46 -1.07 -4.58
C GLU A 66 8.10 -0.56 -5.06
N GLU A 67 7.83 -0.75 -6.34
CA GLU A 67 6.57 -0.32 -6.93
C GLU A 67 6.15 -1.23 -8.07
N SER A 68 4.85 -1.30 -8.31
CA SER A 68 4.31 -2.15 -9.38
C SER A 68 5.13 -1.99 -10.66
N GLY A 69 5.76 -3.08 -11.09
CA GLY A 69 6.56 -3.05 -12.29
C GLY A 69 6.08 -4.02 -13.34
N PRO A 70 7.01 -4.51 -14.18
CA PRO A 70 6.69 -5.47 -15.24
C PRO A 70 6.31 -6.84 -14.70
N SER A 71 5.88 -7.73 -15.59
CA SER A 71 5.49 -9.08 -15.20
C SER A 71 6.04 -10.11 -16.19
N SER A 72 5.98 -11.38 -15.80
CA SER A 72 6.46 -12.47 -16.65
C SER A 72 5.75 -13.77 -16.31
N GLY A 73 5.37 -14.51 -17.35
CA GLY A 73 4.69 -15.78 -17.15
C GLY A 73 4.20 -16.39 -18.46
ZN ZN B . -1.09 0.53 14.68
N GLY A 1 -18.56 46.97 7.22
CA GLY A 1 -19.16 45.64 7.14
C GLY A 1 -18.18 44.54 7.44
N SER A 2 -18.65 43.30 7.41
CA SER A 2 -17.81 42.15 7.69
C SER A 2 -18.38 40.88 7.04
N SER A 3 -17.54 40.16 6.32
CA SER A 3 -17.95 38.93 5.64
C SER A 3 -16.75 38.19 5.07
N GLY A 4 -16.98 36.96 4.64
CA GLY A 4 -15.91 36.17 4.08
C GLY A 4 -16.30 34.70 3.90
N SER A 5 -16.35 34.26 2.65
CA SER A 5 -16.71 32.87 2.34
C SER A 5 -16.04 32.41 1.05
N SER A 6 -15.45 31.22 1.10
CA SER A 6 -14.76 30.66 -0.06
C SER A 6 -14.50 29.17 0.14
N GLY A 7 -14.14 28.49 -0.94
CA GLY A 7 -13.87 27.06 -0.86
C GLY A 7 -12.54 26.76 -0.18
N ARG A 8 -12.40 25.56 0.35
CA ARG A 8 -11.19 25.15 1.03
C ARG A 8 -10.34 24.25 0.15
N LYS A 9 -10.99 23.29 -0.52
CA LYS A 9 -10.30 22.37 -1.40
C LYS A 9 -11.19 21.95 -2.56
N LYS A 10 -10.59 21.42 -3.61
CA LYS A 10 -11.33 20.97 -4.78
C LYS A 10 -11.20 19.46 -4.97
N PRO A 11 -12.20 18.85 -5.63
CA PRO A 11 -12.23 17.42 -5.89
C PRO A 11 -11.17 17.00 -6.91
N VAL A 12 -10.68 15.77 -6.78
CA VAL A 12 -9.67 15.25 -7.69
C VAL A 12 -9.51 13.74 -7.53
N SER A 13 -9.04 13.09 -8.59
CA SER A 13 -8.85 11.64 -8.57
C SER A 13 -7.42 11.29 -8.17
N GLN A 14 -7.30 10.43 -7.15
CA GLN A 14 -5.99 10.00 -6.68
C GLN A 14 -5.73 8.54 -7.01
N SER A 15 -6.64 7.67 -6.61
CA SER A 15 -6.51 6.25 -6.87
C SER A 15 -7.83 5.52 -6.61
N LEU A 16 -7.86 4.23 -6.96
CA LEU A 16 -9.06 3.42 -6.77
C LEU A 16 -9.29 3.14 -5.29
N GLU A 17 -10.56 3.01 -4.91
CA GLU A 17 -10.93 2.74 -3.52
C GLU A 17 -10.66 1.29 -3.16
N PHE A 18 -11.01 0.39 -4.07
CA PHE A 18 -10.82 -1.04 -3.86
C PHE A 18 -9.34 -1.40 -3.88
N PRO A 19 -8.87 -2.03 -2.78
CA PRO A 19 -7.47 -2.43 -2.64
C PRO A 19 -7.10 -3.58 -3.58
N THR A 20 -7.88 -4.65 -3.53
CA THR A 20 -7.64 -5.81 -4.38
C THR A 20 -8.73 -6.86 -4.20
N ARG A 21 -8.76 -7.83 -5.10
CA ARG A 21 -9.75 -8.90 -5.05
C ARG A 21 -9.80 -9.53 -3.66
N TYR A 22 -8.63 -9.79 -3.10
CA TYR A 22 -8.54 -10.38 -1.76
C TYR A 22 -7.15 -10.19 -1.17
N SER A 23 -7.02 -10.46 0.12
CA SER A 23 -5.74 -10.31 0.81
C SER A 23 -5.09 -11.67 1.03
N PRO A 24 -4.18 -12.05 0.13
CA PRO A 24 -3.46 -13.33 0.20
C PRO A 24 -2.46 -13.36 1.35
N TYR A 25 -1.78 -12.24 1.56
CA TYR A 25 -0.79 -12.14 2.62
C TYR A 25 -0.33 -10.69 2.80
N ARG A 26 -0.39 -10.20 4.03
CA ARG A 26 0.02 -8.84 4.34
C ARG A 26 1.39 -8.82 5.01
N PRO A 27 2.44 -8.55 4.21
CA PRO A 27 3.82 -8.50 4.70
C PRO A 27 4.07 -7.29 5.58
N TYR A 28 3.07 -6.42 5.70
CA TYR A 28 3.18 -5.23 6.52
C TYR A 28 2.34 -5.35 7.78
N ARG A 29 3.01 -5.50 8.93
CA ARG A 29 2.32 -5.63 10.20
C ARG A 29 2.66 -4.46 11.12
N CYS A 30 1.69 -4.02 11.91
CA CYS A 30 1.89 -2.92 12.84
C CYS A 30 2.91 -3.28 13.91
N VAL A 31 3.95 -2.47 14.01
CA VAL A 31 5.01 -2.71 15.00
C VAL A 31 4.47 -2.58 16.42
N HIS A 32 3.70 -1.52 16.66
CA HIS A 32 3.13 -1.27 17.98
C HIS A 32 2.64 -2.57 18.61
N GLN A 33 3.13 -2.86 19.80
CA GLN A 33 2.75 -4.08 20.51
C GLN A 33 1.36 -3.93 21.14
N GLY A 34 0.34 -4.39 20.42
CA GLY A 34 -1.02 -4.28 20.93
C GLY A 34 -1.91 -3.45 20.04
N CYS A 35 -1.74 -3.60 18.73
CA CYS A 35 -2.54 -2.84 17.77
C CYS A 35 -3.45 -3.77 16.97
N PHE A 36 -2.90 -4.89 16.52
CA PHE A 36 -3.66 -5.86 15.75
C PHE A 36 -4.13 -5.27 14.43
N ALA A 37 -3.25 -4.52 13.78
CA ALA A 37 -3.56 -3.89 12.51
C ALA A 37 -2.51 -4.23 11.46
N ALA A 38 -2.82 -5.21 10.61
CA ALA A 38 -1.90 -5.62 9.56
C ALA A 38 -2.45 -5.27 8.18
N PHE A 39 -1.70 -4.46 7.44
CA PHE A 39 -2.12 -4.05 6.10
C PHE A 39 -1.29 -4.76 5.03
N THR A 40 -1.85 -4.87 3.84
CA THR A 40 -1.18 -5.54 2.73
C THR A 40 -0.30 -4.55 1.96
N ILE A 41 -0.86 -3.38 1.66
CA ILE A 41 -0.11 -2.36 0.93
C ILE A 41 0.64 -1.44 1.89
N GLN A 42 1.75 -0.89 1.41
CA GLN A 42 2.57 0.01 2.23
C GLN A 42 1.90 1.37 2.36
N GLN A 43 1.30 1.85 1.27
CA GLN A 43 0.63 3.14 1.28
C GLN A 43 -0.54 3.14 2.26
N ASN A 44 -1.50 2.24 2.03
CA ASN A 44 -2.67 2.14 2.89
C ASN A 44 -2.26 1.83 4.32
N LEU A 45 -1.00 1.50 4.52
CA LEU A 45 -0.47 1.19 5.84
C LEU A 45 0.02 2.44 6.56
N ILE A 46 0.39 3.44 5.78
CA ILE A 46 0.87 4.71 6.34
C ILE A 46 -0.23 5.43 7.10
N LEU A 47 -1.29 5.80 6.38
CA LEU A 47 -2.42 6.50 6.99
C LEU A 47 -2.83 5.82 8.29
N HIS A 48 -2.89 4.49 8.27
CA HIS A 48 -3.27 3.73 9.46
C HIS A 48 -2.62 4.30 10.71
N TYR A 49 -1.34 4.65 10.60
CA TYR A 49 -0.60 5.20 11.72
C TYR A 49 -0.99 6.65 11.97
N GLN A 50 -1.11 7.43 10.90
CA GLN A 50 -1.48 8.83 11.01
C GLN A 50 -2.93 8.97 11.46
N ALA A 51 -3.69 7.90 11.34
CA ALA A 51 -5.09 7.91 11.74
C ALA A 51 -5.28 7.23 13.10
N VAL A 52 -4.44 6.24 13.38
CA VAL A 52 -4.51 5.51 14.65
C VAL A 52 -3.60 6.14 15.69
N HIS A 53 -2.32 6.26 15.36
CA HIS A 53 -1.34 6.84 16.27
C HIS A 53 -0.93 8.24 15.81
N LYS A 54 -1.69 8.80 14.87
CA LYS A 54 -1.42 10.13 14.34
C LYS A 54 0.08 10.45 14.43
N SER A 55 0.91 9.49 14.04
CA SER A 55 2.35 9.65 14.08
C SER A 55 2.99 9.25 12.76
N ASP A 56 4.24 9.62 12.57
CA ASP A 56 4.96 9.30 11.34
C ASP A 56 5.70 7.96 11.49
N LEU A 57 5.78 7.22 10.39
CA LEU A 57 6.46 5.93 10.40
C LEU A 57 7.90 6.07 10.87
N PRO A 58 8.44 4.99 11.45
CA PRO A 58 9.81 4.97 11.96
C PRO A 58 10.84 5.00 10.84
N ALA A 59 10.56 4.29 9.75
CA ALA A 59 11.46 4.24 8.61
C ALA A 59 10.83 4.88 7.39
N PHE A 60 11.58 4.93 6.29
CA PHE A 60 11.09 5.52 5.05
C PHE A 60 11.96 5.10 3.86
N SER A 61 11.34 5.00 2.69
CA SER A 61 12.05 4.61 1.49
C SER A 61 13.39 5.32 1.38
N ALA A 62 14.28 4.77 0.57
CA ALA A 62 15.61 5.37 0.38
C ALA A 62 16.04 5.28 -1.07
N GLU A 63 17.21 5.85 -1.37
CA GLU A 63 17.73 5.83 -2.74
C GLU A 63 18.34 4.48 -3.07
N VAL A 64 17.50 3.55 -3.51
CA VAL A 64 17.95 2.21 -3.87
C VAL A 64 18.07 2.05 -5.38
N GLU A 65 19.16 1.44 -5.83
CA GLU A 65 19.38 1.23 -7.25
C GLU A 65 19.82 -0.20 -7.53
N GLU A 66 18.84 -1.06 -7.85
CA GLU A 66 19.11 -2.46 -8.13
C GLU A 66 19.52 -2.65 -9.59
N GLU A 67 20.39 -3.63 -9.84
CA GLU A 67 20.87 -3.91 -11.18
C GLU A 67 19.84 -4.74 -11.95
N SER A 68 19.33 -4.18 -13.03
CA SER A 68 18.34 -4.87 -13.86
C SER A 68 18.17 -4.18 -15.20
N GLY A 69 17.70 -4.93 -16.19
CA GLY A 69 17.50 -4.37 -17.52
C GLY A 69 16.43 -3.31 -17.55
N PRO A 70 16.83 -2.05 -17.78
CA PRO A 70 15.92 -0.91 -17.84
C PRO A 70 15.01 -0.96 -19.07
N SER A 71 15.61 -1.21 -20.23
CA SER A 71 14.86 -1.27 -21.48
C SER A 71 13.95 -2.51 -21.50
N SER A 72 12.98 -2.50 -22.41
CA SER A 72 12.04 -3.60 -22.53
C SER A 72 12.55 -4.64 -23.52
N GLY A 73 12.80 -5.84 -23.02
CA GLY A 73 13.30 -6.91 -23.87
C GLY A 73 14.80 -7.08 -23.77
ZN ZN B . -1.12 0.41 14.38
N GLY A 1 -43.51 -47.71 16.29
CA GLY A 1 -43.04 -47.25 14.99
C GLY A 1 -42.11 -46.06 15.10
N SER A 2 -41.82 -45.43 13.96
CA SER A 2 -40.93 -44.27 13.92
C SER A 2 -40.94 -43.62 12.55
N SER A 3 -40.81 -42.29 12.53
CA SER A 3 -40.81 -41.55 11.27
C SER A 3 -40.25 -40.14 11.48
N GLY A 4 -39.79 -39.53 10.39
CA GLY A 4 -39.24 -38.19 10.48
C GLY A 4 -38.07 -37.98 9.53
N SER A 5 -37.94 -36.77 9.01
CA SER A 5 -36.87 -36.44 8.08
C SER A 5 -36.64 -34.93 8.02
N SER A 6 -35.56 -34.53 7.35
CA SER A 6 -35.23 -33.12 7.21
C SER A 6 -34.71 -32.81 5.81
N GLY A 7 -34.50 -31.53 5.54
CA GLY A 7 -34.00 -31.12 4.24
C GLY A 7 -32.84 -30.15 4.34
N ARG A 8 -31.89 -30.46 5.19
CA ARG A 8 -30.72 -29.61 5.39
C ARG A 8 -29.43 -30.36 5.07
N LYS A 9 -28.95 -30.22 3.85
CA LYS A 9 -27.73 -30.89 3.42
C LYS A 9 -26.80 -29.91 2.69
N LYS A 10 -25.50 -30.13 2.83
CA LYS A 10 -24.51 -29.28 2.18
C LYS A 10 -23.12 -29.91 2.23
N PRO A 11 -22.49 -30.05 1.06
CA PRO A 11 -21.16 -30.64 0.95
C PRO A 11 -20.07 -29.74 1.53
N VAL A 12 -19.55 -30.13 2.69
CA VAL A 12 -18.51 -29.35 3.36
C VAL A 12 -17.17 -29.55 2.67
N SER A 13 -16.70 -28.52 1.99
CA SER A 13 -15.43 -28.57 1.28
C SER A 13 -14.61 -27.31 1.53
N GLN A 14 -13.29 -27.46 1.58
CA GLN A 14 -12.40 -26.33 1.80
C GLN A 14 -11.66 -25.95 0.52
N SER A 15 -11.23 -26.96 -0.23
CA SER A 15 -10.51 -26.72 -1.48
C SER A 15 -11.44 -26.14 -2.54
N LEU A 16 -11.05 -25.00 -3.09
CA LEU A 16 -11.86 -24.34 -4.12
C LEU A 16 -10.99 -23.99 -5.33
N GLU A 17 -11.56 -24.15 -6.52
CA GLU A 17 -10.85 -23.85 -7.76
C GLU A 17 -9.90 -22.66 -7.56
N PHE A 18 -10.45 -21.54 -7.10
CA PHE A 18 -9.66 -20.35 -6.88
C PHE A 18 -8.65 -20.56 -5.75
N PRO A 19 -7.52 -19.84 -5.82
CA PRO A 19 -6.45 -19.94 -4.82
C PRO A 19 -6.87 -19.34 -3.47
N THR A 20 -7.38 -18.13 -3.50
CA THR A 20 -7.81 -17.44 -2.28
C THR A 20 -8.83 -16.35 -2.60
N ARG A 21 -9.45 -15.81 -1.55
CA ARG A 21 -10.44 -14.75 -1.72
C ARG A 21 -9.94 -13.44 -1.11
N TYR A 22 -9.18 -13.54 -0.04
CA TYR A 22 -8.65 -12.36 0.64
C TYR A 22 -7.16 -12.54 0.95
N SER A 23 -6.31 -12.28 -0.05
CA SER A 23 -4.87 -12.41 0.13
C SER A 23 -4.47 -12.11 1.56
N PRO A 24 -4.35 -13.16 2.37
CA PRO A 24 -3.96 -13.03 3.79
C PRO A 24 -2.50 -12.62 3.95
N TYR A 25 -1.74 -12.70 2.87
CA TYR A 25 -0.33 -12.33 2.89
C TYR A 25 -0.16 -10.85 3.20
N ARG A 26 0.08 -10.54 4.46
CA ARG A 26 0.27 -9.16 4.88
C ARG A 26 1.71 -8.91 5.31
N PRO A 27 2.53 -8.42 4.37
CA PRO A 27 3.95 -8.13 4.62
C PRO A 27 4.14 -6.92 5.54
N TYR A 28 3.08 -6.14 5.69
CA TYR A 28 3.12 -4.95 6.55
C TYR A 28 2.19 -5.10 7.75
N ARG A 29 2.77 -5.14 8.94
CA ARG A 29 1.98 -5.28 10.16
C ARG A 29 2.47 -4.30 11.23
N CYS A 30 1.53 -3.61 11.87
CA CYS A 30 1.86 -2.64 12.91
C CYS A 30 2.79 -3.26 13.94
N VAL A 31 3.60 -2.42 14.58
CA VAL A 31 4.54 -2.88 15.59
C VAL A 31 4.15 -2.38 16.98
N HIS A 32 3.13 -1.51 17.03
CA HIS A 32 2.65 -0.96 18.28
C HIS A 32 2.08 -2.06 19.17
N GLN A 33 2.06 -1.81 20.48
CA GLN A 33 1.54 -2.78 21.44
C GLN A 33 0.06 -2.53 21.72
N GLY A 34 -0.80 -3.04 20.84
CA GLY A 34 -2.23 -2.87 21.01
C GLY A 34 -2.91 -2.40 19.74
N CYS A 35 -2.49 -2.95 18.61
CA CYS A 35 -3.06 -2.59 17.32
C CYS A 35 -3.51 -3.84 16.55
N PHE A 36 -2.58 -4.76 16.33
CA PHE A 36 -2.89 -5.99 15.61
C PHE A 36 -3.49 -5.69 14.25
N ALA A 37 -3.06 -4.58 13.64
CA ALA A 37 -3.56 -4.18 12.33
C ALA A 37 -2.49 -4.35 11.26
N ALA A 38 -2.69 -5.31 10.38
CA ALA A 38 -1.75 -5.58 9.30
C ALA A 38 -2.40 -5.37 7.93
N PHE A 39 -1.82 -4.46 7.15
CA PHE A 39 -2.35 -4.17 5.81
C PHE A 39 -1.54 -4.89 4.75
N THR A 40 -2.01 -4.80 3.50
CA THR A 40 -1.33 -5.44 2.38
C THR A 40 -0.42 -4.46 1.65
N ILE A 41 -0.95 -3.27 1.37
CA ILE A 41 -0.19 -2.24 0.67
C ILE A 41 0.58 -1.38 1.65
N GLN A 42 1.80 -1.00 1.26
CA GLN A 42 2.66 -0.17 2.11
C GLN A 42 2.00 1.19 2.36
N GLN A 43 1.31 1.70 1.36
CA GLN A 43 0.65 2.99 1.47
C GLN A 43 -0.51 2.93 2.46
N ASN A 44 -1.43 2.00 2.22
CA ASN A 44 -2.59 1.83 3.09
C ASN A 44 -2.15 1.68 4.55
N LEU A 45 -0.88 1.37 4.75
CA LEU A 45 -0.34 1.19 6.10
C LEU A 45 0.08 2.53 6.69
N ILE A 46 0.43 3.48 5.83
CA ILE A 46 0.84 4.81 6.27
C ILE A 46 -0.29 5.51 7.03
N LEU A 47 -1.39 5.75 6.34
CA LEU A 47 -2.54 6.41 6.94
C LEU A 47 -2.86 5.83 8.31
N HIS A 48 -2.90 4.50 8.38
CA HIS A 48 -3.18 3.80 9.64
C HIS A 48 -2.42 4.44 10.79
N TYR A 49 -1.13 4.67 10.60
CA TYR A 49 -0.29 5.28 11.63
C TYR A 49 -0.70 6.72 11.88
N GLN A 50 -1.13 7.41 10.82
CA GLN A 50 -1.55 8.80 10.93
C GLN A 50 -3.00 8.89 11.37
N ALA A 51 -3.70 7.76 11.33
CA ALA A 51 -5.10 7.71 11.73
C ALA A 51 -5.26 7.19 13.15
N VAL A 52 -4.30 6.37 13.59
CA VAL A 52 -4.33 5.80 14.92
C VAL A 52 -3.36 6.52 15.85
N HIS A 53 -2.10 6.59 15.45
CA HIS A 53 -1.08 7.26 16.24
C HIS A 53 -0.73 8.62 15.66
N LYS A 54 -1.58 9.10 14.76
CA LYS A 54 -1.38 10.40 14.12
C LYS A 54 0.11 10.70 13.97
N SER A 55 0.84 9.77 13.36
CA SER A 55 2.27 9.94 13.16
C SER A 55 2.78 8.95 12.10
N ASP A 56 4.09 8.94 11.90
CA ASP A 56 4.72 8.06 10.92
C ASP A 56 5.07 6.71 11.56
N LEU A 57 5.73 5.86 10.79
CA LEU A 57 6.13 4.54 11.27
C LEU A 57 7.53 4.18 10.79
N PRO A 58 8.21 3.31 11.56
CA PRO A 58 9.57 2.87 11.22
C PRO A 58 9.61 1.98 9.98
N ALA A 59 10.81 1.71 9.50
CA ALA A 59 10.99 0.87 8.31
C ALA A 59 12.44 0.43 8.15
N PHE A 60 12.63 -0.82 7.77
CA PHE A 60 13.97 -1.37 7.58
C PHE A 60 14.36 -1.39 6.11
N SER A 61 14.11 -0.28 5.43
CA SER A 61 14.42 -0.17 4.01
C SER A 61 14.25 1.27 3.53
N ALA A 62 15.34 1.87 3.06
CA ALA A 62 15.31 3.24 2.56
C ALA A 62 14.42 3.36 1.33
N GLU A 63 14.34 4.56 0.77
CA GLU A 63 13.52 4.81 -0.42
C GLU A 63 14.39 4.90 -1.66
N VAL A 64 14.19 3.97 -2.58
CA VAL A 64 14.95 3.95 -3.83
C VAL A 64 14.13 3.33 -4.96
N GLU A 65 13.76 4.17 -5.93
CA GLU A 65 12.98 3.71 -7.07
C GLU A 65 13.75 3.91 -8.38
N GLU A 66 14.63 2.97 -8.69
CA GLU A 66 15.43 3.05 -9.91
C GLU A 66 14.64 2.54 -11.11
N GLU A 67 13.38 2.94 -11.18
CA GLU A 67 12.51 2.53 -12.28
C GLU A 67 11.45 3.59 -12.57
N SER A 68 10.69 3.37 -13.63
CA SER A 68 9.64 4.31 -14.03
C SER A 68 8.57 3.62 -14.87
N GLY A 69 7.39 4.23 -14.93
CA GLY A 69 6.30 3.66 -15.69
C GLY A 69 5.88 4.54 -16.85
N PRO A 70 5.50 3.91 -17.97
CA PRO A 70 5.05 4.64 -19.17
C PRO A 70 3.71 5.33 -18.98
N SER A 71 3.23 5.98 -20.03
CA SER A 71 1.95 6.69 -19.98
C SER A 71 1.16 6.48 -21.25
N SER A 72 -0.09 6.93 -21.26
CA SER A 72 -0.95 6.79 -22.41
C SER A 72 -1.32 8.15 -22.99
N GLY A 73 -1.78 8.16 -24.24
CA GLY A 73 -2.16 9.39 -24.89
C GLY A 73 -1.55 9.55 -26.27
ZN ZN B . -0.98 0.76 14.81
N GLY A 1 -32.29 -46.73 14.66
CA GLY A 1 -31.84 -45.52 14.00
C GLY A 1 -30.97 -44.66 14.89
N SER A 2 -30.16 -43.81 14.28
CA SER A 2 -29.26 -42.92 15.02
C SER A 2 -29.11 -41.59 14.30
N SER A 3 -29.09 -40.51 15.08
CA SER A 3 -28.95 -39.17 14.52
C SER A 3 -27.64 -38.53 14.97
N GLY A 4 -27.01 -37.78 14.07
CA GLY A 4 -25.74 -37.13 14.39
C GLY A 4 -25.86 -35.62 14.37
N SER A 5 -24.88 -34.96 13.77
CA SER A 5 -24.88 -33.51 13.69
C SER A 5 -23.82 -33.03 12.69
N SER A 6 -24.26 -32.24 11.70
CA SER A 6 -23.35 -31.72 10.69
C SER A 6 -23.70 -30.26 10.36
N GLY A 7 -22.90 -29.67 9.48
CA GLY A 7 -23.13 -28.28 9.10
C GLY A 7 -22.41 -27.92 7.81
N ARG A 8 -23.17 -27.40 6.85
CA ARG A 8 -22.60 -27.01 5.56
C ARG A 8 -21.85 -25.69 5.68
N LYS A 9 -20.52 -25.76 5.65
CA LYS A 9 -19.69 -24.56 5.76
C LYS A 9 -19.81 -23.70 4.51
N LYS A 10 -19.74 -24.33 3.34
CA LYS A 10 -19.85 -23.62 2.08
C LYS A 10 -20.60 -24.46 1.04
N PRO A 11 -21.69 -23.90 0.51
CA PRO A 11 -22.52 -24.58 -0.49
C PRO A 11 -21.81 -24.70 -1.83
N VAL A 12 -22.52 -25.25 -2.82
CA VAL A 12 -21.95 -25.42 -4.16
C VAL A 12 -21.06 -24.24 -4.54
N SER A 13 -20.11 -24.49 -5.43
CA SER A 13 -19.19 -23.44 -5.87
C SER A 13 -19.89 -22.09 -5.93
N GLN A 14 -20.89 -21.98 -6.79
CA GLN A 14 -21.64 -20.74 -6.95
C GLN A 14 -20.75 -19.53 -6.71
N SER A 15 -19.61 -19.50 -7.39
CA SER A 15 -18.66 -18.40 -7.26
C SER A 15 -18.12 -17.97 -8.61
N LEU A 16 -18.06 -16.67 -8.84
CA LEU A 16 -17.58 -16.14 -10.11
C LEU A 16 -16.25 -16.77 -10.49
N GLU A 17 -15.88 -16.66 -11.76
CA GLU A 17 -14.63 -17.23 -12.25
C GLU A 17 -13.45 -16.76 -11.41
N PHE A 18 -13.61 -15.61 -10.76
CA PHE A 18 -12.56 -15.05 -9.92
C PHE A 18 -12.55 -15.73 -8.54
N PRO A 19 -11.35 -16.11 -8.08
CA PRO A 19 -11.18 -16.77 -6.78
C PRO A 19 -11.42 -15.82 -5.62
N THR A 20 -10.76 -14.66 -5.65
CA THR A 20 -10.91 -13.67 -4.60
C THR A 20 -10.73 -12.26 -5.14
N ARG A 21 -11.04 -11.26 -4.31
CA ARG A 21 -10.91 -9.86 -4.72
C ARG A 21 -10.07 -9.09 -3.70
N TYR A 22 -9.97 -9.61 -2.49
CA TYR A 22 -9.20 -8.97 -1.44
C TYR A 22 -8.10 -9.89 -0.91
N SER A 23 -6.86 -9.56 -1.22
CA SER A 23 -5.72 -10.37 -0.78
C SER A 23 -5.76 -10.58 0.73
N PRO A 24 -6.08 -11.81 1.15
CA PRO A 24 -6.15 -12.17 2.56
C PRO A 24 -4.78 -12.20 3.22
N TYR A 25 -3.75 -11.88 2.45
CA TYR A 25 -2.38 -11.86 2.97
C TYR A 25 -1.86 -10.44 3.12
N ARG A 26 -0.96 -10.23 4.06
CA ARG A 26 -0.39 -8.92 4.30
C ARG A 26 0.98 -9.03 4.99
N PRO A 27 2.05 -8.80 4.22
CA PRO A 27 3.41 -8.86 4.72
C PRO A 27 3.74 -7.73 5.69
N TYR A 28 2.91 -6.69 5.68
CA TYR A 28 3.11 -5.54 6.54
C TYR A 28 2.28 -5.67 7.83
N ARG A 29 2.95 -5.61 8.97
CA ARG A 29 2.27 -5.72 10.25
C ARG A 29 2.76 -4.64 11.22
N CYS A 30 1.86 -3.75 11.60
CA CYS A 30 2.19 -2.67 12.53
C CYS A 30 3.18 -3.14 13.59
N VAL A 31 4.06 -2.25 14.01
CA VAL A 31 5.06 -2.58 15.02
C VAL A 31 4.54 -2.26 16.42
N HIS A 32 3.74 -1.20 16.52
CA HIS A 32 3.18 -0.78 17.81
C HIS A 32 2.83 -1.99 18.66
N GLN A 33 3.25 -1.97 19.92
CA GLN A 33 2.98 -3.06 20.85
C GLN A 33 1.57 -2.95 21.42
N GLY A 34 0.63 -3.63 20.78
CA GLY A 34 -0.75 -3.60 21.24
C GLY A 34 -1.68 -2.89 20.26
N CYS A 35 -1.49 -3.17 18.97
CA CYS A 35 -2.31 -2.58 17.94
C CYS A 35 -3.13 -3.63 17.19
N PHE A 36 -2.43 -4.65 16.69
CA PHE A 36 -3.08 -5.73 15.96
C PHE A 36 -3.67 -5.21 14.65
N ALA A 37 -2.91 -4.40 13.94
CA ALA A 37 -3.35 -3.83 12.67
C ALA A 37 -2.34 -4.13 11.57
N ALA A 38 -2.66 -5.09 10.71
CA ALA A 38 -1.78 -5.46 9.61
C ALA A 38 -2.42 -5.11 8.26
N PHE A 39 -1.68 -4.38 7.43
CA PHE A 39 -2.17 -3.99 6.12
C PHE A 39 -1.41 -4.71 5.02
N THR A 40 -2.03 -4.82 3.84
CA THR A 40 -1.41 -5.49 2.70
C THR A 40 -0.54 -4.52 1.92
N ILE A 41 -1.10 -3.35 1.60
CA ILE A 41 -0.36 -2.35 0.84
C ILE A 41 0.45 -1.45 1.76
N GLN A 42 1.56 -0.94 1.25
CA GLN A 42 2.43 -0.06 2.02
C GLN A 42 1.80 1.32 2.19
N GLN A 43 1.18 1.82 1.13
CA GLN A 43 0.54 3.13 1.17
C GLN A 43 -0.59 3.16 2.19
N ASN A 44 -1.55 2.27 2.02
CA ASN A 44 -2.70 2.19 2.94
C ASN A 44 -2.23 1.88 4.36
N LEU A 45 -0.95 1.54 4.49
CA LEU A 45 -0.38 1.21 5.79
C LEU A 45 0.17 2.46 6.48
N ILE A 46 0.45 3.48 5.68
CA ILE A 46 0.99 4.73 6.21
C ILE A 46 -0.07 5.49 6.99
N LEU A 47 -1.17 5.85 6.32
CA LEU A 47 -2.25 6.58 6.95
C LEU A 47 -2.66 5.91 8.26
N HIS A 48 -2.68 4.59 8.26
CA HIS A 48 -3.05 3.83 9.45
C HIS A 48 -2.44 4.45 10.71
N TYR A 49 -1.16 4.79 10.63
CA TYR A 49 -0.45 5.39 11.76
C TYR A 49 -0.96 6.80 12.03
N GLN A 50 -1.32 7.51 10.96
CA GLN A 50 -1.83 8.88 11.08
C GLN A 50 -3.29 8.88 11.51
N ALA A 51 -3.93 7.72 11.40
CA ALA A 51 -5.33 7.59 11.76
C ALA A 51 -5.48 6.99 13.16
N VAL A 52 -4.53 6.14 13.53
CA VAL A 52 -4.56 5.49 14.84
C VAL A 52 -3.63 6.21 15.82
N HIS A 53 -2.37 6.36 15.44
CA HIS A 53 -1.38 7.02 16.28
C HIS A 53 -1.21 8.48 15.87
N LYS A 54 -2.18 9.00 15.11
CA LYS A 54 -2.13 10.37 14.65
C LYS A 54 -0.69 10.81 14.38
N SER A 55 0.09 9.91 13.80
CA SER A 55 1.48 10.21 13.49
C SER A 55 2.00 9.31 12.38
N ASP A 56 3.16 9.65 11.83
CA ASP A 56 3.76 8.86 10.75
C ASP A 56 4.63 7.74 11.32
N LEU A 57 5.08 6.86 10.44
CA LEU A 57 5.92 5.73 10.86
C LEU A 57 7.10 6.22 11.70
N PRO A 58 7.60 5.33 12.58
CA PRO A 58 8.73 5.65 13.47
C PRO A 58 10.04 5.78 12.71
N ALA A 59 10.25 4.89 11.74
CA ALA A 59 11.47 4.92 10.94
C ALA A 59 11.19 4.46 9.51
N PHE A 60 12.20 4.55 8.65
CA PHE A 60 12.07 4.15 7.26
C PHE A 60 10.85 4.81 6.62
N SER A 61 10.66 6.10 6.90
CA SER A 61 9.54 6.85 6.36
C SER A 61 10.03 7.97 5.44
N ALA A 62 10.25 7.64 4.17
CA ALA A 62 10.71 8.61 3.20
C ALA A 62 9.81 9.85 3.19
N GLU A 63 10.12 10.79 2.30
CA GLU A 63 9.34 12.02 2.20
C GLU A 63 8.55 12.06 0.89
N VAL A 64 7.23 12.14 1.02
CA VAL A 64 6.36 12.19 -0.16
C VAL A 64 5.03 12.86 0.18
N GLU A 65 4.83 14.05 -0.37
CA GLU A 65 3.60 14.80 -0.14
C GLU A 65 2.72 14.82 -1.39
N GLU A 66 2.64 13.67 -2.07
CA GLU A 66 1.84 13.55 -3.27
C GLU A 66 0.67 12.61 -3.06
N GLU A 67 -0.06 12.82 -1.96
CA GLU A 67 -1.21 11.99 -1.64
C GLU A 67 -1.97 12.56 -0.44
N SER A 68 -3.28 12.70 -0.59
CA SER A 68 -4.12 13.23 0.47
C SER A 68 -5.52 12.60 0.43
N GLY A 69 -5.86 11.88 1.49
CA GLY A 69 -7.17 11.23 1.56
C GLY A 69 -7.13 9.81 1.07
N PRO A 70 -7.51 8.87 1.95
CA PRO A 70 -7.54 7.44 1.62
C PRO A 70 -8.63 7.08 0.61
N SER A 71 -8.22 6.58 -0.54
CA SER A 71 -9.16 6.20 -1.59
C SER A 71 -9.82 4.86 -1.27
N SER A 72 -9.03 3.91 -0.80
CA SER A 72 -9.53 2.59 -0.46
C SER A 72 -8.71 1.95 0.65
N GLY A 73 -9.21 0.86 1.21
CA GLY A 73 -8.50 0.17 2.27
C GLY A 73 -7.85 -1.12 1.81
ZN ZN B . -0.80 0.58 14.61
N GLY A 1 -58.14 -5.05 -12.71
CA GLY A 1 -56.79 -4.85 -13.21
C GLY A 1 -55.91 -6.05 -12.99
N SER A 2 -54.70 -6.02 -13.55
CA SER A 2 -53.75 -7.12 -13.42
C SER A 2 -52.33 -6.60 -13.36
N SER A 3 -51.56 -7.09 -12.38
CA SER A 3 -50.18 -6.67 -12.21
C SER A 3 -49.22 -7.78 -12.64
N GLY A 4 -49.39 -8.96 -12.04
CA GLY A 4 -48.54 -10.08 -12.36
C GLY A 4 -47.25 -10.09 -11.57
N SER A 5 -46.44 -11.14 -11.75
CA SER A 5 -45.17 -11.25 -11.05
C SER A 5 -44.38 -12.46 -11.53
N SER A 6 -43.06 -12.35 -11.51
CA SER A 6 -42.20 -13.43 -11.96
C SER A 6 -40.74 -13.14 -11.60
N GLY A 7 -39.87 -14.11 -11.85
CA GLY A 7 -38.46 -13.95 -11.54
C GLY A 7 -37.58 -14.91 -12.33
N ARG A 8 -36.29 -14.88 -12.04
CA ARG A 8 -35.33 -15.75 -12.72
C ARG A 8 -33.98 -15.72 -12.03
N LYS A 9 -33.48 -16.90 -11.66
CA LYS A 9 -32.19 -17.00 -10.99
C LYS A 9 -31.08 -17.33 -11.99
N LYS A 10 -30.11 -16.44 -12.11
CA LYS A 10 -29.00 -16.64 -13.03
C LYS A 10 -27.67 -16.63 -12.28
N PRO A 11 -26.81 -17.62 -12.57
CA PRO A 11 -25.50 -17.75 -11.93
C PRO A 11 -24.53 -16.66 -12.39
N VAL A 12 -23.31 -16.70 -11.86
CA VAL A 12 -22.29 -15.72 -12.22
C VAL A 12 -21.18 -16.35 -13.03
N SER A 13 -20.72 -15.65 -14.06
CA SER A 13 -19.65 -16.14 -14.92
C SER A 13 -18.37 -16.34 -14.13
N GLN A 14 -17.75 -17.50 -14.30
CA GLN A 14 -16.50 -17.82 -13.61
C GLN A 14 -15.30 -17.21 -14.33
N SER A 15 -15.38 -15.91 -14.59
CA SER A 15 -14.29 -15.21 -15.27
C SER A 15 -13.50 -14.34 -14.30
N LEU A 16 -12.27 -14.77 -14.01
CA LEU A 16 -11.41 -14.03 -13.09
C LEU A 16 -9.95 -14.46 -13.26
N GLU A 17 -9.05 -13.68 -12.68
CA GLU A 17 -7.62 -13.99 -12.76
C GLU A 17 -7.17 -14.81 -11.55
N PHE A 18 -7.72 -14.49 -10.39
CA PHE A 18 -7.37 -15.19 -9.16
C PHE A 18 -8.42 -14.95 -8.08
N PRO A 19 -8.90 -16.04 -7.46
CA PRO A 19 -9.91 -15.97 -6.41
C PRO A 19 -9.37 -15.36 -5.13
N THR A 20 -9.58 -14.06 -4.96
CA THR A 20 -9.11 -13.35 -3.77
C THR A 20 -10.28 -12.81 -2.96
N ARG A 21 -11.09 -11.96 -3.58
CA ARG A 21 -12.25 -11.38 -2.92
C ARG A 21 -11.90 -10.95 -1.49
N TYR A 22 -10.62 -10.69 -1.26
CA TYR A 22 -10.15 -10.29 0.06
C TYR A 22 -8.65 -9.98 0.04
N SER A 23 -8.13 -9.53 1.18
CA SER A 23 -6.71 -9.21 1.29
C SER A 23 -5.93 -10.38 1.86
N PRO A 24 -5.02 -10.94 1.06
CA PRO A 24 -4.18 -12.07 1.46
C PRO A 24 -3.16 -11.69 2.53
N TYR A 25 -2.16 -12.54 2.72
CA TYR A 25 -1.11 -12.29 3.71
C TYR A 25 -0.66 -10.84 3.66
N ARG A 26 -0.50 -10.24 4.84
CA ARG A 26 -0.07 -8.86 4.94
C ARG A 26 1.40 -8.76 5.32
N PRO A 27 2.24 -8.29 4.36
CA PRO A 27 3.68 -8.15 4.58
C PRO A 27 4.01 -7.04 5.55
N TYR A 28 3.00 -6.27 5.94
CA TYR A 28 3.19 -5.16 6.88
C TYR A 28 2.38 -5.39 8.15
N ARG A 29 3.06 -5.37 9.29
CA ARG A 29 2.41 -5.56 10.58
C ARG A 29 2.88 -4.52 11.59
N CYS A 30 1.95 -3.68 12.03
CA CYS A 30 2.27 -2.64 13.01
C CYS A 30 3.25 -3.16 14.05
N VAL A 31 4.39 -2.48 14.19
CA VAL A 31 5.41 -2.86 15.16
C VAL A 31 4.88 -2.79 16.58
N HIS A 32 4.13 -1.72 16.87
CA HIS A 32 3.56 -1.53 18.20
C HIS A 32 2.96 -2.83 18.72
N GLN A 33 3.42 -3.25 19.90
CA GLN A 33 2.93 -4.48 20.51
C GLN A 33 1.42 -4.43 20.71
N GLY A 34 0.92 -3.30 21.22
CA GLY A 34 -0.50 -3.15 21.44
C GLY A 34 -1.23 -2.67 20.20
N CYS A 35 -1.17 -3.47 19.13
CA CYS A 35 -1.83 -3.11 17.89
C CYS A 35 -1.89 -4.31 16.95
N PHE A 36 -3.10 -4.76 16.65
CA PHE A 36 -3.30 -5.90 15.76
C PHE A 36 -3.78 -5.45 14.38
N ALA A 37 -3.10 -4.45 13.83
CA ALA A 37 -3.46 -3.92 12.51
C ALA A 37 -2.43 -4.32 11.46
N ALA A 38 -2.91 -4.66 10.27
CA ALA A 38 -2.03 -5.06 9.18
C ALA A 38 -2.66 -4.77 7.83
N PHE A 39 -1.88 -4.17 6.93
CA PHE A 39 -2.37 -3.84 5.60
C PHE A 39 -1.51 -4.51 4.52
N THR A 40 -2.13 -4.78 3.38
CA THR A 40 -1.43 -5.41 2.27
C THR A 40 -0.53 -4.41 1.53
N ILE A 41 -1.10 -3.25 1.21
CA ILE A 41 -0.35 -2.21 0.52
C ILE A 41 0.45 -1.35 1.49
N GLN A 42 1.61 -0.89 1.05
CA GLN A 42 2.47 -0.06 1.89
C GLN A 42 1.80 1.28 2.19
N GLN A 43 1.14 1.84 1.18
CA GLN A 43 0.46 3.12 1.33
C GLN A 43 -0.67 3.02 2.36
N ASN A 44 -1.59 2.09 2.13
CA ASN A 44 -2.72 1.90 3.04
C ASN A 44 -2.23 1.68 4.46
N LEU A 45 -0.95 1.36 4.61
CA LEU A 45 -0.35 1.12 5.92
C LEU A 45 0.11 2.43 6.56
N ILE A 46 0.37 3.42 5.72
CA ILE A 46 0.82 4.73 6.20
C ILE A 46 -0.27 5.43 6.98
N LEU A 47 -1.39 5.71 6.32
CA LEU A 47 -2.52 6.38 6.95
C LEU A 47 -2.83 5.75 8.31
N HIS A 48 -2.70 4.43 8.38
CA HIS A 48 -2.96 3.71 9.63
C HIS A 48 -2.24 4.36 10.80
N TYR A 49 -0.95 4.65 10.62
CA TYR A 49 -0.15 5.27 11.65
C TYR A 49 -0.60 6.71 11.91
N GLN A 50 -1.19 7.32 10.89
CA GLN A 50 -1.67 8.70 11.00
C GLN A 50 -3.13 8.73 11.42
N ALA A 51 -3.79 7.59 11.34
CA ALA A 51 -5.20 7.49 11.72
C ALA A 51 -5.35 6.87 13.10
N VAL A 52 -4.40 6.03 13.48
CA VAL A 52 -4.43 5.37 14.78
C VAL A 52 -3.55 6.12 15.79
N HIS A 53 -2.28 6.29 15.44
CA HIS A 53 -1.35 6.99 16.31
C HIS A 53 -1.05 8.39 15.80
N LYS A 54 -1.84 8.84 14.82
CA LYS A 54 -1.66 10.16 14.23
C LYS A 54 -0.19 10.55 14.23
N SER A 55 0.65 9.69 13.69
CA SER A 55 2.09 9.95 13.62
C SER A 55 2.72 9.22 12.44
N ASP A 56 4.04 9.33 12.32
CA ASP A 56 4.76 8.68 11.24
C ASP A 56 5.24 7.29 11.66
N LEU A 57 5.75 6.53 10.69
CA LEU A 57 6.24 5.19 10.95
C LEU A 57 7.72 5.06 10.61
N PRO A 58 8.40 4.09 11.24
CA PRO A 58 9.82 3.85 11.01
C PRO A 58 10.10 3.27 9.63
N ALA A 59 11.36 3.29 9.22
CA ALA A 59 11.76 2.77 7.93
C ALA A 59 13.27 2.80 7.76
N PHE A 60 13.76 2.11 6.73
CA PHE A 60 15.20 2.06 6.47
C PHE A 60 15.48 2.29 4.98
N SER A 61 16.63 2.90 4.69
CA SER A 61 17.01 3.18 3.32
C SER A 61 15.80 3.55 2.48
N ALA A 62 15.00 4.48 2.98
CA ALA A 62 13.80 4.92 2.27
C ALA A 62 13.94 6.37 1.81
N GLU A 63 15.11 6.95 2.05
CA GLU A 63 15.36 8.34 1.67
C GLU A 63 15.80 8.42 0.21
N VAL A 64 15.15 7.62 -0.64
CA VAL A 64 15.47 7.60 -2.06
C VAL A 64 14.39 8.30 -2.88
N GLU A 65 13.86 9.38 -2.34
CA GLU A 65 12.81 10.14 -3.02
C GLU A 65 13.04 10.16 -4.52
N GLU A 66 12.33 9.31 -5.24
CA GLU A 66 12.45 9.23 -6.69
C GLU A 66 11.09 9.11 -7.35
N GLU A 67 11.04 9.36 -8.66
CA GLU A 67 9.80 9.29 -9.42
C GLU A 67 9.67 7.95 -10.13
N SER A 68 8.49 7.35 -10.02
CA SER A 68 8.24 6.06 -10.66
C SER A 68 9.11 4.97 -10.04
N GLY A 69 9.17 4.95 -8.71
CA GLY A 69 9.96 3.96 -8.01
C GLY A 69 9.35 2.57 -8.07
N PRO A 70 9.18 1.94 -6.91
CA PRO A 70 8.60 0.60 -6.81
C PRO A 70 7.11 0.58 -7.15
N SER A 71 6.45 -0.51 -6.81
CA SER A 71 5.02 -0.66 -7.07
C SER A 71 4.74 -0.54 -8.57
N SER A 72 5.52 -1.24 -9.38
CA SER A 72 5.36 -1.21 -10.82
C SER A 72 4.20 -2.09 -11.26
N GLY A 73 4.11 -3.28 -10.68
CA GLY A 73 3.04 -4.20 -11.01
C GLY A 73 3.55 -5.47 -11.65
ZN ZN B . -0.82 0.49 14.84
N GLY A 1 6.39 -16.97 31.01
CA GLY A 1 6.23 -16.02 29.91
C GLY A 1 7.42 -16.03 28.97
N SER A 2 7.38 -15.17 27.96
CA SER A 2 8.45 -15.09 26.97
C SER A 2 8.44 -13.73 26.27
N SER A 3 9.58 -13.06 26.28
CA SER A 3 9.70 -11.75 25.65
C SER A 3 9.91 -11.89 24.15
N GLY A 4 10.98 -12.60 23.76
CA GLY A 4 11.26 -12.80 22.35
C GLY A 4 11.72 -11.52 21.67
N SER A 5 11.01 -11.14 20.61
CA SER A 5 11.34 -9.93 19.86
C SER A 5 12.73 -10.04 19.25
N SER A 6 13.00 -11.18 18.62
CA SER A 6 14.30 -11.42 17.99
C SER A 6 14.13 -12.21 16.69
N GLY A 7 14.42 -11.56 15.57
CA GLY A 7 14.30 -12.22 14.28
C GLY A 7 13.82 -11.29 13.19
N ARG A 8 14.44 -11.36 12.03
CA ARG A 8 14.06 -10.51 10.91
C ARG A 8 14.61 -11.07 9.59
N LYS A 9 13.73 -11.21 8.61
CA LYS A 9 14.12 -11.73 7.30
C LYS A 9 13.49 -10.92 6.17
N LYS A 10 14.00 -11.10 4.96
CA LYS A 10 13.49 -10.39 3.80
C LYS A 10 14.14 -10.88 2.51
N PRO A 11 13.32 -11.05 1.46
CA PRO A 11 13.79 -11.53 0.16
C PRO A 11 14.66 -10.50 -0.55
N VAL A 12 15.01 -10.79 -1.80
CA VAL A 12 15.84 -9.89 -2.58
C VAL A 12 15.07 -8.63 -2.98
N SER A 13 13.83 -8.82 -3.41
CA SER A 13 12.98 -7.69 -3.82
C SER A 13 11.56 -8.16 -4.11
N GLN A 14 10.69 -7.21 -4.45
CA GLN A 14 9.30 -7.54 -4.75
C GLN A 14 8.56 -6.30 -5.24
N SER A 15 8.08 -6.35 -6.49
CA SER A 15 7.36 -5.22 -7.07
C SER A 15 6.07 -5.71 -7.75
N LEU A 16 5.13 -6.18 -6.94
CA LEU A 16 3.85 -6.66 -7.45
C LEU A 16 2.73 -6.46 -6.44
N GLU A 17 1.63 -5.87 -6.90
CA GLU A 17 0.49 -5.61 -6.03
C GLU A 17 -0.30 -6.90 -5.77
N PHE A 18 -0.45 -7.70 -6.81
CA PHE A 18 -1.18 -8.96 -6.70
C PHE A 18 -0.61 -10.01 -7.64
N PRO A 19 -0.51 -11.26 -7.16
CA PRO A 19 0.02 -12.38 -7.94
C PRO A 19 -0.90 -12.79 -9.08
N THR A 20 -1.81 -13.72 -8.80
CA THR A 20 -2.75 -14.19 -9.80
C THR A 20 -4.08 -13.47 -9.69
N ARG A 21 -4.56 -13.29 -8.46
CA ARG A 21 -5.82 -12.61 -8.22
C ARG A 21 -5.67 -11.54 -7.14
N TYR A 22 -5.28 -11.98 -5.94
CA TYR A 22 -5.10 -11.06 -4.82
C TYR A 22 -4.19 -11.67 -3.76
N SER A 23 -3.72 -10.83 -2.84
CA SER A 23 -2.83 -11.29 -1.78
C SER A 23 -3.54 -11.25 -0.43
N PRO A 24 -4.06 -12.42 0.01
CA PRO A 24 -4.76 -12.54 1.28
C PRO A 24 -3.83 -12.40 2.48
N TYR A 25 -2.56 -12.13 2.20
CA TYR A 25 -1.56 -11.97 3.26
C TYR A 25 -1.19 -10.50 3.44
N ARG A 26 -0.69 -10.17 4.63
CA ARG A 26 -0.30 -8.80 4.93
C ARG A 26 1.16 -8.73 5.36
N PRO A 27 2.05 -8.44 4.39
CA PRO A 27 3.49 -8.34 4.65
C PRO A 27 3.85 -7.12 5.49
N TYR A 28 2.84 -6.38 5.91
CA TYR A 28 3.04 -5.19 6.72
C TYR A 28 2.20 -5.23 7.99
N ARG A 29 2.86 -5.12 9.14
CA ARG A 29 2.16 -5.15 10.42
C ARG A 29 2.67 -4.04 11.34
N CYS A 30 1.82 -3.58 12.25
CA CYS A 30 2.18 -2.53 13.18
C CYS A 30 3.12 -3.06 14.26
N VAL A 31 4.30 -2.45 14.36
CA VAL A 31 5.29 -2.86 15.35
C VAL A 31 4.75 -2.68 16.77
N HIS A 32 4.04 -1.57 16.99
CA HIS A 32 3.48 -1.29 18.30
C HIS A 32 2.76 -2.52 18.87
N GLN A 33 3.48 -3.28 19.68
CA GLN A 33 2.91 -4.48 20.29
C GLN A 33 1.55 -4.19 20.92
N GLY A 34 0.48 -4.64 20.26
CA GLY A 34 -0.85 -4.42 20.77
C GLY A 34 -1.81 -3.97 19.68
N CYS A 35 -1.38 -3.02 18.87
CA CYS A 35 -2.22 -2.51 17.79
C CYS A 35 -2.86 -3.65 17.00
N PHE A 36 -2.04 -4.65 16.65
CA PHE A 36 -2.53 -5.79 15.89
C PHE A 36 -3.09 -5.35 14.54
N ALA A 37 -2.42 -4.40 13.91
CA ALA A 37 -2.84 -3.90 12.61
C ALA A 37 -2.03 -4.52 11.49
N ALA A 38 -2.52 -4.38 10.26
CA ALA A 38 -1.84 -4.94 9.10
C ALA A 38 -2.51 -4.49 7.80
N PHE A 39 -1.72 -4.44 6.73
CA PHE A 39 -2.24 -4.03 5.43
C PHE A 39 -1.43 -4.66 4.30
N THR A 40 -2.08 -4.82 3.14
CA THR A 40 -1.43 -5.41 1.98
C THR A 40 -0.49 -4.42 1.31
N ILE A 41 -1.01 -3.23 1.00
CA ILE A 41 -0.22 -2.19 0.36
C ILE A 41 0.62 -1.43 1.38
N GLN A 42 1.79 -0.97 0.95
CA GLN A 42 2.68 -0.22 1.83
C GLN A 42 2.11 1.16 2.13
N GLN A 43 1.22 1.63 1.26
CA GLN A 43 0.60 2.94 1.43
C GLN A 43 -0.56 2.88 2.42
N ASN A 44 -1.46 1.92 2.19
CA ASN A 44 -2.62 1.75 3.05
C ASN A 44 -2.19 1.53 4.50
N LEU A 45 -0.90 1.24 4.70
CA LEU A 45 -0.37 1.01 6.03
C LEU A 45 0.09 2.32 6.66
N ILE A 46 0.33 3.33 5.83
CA ILE A 46 0.78 4.64 6.31
C ILE A 46 -0.34 5.35 7.06
N LEU A 47 -1.43 5.63 6.36
CA LEU A 47 -2.57 6.32 6.97
C LEU A 47 -2.86 5.76 8.36
N HIS A 48 -2.87 4.43 8.47
CA HIS A 48 -3.13 3.78 9.75
C HIS A 48 -2.34 4.44 10.88
N TYR A 49 -1.04 4.62 10.64
CA TYR A 49 -0.17 5.24 11.64
C TYR A 49 -0.57 6.69 11.87
N GLN A 50 -1.20 7.31 10.88
CA GLN A 50 -1.63 8.69 10.98
C GLN A 50 -3.07 8.78 11.47
N ALA A 51 -3.78 7.66 11.40
CA ALA A 51 -5.17 7.61 11.84
C ALA A 51 -5.29 7.03 13.23
N VAL A 52 -4.28 6.26 13.65
CA VAL A 52 -4.27 5.64 14.96
C VAL A 52 -3.38 6.42 15.93
N HIS A 53 -2.12 6.59 15.55
CA HIS A 53 -1.15 7.31 16.38
C HIS A 53 -0.79 8.64 15.74
N LYS A 54 -1.62 9.10 14.81
CA LYS A 54 -1.39 10.38 14.13
C LYS A 54 0.10 10.66 14.01
N SER A 55 0.84 9.72 13.43
CA SER A 55 2.29 9.87 13.27
C SER A 55 2.77 9.11 12.04
N ASP A 56 4.03 9.31 11.68
CA ASP A 56 4.62 8.65 10.52
C ASP A 56 5.39 7.40 10.95
N LEU A 57 5.73 6.57 9.98
CA LEU A 57 6.46 5.33 10.25
C LEU A 57 7.87 5.63 10.74
N PRO A 58 8.47 4.67 11.45
CA PRO A 58 9.83 4.82 12.00
C PRO A 58 10.89 4.79 10.91
N ALA A 59 10.83 3.78 10.05
CA ALA A 59 11.79 3.66 8.95
C ALA A 59 12.05 5.00 8.30
N PHE A 60 13.25 5.55 8.53
CA PHE A 60 13.62 6.83 7.96
C PHE A 60 13.61 6.78 6.44
N SER A 61 13.33 7.92 5.81
CA SER A 61 13.28 8.01 4.36
C SER A 61 12.06 7.26 3.82
N ALA A 62 10.95 7.37 4.52
CA ALA A 62 9.71 6.70 4.11
C ALA A 62 8.97 7.52 3.06
N GLU A 63 8.30 8.58 3.50
CA GLU A 63 7.56 9.44 2.60
C GLU A 63 8.27 9.57 1.26
N VAL A 64 7.87 8.73 0.31
CA VAL A 64 8.48 8.76 -1.02
C VAL A 64 7.49 8.28 -2.09
N GLU A 65 7.45 8.98 -3.21
CA GLU A 65 6.55 8.62 -4.30
C GLU A 65 7.28 8.64 -5.64
N GLU A 66 8.41 7.95 -5.69
CA GLU A 66 9.21 7.89 -6.92
C GLU A 66 9.05 6.53 -7.60
N GLU A 67 9.06 6.53 -8.93
CA GLU A 67 8.92 5.31 -9.70
C GLU A 67 9.66 5.40 -11.03
N SER A 68 10.00 4.25 -11.60
CA SER A 68 10.73 4.22 -12.87
C SER A 68 9.97 3.37 -13.89
N GLY A 69 9.72 2.11 -13.54
CA GLY A 69 9.01 1.22 -14.45
C GLY A 69 9.72 1.05 -15.78
N PRO A 70 10.02 -0.21 -16.12
CA PRO A 70 10.70 -0.54 -17.38
C PRO A 70 9.82 -0.29 -18.60
N SER A 71 10.40 0.37 -19.60
CA SER A 71 9.68 0.68 -20.83
C SER A 71 10.33 0.02 -22.04
N SER A 72 11.57 0.44 -22.32
CA SER A 72 12.31 -0.11 -23.45
C SER A 72 12.94 -1.45 -23.10
N GLY A 73 13.56 -2.09 -24.08
CA GLY A 73 14.19 -3.38 -23.85
C GLY A 73 15.69 -3.34 -24.06
ZN ZN B . -0.63 0.88 14.92
#